data_6N8E
#
_entry.id   6N8E
#
_cell.length_a   81.325
_cell.length_b   154.345
_cell.length_c   183.905
_cell.angle_alpha   90.000
_cell.angle_beta   90.000
_cell.angle_gamma   90.000
#
_symmetry.space_group_name_H-M   'P 21 21 21'
#
loop_
_entity.id
_entity.type
_entity.pdbx_description
1 polymer holo-ObiF1
2 non-polymer "4'-PHOSPHOPANTETHEINE"
3 non-polymer 'dimethyl hydrogen phosphate'
4 non-polymer 4-(4-nitrophenyl)-L-threonine
5 non-polymer 'CHLORIDE ION'
6 non-polymer 'PHOSPHATE ION'
7 water water
#
_entity_poly.entity_id   1
_entity_poly.type   'polypeptide(L)'
_entity_poly.pdbx_seq_one_letter_code
;MGSSHHHHHHSSGLVPRGSHMQALNPADVLPLTAAQNAIWIGHQLDPASAAYNVAAHVGVDAALDADLLRRAFDITANET
DCLRMRFVETGSDGEGAVRQTFVARAETAFVMRDFRAEPDSTGAAHAWMAADVRRRIDLSSGCLVHAALLRTGTRDYVYL
RSHHIALDGFGLAMVLRRVAHVYGALVAGREPAAAAFGAFAEVIDADRAYHASAACEADRAYWRAYCAGLDDVPTLCAGT
SLPSEIAVCHTAPVPAALVERLHDFANECGTHWINVVVAAFGAFVGRATSRRDITIGVPMMNRLGGVAASVPCTTANVLP
LSLDVRPGARAEALVEAVDTGLAGMRRHQRYRAEDIRRDCHLIGEGRRLTGPQINVDVYTDPIAFGDASGIARVVSAGPA
DDVSLMIQRGDMADALTIVGMANPALYRPHELARWIERFVAFTTAFVADPSCPVGRLDAYLPGDGVEVHLPEPAKRSLGA
TLVEVFERRVAERPHASAVTLDHTTWDYAELDARANRLARHFAASTPARGNLRVALLLPRTLDAIVAILATLKFGAAYVP
IDPDAPAERIRAIIDDCDAALVVTTVDLASRIDASGRRLVVLDAPDTRAAVAAASAAPPSRDGEGPRADDLAYIIFTSGS
TGKPKGVKITHRNVVRLFEATDAWFHYRDDDVWTMCHAYVFDASVWEMWGALLHGGRLVVVPPETTRAPDALLELVVREG
VTVFGQIPSAFYRFMEAQADHPALRQALRLRYQCFGGEALDPSRLKPWFDWHRDSGTRLLNMYGITETTINATYRFIDER
DVDTGRGSLIGEVYADLGIVVLDDALRPVPAGAYGEMYVTGAGLAQGYLNRPDLDAVRFVANPYGPAGTRMYRSGDVARL
HPDGVLEYVGRADQQVKVRGYRIELGEVEARLREYAPVSDAVVSVRRDAVGDVQLVAHVVARRGECLDVEALRAHLRERV
PAYMVPAAFGTLDALPMTRNGKVDRKALPDISTATERVVEPPRDALDERIVELWREQCGDVAIGIDDNFFDVGGDSIKAI
RVARALDMPVMALFDAPTVRACADYLRDALADGAGDAADRTLHHFKRPAQARVHMVCVPFAGGSALSYRELARALPDGFA
CSALQLPGHDPAAPDEAFVDLDTTIDRAVDRLLAEAAAPIVVYGHCAGNALAVALVRRLAGAGANVIGLAIGGMLLDEDA
DAVLDEVGARSGENIVDFLRQIGGFKDVLDAGTLAAIARMTKHDAMQAATFFAAETRAPARLDVPLHVVIGGQDPLTPDY
ARRYLDWRRYSDAVELDVIPDGGHYFVTEHADTLAGLLAARWLPASRAPERERQALRAFLNPFDDEDEVHYLLANDLGAH
SLWPAFVPLPGGWRVVAGPASRDACLGALPNPPIGVSAAVAARETAEHCV
;
_entity_poly.pdbx_strand_id   A
#
loop_
_chem_comp.id
_chem_comp.type
_chem_comp.name
_chem_comp.formula
CL non-polymer 'CHLORIDE ION' 'Cl -1'
KFG non-polymer 'dimethyl hydrogen phosphate' 'C2 H7 O4 P'
KFJ non-polymer 4-(4-nitrophenyl)-L-threonine 'C10 H12 N2 O5'
PNS non-polymer 4'-PHOSPHOPANTETHEINE 'C11 H23 N2 O7 P S'
PO4 non-polymer 'PHOSPHATE ION' 'O4 P -3'
#
# COMPACT_ATOMS: atom_id res chain seq x y z
N LEU A 24 26.14 -51.83 -4.77
CA LEU A 24 25.60 -52.19 -3.47
C LEU A 24 24.54 -51.20 -3.00
N ASN A 25 23.87 -50.54 -3.95
CA ASN A 25 22.81 -49.60 -3.59
C ASN A 25 21.50 -50.34 -3.36
N PRO A 26 20.76 -50.03 -2.29
CA PRO A 26 19.57 -50.83 -1.98
C PRO A 26 18.35 -50.31 -2.71
N ALA A 27 17.27 -51.10 -2.62
CA ALA A 27 15.97 -50.72 -3.17
C ALA A 27 14.97 -50.20 -2.15
N ASP A 28 15.14 -50.46 -0.86
CA ASP A 28 14.02 -50.36 0.08
C ASP A 28 13.96 -49.09 0.92
N VAL A 29 15.05 -48.34 1.06
CA VAL A 29 14.99 -47.05 1.75
C VAL A 29 15.82 -46.08 0.95
N LEU A 30 15.17 -45.04 0.45
CA LEU A 30 15.76 -44.21 -0.57
C LEU A 30 15.81 -42.75 -0.11
N PRO A 31 16.80 -41.99 -0.56
CA PRO A 31 16.81 -40.56 -0.25
C PRO A 31 15.77 -39.83 -1.07
N LEU A 32 15.46 -38.62 -0.63
CA LEU A 32 14.51 -37.80 -1.34
C LEU A 32 15.21 -37.08 -2.49
N THR A 33 14.44 -36.75 -3.50
CA THR A 33 14.93 -35.89 -4.55
C THR A 33 15.05 -34.47 -4.03
N ALA A 34 15.57 -33.58 -4.88
CA ALA A 34 15.70 -32.19 -4.46
C ALA A 34 14.34 -31.52 -4.44
N ALA A 35 13.42 -31.99 -5.27
CA ALA A 35 12.06 -31.48 -5.24
C ALA A 35 11.33 -31.95 -4.01
N GLN A 36 11.44 -33.24 -3.69
CA GLN A 36 10.85 -33.76 -2.46
C GLN A 36 11.38 -33.05 -1.23
N ASN A 37 12.69 -32.87 -1.13
CA ASN A 37 13.27 -32.32 0.08
C ASN A 37 12.72 -30.93 0.39
N ALA A 38 12.28 -30.21 -0.65
CA ALA A 38 11.75 -28.86 -0.47
C ALA A 38 10.28 -28.89 -0.03
N ILE A 39 9.47 -29.77 -0.62
CA ILE A 39 8.10 -29.93 -0.12
C ILE A 39 8.12 -30.41 1.32
N TRP A 40 9.03 -31.31 1.65
CA TRP A 40 9.09 -31.83 3.02
C TRP A 40 9.29 -30.69 4.00
N ILE A 41 10.20 -29.77 3.70
CA ILE A 41 10.44 -28.63 4.55
C ILE A 41 9.17 -27.78 4.67
N GLY A 42 8.56 -27.44 3.54
CA GLY A 42 7.36 -26.63 3.57
C GLY A 42 6.26 -27.26 4.39
N HIS A 43 6.22 -28.59 4.42
CA HIS A 43 5.21 -29.31 5.16
C HIS A 43 5.40 -29.20 6.66
N GLN A 44 6.63 -28.96 7.10
CA GLN A 44 6.94 -28.89 8.53
C GLN A 44 6.82 -27.48 9.10
N LEU A 45 6.66 -26.47 8.24
CA LEU A 45 6.74 -25.09 8.71
C LEU A 45 5.47 -24.67 9.42
N ASP A 46 4.31 -25.18 8.99
CA ASP A 46 3.06 -25.05 9.72
C ASP A 46 2.49 -26.45 9.88
N PRO A 47 2.81 -27.15 10.97
CA PRO A 47 2.35 -28.55 11.12
C PRO A 47 0.83 -28.71 11.12
N ALA A 48 0.09 -27.62 11.18
CA ALA A 48 -1.37 -27.70 11.15
C ALA A 48 -1.94 -27.61 9.74
N SER A 49 -1.08 -27.30 8.78
CA SER A 49 -1.38 -26.97 7.36
C SER A 49 -1.48 -28.16 6.42
N ALA A 50 -2.57 -28.24 5.66
CA ALA A 50 -2.73 -29.16 4.54
C ALA A 50 -2.25 -28.59 3.22
N ALA A 51 -1.63 -27.41 3.24
CA ALA A 51 -1.39 -26.62 2.03
C ALA A 51 -0.70 -27.41 0.92
N TYR A 52 0.09 -28.41 1.28
CA TYR A 52 0.90 -29.15 0.33
C TYR A 52 0.20 -30.40 -0.18
N ASN A 53 -1.05 -30.60 0.16
CA ASN A 53 -1.79 -31.65 -0.54
C ASN A 53 -2.01 -31.21 -1.97
N VAL A 54 -2.32 -32.17 -2.82
CA VAL A 54 -2.71 -31.90 -4.20
C VAL A 54 -3.96 -32.69 -4.49
N ALA A 55 -4.81 -32.13 -5.35
CA ALA A 55 -6.05 -32.80 -5.69
C ALA A 55 -6.53 -32.36 -7.06
N ALA A 56 -7.30 -33.24 -7.68
CA ALA A 56 -7.87 -32.99 -8.99
C ALA A 56 -9.07 -33.90 -9.15
N HIS A 57 -9.93 -33.55 -10.10
CA HIS A 57 -11.12 -34.33 -10.38
C HIS A 57 -11.39 -34.34 -11.87
N VAL A 58 -12.25 -35.26 -12.28
CA VAL A 58 -12.67 -35.40 -13.67
C VAL A 58 -14.18 -35.53 -13.66
N GLY A 59 -14.87 -34.52 -14.20
CA GLY A 59 -16.31 -34.60 -14.36
C GLY A 59 -16.65 -35.29 -15.67
N VAL A 60 -17.68 -36.12 -15.63
CA VAL A 60 -18.14 -36.85 -16.79
C VAL A 60 -19.65 -36.98 -16.67
N ASP A 61 -20.33 -37.06 -17.82
CA ASP A 61 -21.76 -37.34 -17.82
C ASP A 61 -21.94 -38.82 -18.14
N ALA A 62 -22.18 -39.59 -17.08
CA ALA A 62 -22.38 -41.03 -17.13
C ALA A 62 -22.52 -41.52 -15.70
N ALA A 63 -22.98 -42.76 -15.57
CA ALA A 63 -23.19 -43.40 -14.28
C ALA A 63 -22.09 -44.45 -14.12
N LEU A 64 -21.15 -44.20 -13.22
CA LEU A 64 -19.97 -45.03 -13.09
C LEU A 64 -20.14 -46.06 -11.98
N ASP A 65 -19.64 -47.27 -12.23
CA ASP A 65 -19.69 -48.32 -11.24
C ASP A 65 -18.68 -48.06 -10.14
N ALA A 66 -19.16 -48.06 -8.89
CA ALA A 66 -18.34 -47.61 -7.78
C ALA A 66 -17.31 -48.64 -7.39
N ASP A 67 -17.68 -49.92 -7.38
CA ASP A 67 -16.78 -50.96 -6.90
C ASP A 67 -15.63 -51.16 -7.87
N LEU A 68 -15.92 -51.19 -9.17
CA LEU A 68 -14.85 -51.33 -10.15
C LEU A 68 -13.97 -50.09 -10.23
N LEU A 69 -14.48 -48.92 -9.85
CA LEU A 69 -13.65 -47.73 -9.91
C LEU A 69 -12.61 -47.72 -8.82
N ARG A 70 -12.92 -48.24 -7.64
CA ARG A 70 -11.92 -48.32 -6.59
C ARG A 70 -10.92 -49.43 -6.86
N ARG A 71 -11.37 -50.54 -7.45
CA ARG A 71 -10.43 -51.54 -7.94
C ARG A 71 -9.37 -50.87 -8.81
N ALA A 72 -9.80 -49.94 -9.66
CA ALA A 72 -8.88 -49.25 -10.55
C ALA A 72 -7.90 -48.37 -9.77
N PHE A 73 -8.43 -47.51 -8.89
CA PHE A 73 -7.56 -46.72 -8.01
C PHE A 73 -6.56 -47.61 -7.28
N ASP A 74 -7.00 -48.77 -6.83
CA ASP A 74 -6.16 -49.59 -5.95
C ASP A 74 -5.14 -50.37 -6.77
N ILE A 75 -5.55 -50.85 -7.94
CA ILE A 75 -4.61 -51.42 -8.90
C ILE A 75 -3.54 -50.39 -9.27
N THR A 76 -3.97 -49.21 -9.70
CA THR A 76 -3.02 -48.22 -10.20
C THR A 76 -2.07 -47.78 -9.11
N ALA A 77 -2.57 -47.58 -7.90
CA ALA A 77 -1.74 -47.12 -6.80
C ALA A 77 -0.57 -48.07 -6.53
N ASN A 78 -0.77 -49.38 -6.74
CA ASN A 78 0.30 -50.33 -6.57
C ASN A 78 1.18 -50.44 -7.80
N GLU A 79 0.68 -50.03 -8.97
CA GLU A 79 1.53 -49.92 -10.14
C GLU A 79 2.49 -48.74 -10.04
N THR A 80 2.24 -47.79 -9.15
CA THR A 80 3.14 -46.67 -8.96
C THR A 80 4.21 -47.05 -7.94
N ASP A 81 5.02 -46.06 -7.58
CA ASP A 81 6.02 -46.17 -6.51
C ASP A 81 5.78 -45.09 -5.46
N CYS A 82 5.78 -43.82 -5.87
CA CYS A 82 5.63 -42.70 -4.96
C CYS A 82 4.40 -42.79 -4.07
N LEU A 83 3.38 -43.53 -4.47
CA LEU A 83 2.19 -43.70 -3.65
C LEU A 83 2.28 -44.92 -2.73
N ARG A 84 3.38 -45.68 -2.81
CA ARG A 84 3.62 -46.81 -1.93
C ARG A 84 4.54 -46.43 -0.77
N MET A 85 4.83 -45.15 -0.61
CA MET A 85 5.90 -44.68 0.25
C MET A 85 5.39 -44.18 1.60
N ARG A 86 6.23 -44.34 2.62
CA ARG A 86 6.08 -43.66 3.89
C ARG A 86 7.43 -43.08 4.29
N PHE A 87 7.39 -41.96 4.99
CA PHE A 87 8.56 -41.11 5.21
C PHE A 87 8.95 -41.13 6.67
N VAL A 88 10.27 -41.19 6.93
CA VAL A 88 10.81 -41.33 8.27
C VAL A 88 12.11 -40.54 8.37
N GLU A 89 12.35 -39.92 9.53
CA GLU A 89 13.57 -39.18 9.79
C GLU A 89 14.67 -40.10 10.28
N THR A 90 15.89 -39.84 9.85
CA THR A 90 17.09 -40.57 10.28
C THR A 90 18.29 -39.64 10.04
N GLY A 91 19.49 -40.18 10.22
CA GLY A 91 20.69 -39.54 9.72
C GLY A 91 21.25 -38.42 10.57
N SER A 92 21.12 -38.50 11.89
CA SER A 92 21.72 -37.50 12.76
C SER A 92 22.47 -38.16 13.93
N ALA A 97 19.00 -38.18 6.74
CA ALA A 97 18.16 -37.03 7.00
C ALA A 97 16.69 -37.42 6.99
N VAL A 98 16.13 -37.58 5.79
CA VAL A 98 14.78 -38.09 5.60
C VAL A 98 14.87 -39.18 4.54
N ARG A 99 14.25 -40.32 4.83
CA ARG A 99 14.19 -41.43 3.90
C ARG A 99 12.74 -41.82 3.66
N GLN A 100 12.53 -42.54 2.57
CA GLN A 100 11.24 -43.08 2.19
C GLN A 100 11.34 -44.58 1.97
N THR A 101 10.31 -45.28 2.40
CA THR A 101 10.30 -46.73 2.47
C THR A 101 9.01 -47.24 1.84
N PHE A 102 9.12 -48.33 1.09
CA PHE A 102 7.94 -48.92 0.47
C PHE A 102 7.08 -49.63 1.51
N VAL A 103 5.82 -49.82 1.14
CA VAL A 103 4.85 -50.51 1.98
C VAL A 103 4.44 -51.80 1.30
N ALA A 104 3.97 -52.75 2.11
CA ALA A 104 3.59 -54.05 1.60
C ALA A 104 2.47 -53.95 0.57
N ARG A 105 1.55 -53.03 0.77
CA ARG A 105 0.36 -52.88 -0.04
C ARG A 105 -0.02 -51.41 -0.10
N ALA A 106 -0.62 -51.00 -1.22
CA ALA A 106 -1.05 -49.63 -1.33
C ALA A 106 -2.44 -49.50 -0.73
N GLU A 107 -2.48 -48.73 0.34
CA GLU A 107 -3.69 -48.26 0.99
C GLU A 107 -4.46 -47.37 0.02
N THR A 108 -5.74 -47.67 -0.17
CA THR A 108 -6.62 -46.74 -0.86
C THR A 108 -7.70 -46.30 0.11
N ALA A 109 -8.03 -45.02 0.06
CA ALA A 109 -9.13 -44.46 0.83
C ALA A 109 -10.14 -43.97 -0.19
N PHE A 110 -11.27 -44.67 -0.28
CA PHE A 110 -12.25 -44.44 -1.33
C PHE A 110 -13.61 -44.21 -0.69
N VAL A 111 -14.36 -43.26 -1.18
CA VAL A 111 -15.67 -42.92 -0.59
C VAL A 111 -16.67 -42.64 -1.69
N MET A 112 -17.90 -43.08 -1.56
CA MET A 112 -18.93 -42.61 -2.49
C MET A 112 -19.81 -41.65 -1.73
N ARG A 113 -20.31 -40.64 -2.41
CA ARG A 113 -21.25 -39.70 -1.83
C ARG A 113 -22.19 -39.20 -2.91
N ASP A 114 -23.48 -39.29 -2.64
CA ASP A 114 -24.52 -38.98 -3.61
C ASP A 114 -25.22 -37.71 -3.16
N PHE A 115 -24.98 -36.62 -3.88
CA PHE A 115 -25.52 -35.32 -3.55
C PHE A 115 -26.81 -35.01 -4.30
N ARG A 116 -27.33 -35.97 -5.07
CA ARG A 116 -28.49 -35.73 -5.92
C ARG A 116 -29.76 -35.34 -5.17
N ALA A 117 -29.78 -35.40 -3.84
CA ALA A 117 -30.93 -34.96 -3.06
C ALA A 117 -30.81 -33.55 -2.51
N GLU A 118 -29.63 -32.86 -2.71
CA GLU A 118 -29.58 -31.46 -2.29
C GLU A 118 -30.01 -30.56 -3.44
N PRO A 119 -30.55 -29.37 -3.15
CA PRO A 119 -31.03 -28.50 -4.24
C PRO A 119 -29.94 -28.10 -5.22
N ASP A 120 -28.79 -27.68 -4.71
CA ASP A 120 -27.60 -27.48 -5.52
C ASP A 120 -26.72 -28.68 -5.24
N SER A 121 -26.72 -29.63 -6.18
CA SER A 121 -25.91 -30.83 -6.01
C SER A 121 -24.46 -30.58 -6.40
N THR A 122 -24.27 -29.85 -7.50
CA THR A 122 -22.93 -29.58 -7.99
C THR A 122 -22.14 -28.76 -6.98
N GLY A 123 -22.80 -27.83 -6.30
CA GLY A 123 -22.11 -26.96 -5.37
C GLY A 123 -21.74 -27.68 -4.09
N ALA A 124 -22.52 -28.70 -3.73
CA ALA A 124 -22.16 -29.54 -2.60
C ALA A 124 -20.95 -30.39 -2.90
N ALA A 125 -20.87 -30.92 -4.12
CA ALA A 125 -19.73 -31.73 -4.50
C ALA A 125 -18.43 -30.93 -4.44
N HIS A 126 -18.43 -29.73 -5.02
CA HIS A 126 -17.27 -28.87 -4.89
C HIS A 126 -17.02 -28.47 -3.45
N ALA A 127 -18.08 -28.39 -2.64
CA ALA A 127 -17.93 -28.09 -1.23
C ALA A 127 -17.20 -29.22 -0.53
N TRP A 128 -17.60 -30.45 -0.81
CA TRP A 128 -16.93 -31.63 -0.26
C TRP A 128 -15.45 -31.60 -0.61
N MET A 129 -15.15 -31.50 -1.92
CA MET A 129 -13.76 -31.57 -2.37
C MET A 129 -12.91 -30.49 -1.72
N ALA A 130 -13.47 -29.29 -1.53
CA ALA A 130 -12.73 -28.21 -0.90
C ALA A 130 -12.46 -28.48 0.57
N ALA A 131 -13.32 -29.27 1.20
CA ALA A 131 -13.11 -29.66 2.59
C ALA A 131 -12.09 -30.79 2.68
N ASP A 132 -12.25 -31.81 1.84
CA ASP A 132 -11.35 -32.97 1.86
C ASP A 132 -9.91 -32.55 1.66
N VAL A 133 -9.64 -31.71 0.65
CA VAL A 133 -8.28 -31.27 0.37
C VAL A 133 -7.69 -30.44 1.50
N ARG A 134 -8.48 -30.05 2.48
CA ARG A 134 -8.04 -29.28 3.63
C ARG A 134 -7.69 -30.16 4.82
N ARG A 135 -7.70 -31.48 4.66
CA ARG A 135 -7.26 -32.40 5.72
C ARG A 135 -5.80 -32.74 5.47
N ARG A 136 -4.94 -32.50 6.45
CA ARG A 136 -3.52 -32.77 6.35
C ARG A 136 -3.27 -34.27 6.23
N ILE A 137 -2.09 -34.60 5.71
CA ILE A 137 -1.65 -35.98 5.55
C ILE A 137 -0.46 -36.18 6.46
N ASP A 138 -0.41 -37.33 7.12
CA ASP A 138 0.72 -37.71 7.95
C ASP A 138 1.61 -38.53 7.05
N LEU A 139 2.71 -37.95 6.61
CA LEU A 139 3.57 -38.60 5.60
C LEU A 139 4.06 -39.96 6.11
N SER A 140 4.14 -40.18 7.41
CA SER A 140 4.57 -41.44 7.97
C SER A 140 3.43 -42.44 7.96
N SER A 141 2.18 -41.96 7.87
CA SER A 141 1.03 -42.84 7.69
C SER A 141 1.32 -43.85 6.61
N GLY A 142 1.79 -43.36 5.48
CA GLY A 142 1.86 -44.13 4.28
C GLY A 142 0.62 -44.05 3.43
N CYS A 143 -0.39 -43.24 3.82
CA CYS A 143 -1.60 -43.09 3.03
C CYS A 143 -1.52 -41.81 2.21
N LEU A 144 -1.24 -41.99 0.93
CA LEU A 144 -1.13 -40.93 -0.05
C LEU A 144 -2.30 -40.86 -1.02
N VAL A 145 -3.25 -41.78 -0.94
CA VAL A 145 -4.33 -41.87 -1.92
C VAL A 145 -5.63 -41.71 -1.15
N HIS A 146 -6.30 -40.60 -1.37
CA HIS A 146 -7.67 -40.40 -0.92
C HIS A 146 -8.49 -40.11 -2.16
N ALA A 147 -9.32 -41.07 -2.56
CA ALA A 147 -10.12 -40.94 -3.77
C ALA A 147 -11.59 -40.91 -3.43
N ALA A 148 -12.39 -40.64 -4.46
CA ALA A 148 -13.84 -40.56 -4.27
C ALA A 148 -14.53 -40.68 -5.61
N LEU A 149 -15.80 -41.07 -5.54
CA LEU A 149 -16.74 -40.94 -6.64
C LEU A 149 -17.90 -40.10 -6.13
N LEU A 150 -18.04 -38.90 -6.67
CA LEU A 150 -18.99 -37.93 -6.18
C LEU A 150 -20.08 -37.75 -7.22
N ARG A 151 -21.27 -38.24 -6.91
CA ARG A 151 -22.37 -38.32 -7.85
C ARG A 151 -23.30 -37.14 -7.69
N THR A 152 -23.57 -36.45 -8.80
CA THR A 152 -24.52 -35.36 -8.81
C THR A 152 -25.55 -35.61 -9.90
N GLY A 153 -26.43 -34.64 -10.13
CA GLY A 153 -27.52 -34.85 -11.07
C GLY A 153 -27.04 -34.92 -12.51
N THR A 154 -26.08 -34.07 -12.85
CA THR A 154 -25.51 -34.07 -14.20
C THR A 154 -24.31 -35.01 -14.30
N ARG A 155 -23.26 -34.74 -13.54
CA ARG A 155 -21.97 -35.39 -13.70
C ARG A 155 -21.60 -36.22 -12.47
N ASP A 156 -20.93 -37.34 -12.73
CA ASP A 156 -20.15 -38.03 -11.71
C ASP A 156 -18.72 -37.51 -11.75
N TYR A 157 -18.20 -37.14 -10.60
CA TYR A 157 -16.85 -36.62 -10.47
C TYR A 157 -15.96 -37.70 -9.90
N VAL A 158 -14.85 -37.97 -10.58
CA VAL A 158 -13.83 -38.90 -10.11
C VAL A 158 -12.72 -38.06 -9.53
N TYR A 159 -12.50 -38.20 -8.22
CA TYR A 159 -11.71 -37.28 -7.44
C TYR A 159 -10.55 -38.01 -6.80
N LEU A 160 -9.38 -37.38 -6.86
CA LEU A 160 -8.17 -37.90 -6.27
C LEU A 160 -7.43 -36.77 -5.58
N ARG A 161 -7.06 -36.97 -4.32
CA ARG A 161 -6.07 -36.12 -3.68
C ARG A 161 -4.93 -36.98 -3.17
N SER A 162 -3.80 -36.33 -3.00
CA SER A 162 -2.58 -36.95 -2.52
C SER A 162 -1.74 -35.81 -1.94
N HIS A 163 -0.47 -36.09 -1.70
CA HIS A 163 0.44 -35.10 -1.16
C HIS A 163 1.43 -34.73 -2.25
N HIS A 164 1.82 -33.45 -2.29
CA HIS A 164 2.60 -32.94 -3.41
C HIS A 164 3.96 -33.62 -3.51
N ILE A 165 4.45 -34.21 -2.42
CA ILE A 165 5.76 -34.84 -2.37
C ILE A 165 5.80 -36.08 -3.23
N ALA A 166 4.67 -36.77 -3.36
CA ALA A 166 4.55 -37.94 -4.19
C ALA A 166 3.95 -37.69 -5.56
N LEU A 167 3.31 -36.54 -5.78
CA LEU A 167 2.75 -36.22 -7.09
C LEU A 167 2.67 -34.73 -7.28
N ASP A 168 2.84 -34.30 -8.52
CA ASP A 168 2.54 -32.94 -8.94
C ASP A 168 1.26 -32.98 -9.77
N GLY A 169 0.89 -31.82 -10.31
CA GLY A 169 -0.29 -31.75 -11.15
C GLY A 169 -0.27 -32.77 -12.27
N PHE A 170 0.84 -32.85 -12.98
CA PHE A 170 0.90 -33.71 -14.14
C PHE A 170 0.93 -35.17 -13.73
N GLY A 171 1.36 -35.46 -12.50
CA GLY A 171 1.32 -36.83 -12.01
C GLY A 171 -0.09 -37.29 -11.72
N LEU A 172 -0.86 -36.46 -11.00
CA LEU A 172 -2.29 -36.75 -10.78
C LEU A 172 -2.98 -37.11 -12.08
N ALA A 173 -2.73 -36.33 -13.13
CA ALA A 173 -3.39 -36.58 -14.39
C ALA A 173 -2.93 -37.90 -15.01
N MET A 174 -1.65 -38.25 -14.84
CA MET A 174 -1.18 -39.56 -15.25
C MET A 174 -1.94 -40.66 -14.55
N VAL A 175 -2.04 -40.58 -13.22
CA VAL A 175 -2.70 -41.62 -12.43
C VAL A 175 -4.16 -41.70 -12.83
N LEU A 176 -4.80 -40.56 -13.10
CA LEU A 176 -6.21 -40.56 -13.47
C LEU A 176 -6.43 -41.16 -14.85
N ARG A 177 -5.49 -40.99 -15.78
CA ARG A 177 -5.66 -41.61 -17.09
C ARG A 177 -5.49 -43.11 -17.01
N ARG A 178 -4.68 -43.58 -16.07
CA ARG A 178 -4.47 -45.00 -15.88
C ARG A 178 -5.69 -45.65 -15.22
N VAL A 179 -6.22 -45.02 -14.18
CA VAL A 179 -7.47 -45.47 -13.57
C VAL A 179 -8.55 -45.59 -14.64
N ALA A 180 -8.64 -44.58 -15.50
CA ALA A 180 -9.63 -44.60 -16.56
C ALA A 180 -9.47 -45.80 -17.47
N HIS A 181 -8.24 -46.12 -17.85
CA HIS A 181 -8.00 -47.27 -18.71
C HIS A 181 -8.39 -48.55 -18.00
N VAL A 182 -7.86 -48.74 -16.79
CA VAL A 182 -8.15 -49.93 -16.00
C VAL A 182 -9.66 -50.12 -15.85
N TYR A 183 -10.34 -49.06 -15.38
CA TYR A 183 -11.79 -49.06 -15.28
C TYR A 183 -12.44 -49.59 -16.54
N GLY A 184 -12.19 -48.91 -17.67
CA GLY A 184 -12.77 -49.30 -18.95
C GLY A 184 -12.60 -50.77 -19.25
N ALA A 185 -11.44 -51.34 -18.91
CA ALA A 185 -11.24 -52.76 -19.12
C ALA A 185 -12.13 -53.60 -18.20
N LEU A 186 -12.24 -53.19 -16.93
CA LEU A 186 -12.94 -54.02 -15.96
C LEU A 186 -14.43 -54.12 -16.24
N VAL A 187 -15.04 -53.06 -16.77
CA VAL A 187 -16.47 -53.12 -17.06
C VAL A 187 -16.75 -54.20 -18.08
N ALA A 188 -15.87 -54.33 -19.08
CA ALA A 188 -16.04 -55.28 -20.17
C ALA A 188 -15.32 -56.60 -19.90
N GLY A 189 -14.72 -56.78 -18.73
CA GLY A 189 -14.04 -58.01 -18.42
C GLY A 189 -12.80 -58.26 -19.24
N ARG A 190 -12.26 -57.23 -19.88
CA ARG A 190 -10.97 -57.32 -20.54
C ARG A 190 -9.85 -57.23 -19.52
N GLU A 191 -8.68 -57.73 -19.92
CA GLU A 191 -7.46 -57.54 -19.15
C GLU A 191 -6.87 -56.18 -19.49
N PRO A 192 -6.55 -55.34 -18.51
CA PRO A 192 -5.97 -54.03 -18.84
C PRO A 192 -4.54 -54.17 -19.35
N ALA A 193 -4.16 -53.19 -20.16
CA ALA A 193 -2.82 -53.18 -20.71
C ALA A 193 -1.80 -52.91 -19.61
N ALA A 194 -0.59 -53.40 -19.83
CA ALA A 194 0.46 -53.26 -18.84
C ALA A 194 0.74 -51.79 -18.59
N ALA A 195 1.12 -51.49 -17.35
CA ALA A 195 1.44 -50.13 -16.99
C ALA A 195 2.70 -49.68 -17.70
N ALA A 196 2.67 -48.45 -18.19
CA ALA A 196 3.84 -47.82 -18.79
C ALA A 196 4.73 -47.15 -17.75
N PHE A 197 4.35 -47.24 -16.48
CA PHE A 197 5.05 -46.48 -15.44
C PHE A 197 6.46 -47.01 -15.27
N GLY A 198 7.41 -46.09 -15.21
CA GLY A 198 8.77 -46.43 -14.89
C GLY A 198 8.95 -46.54 -13.39
N ALA A 199 10.20 -46.73 -12.99
CA ALA A 199 10.56 -46.90 -11.60
C ALA A 199 11.09 -45.57 -11.06
N PHE A 200 10.55 -45.14 -9.93
CA PHE A 200 10.96 -43.89 -9.33
C PHE A 200 12.37 -43.95 -8.76
N ALA A 201 12.93 -45.16 -8.63
CA ALA A 201 14.28 -45.30 -8.11
C ALA A 201 15.33 -44.80 -9.08
N GLU A 202 15.06 -44.86 -10.39
CA GLU A 202 15.99 -44.32 -11.38
C GLU A 202 15.70 -42.86 -11.72
N VAL A 203 14.59 -42.31 -11.24
CA VAL A 203 14.45 -40.86 -11.18
C VAL A 203 15.40 -40.30 -10.13
N ILE A 204 15.61 -41.05 -9.04
CA ILE A 204 16.44 -40.54 -7.95
C ILE A 204 17.91 -40.55 -8.35
N ASP A 205 18.37 -41.65 -8.96
CA ASP A 205 19.72 -41.68 -9.50
C ASP A 205 19.95 -40.51 -10.44
N ALA A 206 19.05 -40.32 -11.40
CA ALA A 206 19.16 -39.24 -12.37
C ALA A 206 19.27 -37.89 -11.67
N ASP A 207 18.55 -37.70 -10.57
CA ASP A 207 18.57 -36.41 -9.89
C ASP A 207 19.89 -36.15 -9.19
N ARG A 208 20.46 -37.22 -8.66
CA ARG A 208 21.74 -37.23 -7.93
C ARG A 208 22.83 -36.95 -8.93
N ALA A 209 22.80 -37.67 -10.03
CA ALA A 209 23.63 -37.48 -11.22
C ALA A 209 23.67 -36.01 -11.64
N TYR A 210 22.52 -35.46 -12.02
CA TYR A 210 22.43 -34.06 -12.45
C TYR A 210 23.13 -33.12 -11.49
N HIS A 211 22.83 -33.22 -10.20
CA HIS A 211 23.38 -32.26 -9.26
C HIS A 211 24.88 -32.42 -9.07
N ALA A 212 25.46 -33.52 -9.52
CA ALA A 212 26.90 -33.69 -9.60
C ALA A 212 27.44 -33.41 -10.99
N SER A 213 26.59 -33.11 -11.95
CA SER A 213 27.02 -32.93 -13.33
C SER A 213 27.53 -31.53 -13.56
N ALA A 214 27.99 -31.29 -14.79
CA ALA A 214 28.39 -29.95 -15.20
C ALA A 214 27.17 -29.10 -15.54
N ALA A 215 26.15 -29.73 -16.14
CA ALA A 215 24.92 -29.03 -16.47
C ALA A 215 24.33 -28.29 -15.28
N CYS A 216 24.49 -28.84 -14.08
CA CYS A 216 23.99 -28.16 -12.89
C CYS A 216 24.78 -26.90 -12.60
N GLU A 217 26.10 -26.95 -12.76
CA GLU A 217 26.89 -25.76 -12.52
C GLU A 217 26.81 -24.78 -13.68
N ALA A 218 26.39 -25.25 -14.85
CA ALA A 218 26.06 -24.33 -15.93
C ALA A 218 24.74 -23.65 -15.62
N ASP A 219 23.68 -24.45 -15.53
CA ASP A 219 22.35 -23.97 -15.18
C ASP A 219 22.41 -23.05 -13.96
N ARG A 220 23.19 -23.42 -12.95
CA ARG A 220 23.34 -22.57 -11.76
C ARG A 220 23.75 -21.15 -12.13
N ALA A 221 24.80 -21.01 -12.93
CA ALA A 221 25.33 -19.68 -13.21
C ALA A 221 24.51 -18.95 -14.27
N TYR A 222 23.72 -19.67 -15.06
CA TYR A 222 22.72 -19.03 -15.89
C TYR A 222 21.73 -18.24 -15.04
N TRP A 223 21.25 -18.85 -13.95
CA TRP A 223 20.24 -18.19 -13.15
C TRP A 223 20.86 -17.13 -12.24
N ARG A 224 22.04 -17.41 -11.69
CA ARG A 224 22.75 -16.42 -10.88
C ARG A 224 22.88 -15.11 -11.65
N ALA A 225 23.12 -15.22 -12.95
CA ALA A 225 23.23 -14.05 -13.81
C ALA A 225 21.87 -13.45 -14.11
N TYR A 226 20.93 -14.32 -14.52
CA TYR A 226 19.60 -13.89 -14.93
C TYR A 226 18.90 -13.14 -13.81
N CYS A 227 19.11 -13.60 -12.58
CA CYS A 227 18.47 -13.06 -11.39
C CYS A 227 19.35 -12.05 -10.66
N ALA A 228 20.51 -11.70 -11.23
CA ALA A 228 21.50 -10.87 -10.55
C ALA A 228 20.91 -9.56 -10.04
N GLY A 229 19.93 -9.02 -10.76
CA GLY A 229 19.36 -7.73 -10.39
C GLY A 229 18.19 -7.80 -9.45
N LEU A 230 17.52 -8.95 -9.35
CA LEU A 230 16.22 -9.03 -8.70
C LEU A 230 16.27 -8.49 -7.29
N ASP A 231 15.45 -7.48 -7.04
CA ASP A 231 15.30 -6.91 -5.72
C ASP A 231 13.87 -6.40 -5.61
N ASP A 232 13.25 -6.63 -4.46
CA ASP A 232 11.84 -6.32 -4.24
C ASP A 232 10.98 -6.71 -5.43
N VAL A 233 10.82 -8.00 -5.68
CA VAL A 233 9.94 -8.47 -6.75
C VAL A 233 8.55 -7.88 -6.55
N PRO A 234 7.84 -7.53 -7.62
CA PRO A 234 6.51 -6.96 -7.45
C PRO A 234 5.44 -8.00 -7.19
N THR A 235 4.41 -7.55 -6.49
CA THR A 235 3.19 -8.30 -6.31
C THR A 235 2.02 -7.34 -6.44
N LEU A 236 0.82 -7.92 -6.54
CA LEU A 236 -0.38 -7.10 -6.59
C LEU A 236 -0.84 -6.64 -5.21
N CYS A 237 -0.32 -7.27 -4.15
CA CYS A 237 -0.52 -6.82 -2.78
C CYS A 237 0.78 -6.95 -2.03
N ALA A 238 1.05 -5.98 -1.17
CA ALA A 238 2.23 -6.00 -0.33
C ALA A 238 2.06 -7.08 0.73
N GLY A 239 3.01 -8.01 0.79
CA GLY A 239 2.94 -9.05 1.80
C GLY A 239 4.31 -9.61 2.12
N THR A 240 4.42 -10.09 3.35
CA THR A 240 5.69 -10.59 3.89
C THR A 240 5.67 -12.10 4.00
N SER A 241 4.84 -12.64 4.90
CA SER A 241 4.96 -14.02 5.35
C SER A 241 4.86 -15.01 4.19
N LEU A 242 5.53 -16.13 4.36
CA LEU A 242 5.53 -17.15 3.34
C LEU A 242 4.14 -17.81 3.25
N PRO A 243 3.64 -18.04 2.04
CA PRO A 243 2.30 -18.64 1.92
C PRO A 243 2.29 -20.03 2.54
N SER A 244 1.38 -20.26 3.46
CA SER A 244 1.26 -21.56 4.15
C SER A 244 -0.18 -22.04 4.15
N GLU A 245 -1.04 -21.54 3.26
CA GLU A 245 -2.46 -21.95 3.29
C GLU A 245 -3.03 -22.18 1.91
N ILE A 246 -4.07 -22.99 1.86
CA ILE A 246 -4.80 -23.35 0.64
C ILE A 246 -5.38 -22.10 0.01
N ALA A 247 -5.54 -22.13 -1.30
CA ALA A 247 -5.91 -20.94 -2.08
C ALA A 247 -7.39 -20.69 -1.88
N VAL A 248 -7.81 -19.44 -2.10
CA VAL A 248 -9.23 -19.03 -2.21
C VAL A 248 -9.37 -18.87 -3.71
N CYS A 249 -10.39 -19.43 -4.35
CA CYS A 249 -10.46 -19.47 -5.79
C CYS A 249 -11.61 -18.62 -6.34
N HIS A 250 -11.47 -18.29 -7.62
CA HIS A 250 -12.52 -17.66 -8.41
C HIS A 250 -12.33 -18.14 -9.84
N THR A 251 -13.43 -18.40 -10.53
CA THR A 251 -13.41 -19.03 -11.84
C THR A 251 -14.19 -18.17 -12.82
N ALA A 252 -13.50 -17.68 -13.83
CA ALA A 252 -14.06 -16.76 -14.81
C ALA A 252 -14.03 -17.40 -16.19
N PRO A 253 -15.17 -17.62 -16.86
CA PRO A 253 -15.11 -18.06 -18.25
C PRO A 253 -14.55 -16.97 -19.15
N VAL A 254 -13.84 -17.40 -20.18
CA VAL A 254 -13.30 -16.49 -21.19
C VAL A 254 -14.30 -16.43 -22.35
N PRO A 255 -14.65 -15.26 -22.86
CA PRO A 255 -15.61 -15.21 -23.96
C PRO A 255 -14.99 -15.74 -25.24
N ALA A 256 -15.83 -16.41 -26.04
CA ALA A 256 -15.36 -17.05 -27.27
C ALA A 256 -14.72 -16.05 -28.20
N ALA A 257 -15.32 -14.85 -28.33
CA ALA A 257 -14.76 -13.80 -29.16
C ALA A 257 -13.29 -13.55 -28.83
N LEU A 258 -12.94 -13.64 -27.55
CA LEU A 258 -11.57 -13.42 -27.13
C LEU A 258 -10.70 -14.63 -27.43
N VAL A 259 -11.23 -15.84 -27.17
CA VAL A 259 -10.49 -17.06 -27.49
C VAL A 259 -10.15 -17.08 -28.98
N GLU A 260 -11.09 -16.66 -29.82
CA GLU A 260 -10.84 -16.63 -31.25
C GLU A 260 -9.75 -15.63 -31.60
N ARG A 261 -9.68 -14.52 -30.87
CA ARG A 261 -8.72 -13.48 -31.20
C ARG A 261 -7.31 -13.80 -30.72
N LEU A 262 -7.17 -14.57 -29.65
CA LEU A 262 -5.83 -14.99 -29.24
C LEU A 262 -5.17 -15.86 -30.28
N HIS A 263 -5.91 -16.83 -30.82
CA HIS A 263 -5.34 -17.67 -31.87
C HIS A 263 -5.00 -16.86 -33.11
N ASP A 264 -5.82 -15.85 -33.41
CA ASP A 264 -5.48 -14.94 -34.49
C ASP A 264 -4.28 -14.09 -34.11
N PHE A 265 -4.33 -13.46 -32.93
CA PHE A 265 -3.22 -12.63 -32.48
C PHE A 265 -1.94 -13.44 -32.34
N ALA A 266 -2.07 -14.72 -32.01
CA ALA A 266 -0.90 -15.58 -31.88
C ALA A 266 -0.28 -15.86 -33.24
N ASN A 267 -1.11 -16.15 -34.25
CA ASN A 267 -0.57 -16.46 -35.57
C ASN A 267 0.08 -15.23 -36.20
N GLU A 268 -0.42 -14.04 -35.90
CA GLU A 268 0.22 -12.83 -36.39
C GLU A 268 1.62 -12.67 -35.82
N CYS A 269 1.86 -13.19 -34.61
CA CYS A 269 3.17 -13.13 -33.98
C CYS A 269 3.96 -14.42 -34.14
N GLY A 270 3.40 -15.46 -34.74
CA GLY A 270 4.12 -16.71 -34.90
C GLY A 270 4.47 -17.41 -33.60
N THR A 271 3.48 -17.70 -32.76
CA THR A 271 3.74 -18.39 -31.51
C THR A 271 2.47 -19.10 -31.04
N HIS A 272 2.61 -19.84 -29.94
CA HIS A 272 1.46 -20.39 -29.25
C HIS A 272 0.56 -19.29 -28.70
N TRP A 273 -0.73 -19.61 -28.58
CA TRP A 273 -1.65 -18.70 -27.94
C TRP A 273 -1.34 -18.56 -26.45
N ILE A 274 -0.83 -19.61 -25.82
CA ILE A 274 -0.58 -19.56 -24.39
C ILE A 274 0.52 -18.56 -24.07
N ASN A 275 1.44 -18.31 -25.01
CA ASN A 275 2.47 -17.32 -24.75
C ASN A 275 1.90 -15.92 -24.72
N VAL A 276 0.93 -15.65 -25.57
CA VAL A 276 0.24 -14.35 -25.58
C VAL A 276 -0.36 -14.07 -24.21
N VAL A 277 -0.85 -15.11 -23.55
CA VAL A 277 -1.53 -14.91 -22.27
C VAL A 277 -0.51 -14.63 -21.18
N VAL A 278 0.62 -15.34 -21.20
CA VAL A 278 1.72 -15.02 -20.30
C VAL A 278 2.14 -13.58 -20.49
N ALA A 279 2.28 -13.16 -21.76
CA ALA A 279 2.72 -11.81 -22.06
C ALA A 279 1.73 -10.79 -21.52
N ALA A 280 0.45 -11.04 -21.74
CA ALA A 280 -0.58 -10.13 -21.22
C ALA A 280 -0.55 -10.08 -19.71
N PHE A 281 -0.56 -11.25 -19.06
CA PHE A 281 -0.52 -11.30 -17.61
C PHE A 281 0.71 -10.61 -17.06
N GLY A 282 1.85 -10.75 -17.74
CA GLY A 282 3.03 -10.03 -17.32
C GLY A 282 2.87 -8.53 -17.52
N ALA A 283 2.37 -8.14 -18.68
CA ALA A 283 2.08 -6.74 -18.94
C ALA A 283 1.05 -6.21 -17.95
N PHE A 284 0.13 -7.07 -17.52
CA PHE A 284 -0.93 -6.65 -16.62
C PHE A 284 -0.37 -6.33 -15.23
N VAL A 285 0.55 -7.15 -14.73
CA VAL A 285 1.18 -6.85 -13.46
C VAL A 285 1.90 -5.52 -13.56
N GLY A 286 2.66 -5.32 -14.63
CA GLY A 286 3.45 -4.11 -14.73
C GLY A 286 2.56 -2.89 -14.82
N ARG A 287 1.39 -3.04 -15.45
CA ARG A 287 0.53 -1.89 -15.68
C ARG A 287 -0.33 -1.61 -14.46
N ALA A 288 -0.53 -2.61 -13.61
CA ALA A 288 -1.21 -2.41 -12.34
C ALA A 288 -0.29 -1.90 -11.25
N THR A 289 0.96 -2.36 -11.25
CA THR A 289 1.94 -1.84 -10.29
C THR A 289 2.67 -0.60 -10.79
N SER A 290 2.51 -0.24 -12.06
CA SER A 290 3.27 0.83 -12.68
C SER A 290 4.76 0.60 -12.46
N ARG A 291 5.19 -0.64 -12.66
CA ARG A 291 6.58 -1.02 -12.54
C ARG A 291 7.08 -1.74 -13.77
N ARG A 292 8.31 -1.41 -14.11
CA ARG A 292 8.98 -1.86 -15.31
C ARG A 292 9.59 -3.25 -15.13
N ASP A 293 10.05 -3.55 -13.93
CA ASP A 293 10.72 -4.82 -13.64
C ASP A 293 9.69 -5.81 -13.10
N ILE A 294 9.32 -6.78 -13.92
CA ILE A 294 8.28 -7.74 -13.60
C ILE A 294 8.89 -9.13 -13.69
N THR A 295 8.59 -9.95 -12.68
CA THR A 295 9.10 -11.31 -12.61
C THR A 295 7.92 -12.23 -12.36
N ILE A 296 7.57 -13.04 -13.36
CA ILE A 296 6.46 -13.97 -13.26
C ILE A 296 7.00 -15.36 -12.96
N GLY A 297 6.41 -16.00 -11.94
CA GLY A 297 6.65 -17.41 -11.72
C GLY A 297 5.92 -18.27 -12.74
N VAL A 298 6.66 -19.13 -13.41
CA VAL A 298 6.07 -20.11 -14.34
C VAL A 298 6.42 -21.49 -13.82
N PRO A 299 5.44 -22.33 -13.44
CA PRO A 299 5.76 -23.75 -13.27
C PRO A 299 6.15 -24.38 -14.59
N MET A 300 7.31 -25.02 -14.58
CA MET A 300 7.76 -25.83 -15.68
C MET A 300 7.58 -27.29 -15.34
N MET A 301 6.95 -28.02 -16.26
CA MET A 301 6.68 -29.44 -16.10
C MET A 301 7.96 -30.21 -15.74
N ASN A 302 9.05 -29.94 -16.46
CA ASN A 302 10.37 -30.46 -16.14
C ASN A 302 10.44 -31.98 -16.33
N ARG A 303 9.55 -32.51 -17.16
CA ARG A 303 9.44 -33.96 -17.38
C ARG A 303 10.05 -34.36 -18.72
N LEU A 304 9.70 -33.69 -19.80
CA LEU A 304 10.22 -34.03 -21.12
C LEU A 304 11.74 -33.99 -21.06
N GLY A 305 12.36 -34.86 -21.84
CA GLY A 305 13.80 -34.90 -21.90
C GLY A 305 14.33 -35.57 -20.66
N GLY A 306 14.17 -36.89 -20.60
CA GLY A 306 14.58 -37.67 -19.45
C GLY A 306 13.61 -38.76 -19.04
N VAL A 307 13.96 -39.43 -17.95
CA VAL A 307 13.23 -40.60 -17.46
C VAL A 307 11.97 -40.22 -16.70
N ALA A 308 11.89 -39.02 -16.14
CA ALA A 308 10.74 -38.62 -15.35
C ALA A 308 9.45 -38.51 -16.17
N ALA A 309 9.53 -38.64 -17.50
CA ALA A 309 8.36 -38.49 -18.34
C ALA A 309 7.30 -39.54 -18.03
N SER A 310 7.73 -40.76 -17.74
CA SER A 310 6.84 -41.89 -17.60
C SER A 310 6.49 -42.22 -16.14
N VAL A 311 7.03 -41.47 -15.18
CA VAL A 311 6.97 -41.83 -13.78
C VAL A 311 6.14 -40.76 -13.06
N PRO A 312 5.01 -41.10 -12.44
CA PRO A 312 4.33 -40.11 -11.59
C PRO A 312 5.16 -39.78 -10.36
N CYS A 313 5.37 -38.49 -10.15
CA CYS A 313 6.21 -37.96 -9.10
C CYS A 313 6.02 -36.44 -9.12
N THR A 314 6.80 -35.74 -8.31
CA THR A 314 6.91 -34.29 -8.39
C THR A 314 8.29 -33.92 -8.93
N THR A 315 8.32 -33.47 -10.18
CA THR A 315 9.47 -32.78 -10.73
C THR A 315 9.28 -31.29 -10.94
N ALA A 316 8.07 -30.76 -10.71
CA ALA A 316 7.77 -29.42 -11.19
C ALA A 316 8.65 -28.38 -10.51
N ASN A 317 8.89 -27.31 -11.25
CA ASN A 317 9.78 -26.24 -10.83
C ASN A 317 9.17 -24.92 -11.26
N VAL A 318 9.02 -24.00 -10.31
CA VAL A 318 8.45 -22.68 -10.59
C VAL A 318 9.60 -21.71 -10.71
N LEU A 319 9.74 -21.09 -11.88
CA LEU A 319 10.94 -20.36 -12.22
C LEU A 319 10.62 -18.92 -12.59
N PRO A 320 11.58 -18.00 -12.42
CA PRO A 320 11.32 -16.61 -12.75
C PRO A 320 11.27 -16.40 -14.25
N LEU A 321 10.30 -15.61 -14.67
CA LEU A 321 10.31 -15.05 -16.02
C LEU A 321 10.41 -13.55 -15.83
N SER A 322 11.58 -13.00 -16.13
CA SER A 322 11.80 -11.57 -16.03
C SER A 322 11.36 -10.95 -17.34
N LEU A 323 10.50 -9.95 -17.23
CA LEU A 323 10.10 -9.13 -18.34
C LEU A 323 10.46 -7.70 -18.01
N ASP A 324 10.74 -6.93 -19.04
CA ASP A 324 10.92 -5.50 -18.91
C ASP A 324 9.67 -4.94 -19.57
N VAL A 325 8.75 -4.45 -18.76
CA VAL A 325 7.50 -3.94 -19.28
C VAL A 325 7.70 -2.44 -19.33
N ARG A 326 7.98 -1.96 -20.49
CA ARG A 326 8.17 -0.55 -20.66
C ARG A 326 6.85 0.03 -21.11
N PRO A 327 6.39 1.14 -20.55
CA PRO A 327 5.18 1.76 -21.10
C PRO A 327 5.28 2.02 -22.60
N GLY A 328 6.50 2.19 -23.11
CA GLY A 328 6.72 2.42 -24.52
C GLY A 328 6.77 1.18 -25.37
N ALA A 329 6.68 -0.01 -24.78
CA ALA A 329 6.90 -1.25 -25.51
C ALA A 329 5.62 -1.73 -26.14
N ARG A 330 5.73 -2.18 -27.39
CA ARG A 330 4.58 -2.68 -28.13
C ARG A 330 4.22 -4.08 -27.64
N ALA A 331 2.96 -4.44 -27.84
CA ALA A 331 2.47 -5.73 -27.36
C ALA A 331 3.18 -6.86 -28.07
N GLU A 332 3.32 -6.77 -29.39
CA GLU A 332 4.02 -7.81 -30.15
C GLU A 332 5.45 -8.01 -29.67
N ALA A 333 6.04 -6.99 -29.04
CA ALA A 333 7.42 -7.08 -28.60
C ALA A 333 7.52 -7.89 -27.30
N LEU A 334 6.59 -7.68 -26.38
CA LEU A 334 6.62 -8.43 -25.12
C LEU A 334 6.31 -9.89 -25.36
N VAL A 335 5.41 -10.19 -26.29
CA VAL A 335 5.12 -11.57 -26.65
C VAL A 335 6.37 -12.25 -27.15
N GLU A 336 7.27 -11.51 -27.79
CA GLU A 336 8.49 -12.09 -28.31
C GLU A 336 9.52 -12.26 -27.20
N ALA A 337 9.50 -11.36 -26.22
CA ALA A 337 10.33 -11.54 -25.04
C ALA A 337 9.94 -12.80 -24.28
N VAL A 338 8.64 -13.06 -24.16
CA VAL A 338 8.17 -14.28 -23.52
C VAL A 338 8.67 -15.50 -24.28
N ASP A 339 8.53 -15.48 -25.61
CA ASP A 339 8.95 -16.61 -26.44
C ASP A 339 10.40 -17.00 -26.16
N THR A 340 11.27 -16.01 -26.01
CA THR A 340 12.69 -16.31 -25.80
C THR A 340 12.97 -16.64 -24.34
N GLY A 341 12.41 -15.86 -23.41
CA GLY A 341 12.64 -16.11 -22.00
C GLY A 341 12.24 -17.51 -21.59
N LEU A 342 11.07 -17.96 -22.05
CA LEU A 342 10.65 -19.33 -21.79
C LEU A 342 11.58 -20.34 -22.45
N ALA A 343 11.95 -20.09 -23.71
CA ALA A 343 12.92 -20.94 -24.40
C ALA A 343 14.16 -21.16 -23.56
N GLY A 344 14.68 -20.09 -22.96
CA GLY A 344 15.86 -20.22 -22.12
C GLY A 344 15.55 -20.91 -20.81
N MET A 345 14.34 -20.72 -20.31
CA MET A 345 13.91 -21.44 -19.11
C MET A 345 13.90 -22.93 -19.36
N ARG A 346 13.29 -23.37 -20.47
CA ARG A 346 13.17 -24.79 -20.73
C ARG A 346 14.52 -25.46 -20.90
N ARG A 347 15.53 -24.70 -21.29
CA ARG A 347 16.86 -25.28 -21.42
C ARG A 347 17.47 -25.60 -20.06
N HIS A 348 17.29 -24.70 -19.10
CA HIS A 348 17.91 -24.79 -17.78
C HIS A 348 16.94 -25.26 -16.69
N GLN A 349 15.73 -25.68 -17.06
CA GLN A 349 14.64 -25.89 -16.11
C GLN A 349 14.91 -26.95 -15.04
N ARG A 350 15.97 -27.75 -15.17
CA ARG A 350 16.22 -28.79 -14.18
C ARG A 350 16.79 -28.27 -12.88
N TYR A 351 17.12 -26.99 -12.79
CA TYR A 351 17.82 -26.44 -11.63
C TYR A 351 16.77 -25.86 -10.70
N ARG A 352 16.75 -26.36 -9.47
CA ARG A 352 15.65 -26.08 -8.56
C ARG A 352 15.55 -24.60 -8.24
N ALA A 353 14.33 -24.06 -8.33
CA ALA A 353 14.14 -22.66 -8.02
C ALA A 353 14.42 -22.38 -6.55
N GLU A 354 14.24 -23.38 -5.70
CA GLU A 354 14.53 -23.19 -4.29
C GLU A 354 16.00 -22.91 -4.10
N ASP A 355 16.85 -23.54 -4.92
CA ASP A 355 18.28 -23.30 -4.86
C ASP A 355 18.67 -21.96 -5.48
N ILE A 356 17.94 -21.51 -6.50
CA ILE A 356 18.14 -20.15 -6.99
C ILE A 356 17.93 -19.17 -5.85
N ARG A 357 16.86 -19.37 -5.10
CA ARG A 357 16.49 -18.42 -4.05
C ARG A 357 17.52 -18.42 -2.93
N ARG A 358 18.04 -19.60 -2.58
CA ARG A 358 19.09 -19.66 -1.57
C ARG A 358 20.35 -18.98 -2.07
N ASP A 359 20.66 -19.16 -3.36
CA ASP A 359 21.89 -18.60 -3.92
C ASP A 359 21.85 -17.09 -3.94
N CYS A 360 20.72 -16.52 -4.33
CA CYS A 360 20.55 -15.07 -4.44
C CYS A 360 20.15 -14.41 -3.13
N HIS A 361 20.05 -15.17 -2.04
CA HIS A 361 19.76 -14.60 -0.72
C HIS A 361 18.40 -13.93 -0.68
N LEU A 362 17.47 -14.47 -1.46
CA LEU A 362 16.10 -14.00 -1.52
C LEU A 362 15.18 -14.75 -0.59
N ILE A 363 15.74 -15.57 0.30
CA ILE A 363 15.00 -16.25 1.35
C ILE A 363 15.31 -15.54 2.66
N GLY A 364 14.28 -15.13 3.36
CA GLY A 364 14.44 -14.30 4.53
C GLY A 364 13.30 -13.31 4.63
N GLU A 365 13.53 -12.21 5.31
CA GLU A 365 12.52 -11.19 5.62
C GLU A 365 11.76 -10.71 4.41
N GLY A 366 10.58 -11.22 4.13
CA GLY A 366 9.72 -10.77 3.04
C GLY A 366 10.34 -10.94 1.66
N ARG A 367 11.50 -11.59 1.57
CA ARG A 367 12.22 -11.70 0.31
C ARG A 367 11.62 -12.82 -0.50
N ARG A 368 11.73 -12.69 -1.81
CA ARG A 368 11.13 -13.69 -2.68
C ARG A 368 11.83 -13.68 -4.02
N LEU A 369 11.61 -14.77 -4.75
CA LEU A 369 12.15 -14.95 -6.09
C LEU A 369 11.10 -14.67 -7.15
N THR A 370 9.99 -15.41 -7.10
CA THR A 370 8.90 -15.22 -8.05
C THR A 370 7.78 -14.42 -7.42
N GLY A 371 7.12 -13.65 -8.26
CA GLY A 371 5.92 -12.95 -7.91
C GLY A 371 4.69 -13.73 -8.32
N PRO A 372 3.64 -13.05 -8.78
CA PRO A 372 2.47 -13.77 -9.29
C PRO A 372 2.82 -14.81 -10.34
N GLN A 373 1.97 -15.83 -10.45
CA GLN A 373 2.25 -17.01 -11.23
C GLN A 373 1.20 -17.20 -12.32
N ILE A 374 1.59 -17.99 -13.34
CA ILE A 374 0.67 -18.45 -14.36
C ILE A 374 1.26 -19.71 -14.95
N ASN A 375 0.41 -20.53 -15.57
CA ASN A 375 0.80 -21.83 -16.09
C ASN A 375 0.75 -21.84 -17.61
N VAL A 376 1.77 -22.43 -18.22
CA VAL A 376 1.79 -22.68 -19.65
C VAL A 376 1.39 -24.09 -20.01
N ASP A 377 1.15 -24.94 -19.02
CA ASP A 377 0.78 -26.33 -19.24
C ASP A 377 -0.69 -26.50 -18.88
N VAL A 378 -1.50 -26.66 -19.90
CA VAL A 378 -2.94 -26.80 -19.78
C VAL A 378 -3.26 -28.26 -20.01
N TYR A 379 -4.25 -28.78 -19.29
CA TYR A 379 -4.63 -30.18 -19.45
C TYR A 379 -5.70 -30.15 -20.53
N THR A 380 -5.28 -30.49 -21.75
CA THR A 380 -6.14 -30.39 -22.91
C THR A 380 -6.80 -31.70 -23.30
N ASP A 381 -6.38 -32.82 -22.73
CA ASP A 381 -6.82 -34.12 -23.20
C ASP A 381 -8.02 -34.59 -22.38
N PRO A 382 -9.21 -34.77 -22.98
CA PRO A 382 -10.31 -35.39 -22.25
C PRO A 382 -9.95 -36.81 -21.83
N ILE A 383 -10.20 -37.12 -20.56
CA ILE A 383 -9.97 -38.44 -20.01
C ILE A 383 -11.28 -39.19 -20.05
N ALA A 384 -11.24 -40.41 -20.57
CA ALA A 384 -12.43 -41.20 -20.87
C ALA A 384 -12.60 -42.30 -19.84
N PHE A 385 -13.69 -42.22 -19.08
CA PHE A 385 -14.10 -43.32 -18.23
C PHE A 385 -15.28 -44.00 -18.93
N GLY A 386 -15.04 -45.20 -19.41
CA GLY A 386 -16.05 -45.90 -20.17
C GLY A 386 -16.45 -45.14 -21.42
N ASP A 387 -17.75 -44.86 -21.52
CA ASP A 387 -18.36 -44.29 -22.71
C ASP A 387 -18.40 -42.76 -22.66
N ALA A 388 -17.78 -42.13 -21.67
CA ALA A 388 -17.90 -40.69 -21.48
C ALA A 388 -16.57 -40.07 -21.09
N SER A 389 -16.20 -39.00 -21.79
CA SER A 389 -15.01 -38.21 -21.52
C SER A 389 -15.25 -37.19 -20.41
N GLY A 390 -14.15 -36.78 -19.79
CA GLY A 390 -14.15 -35.64 -18.90
C GLY A 390 -12.83 -34.89 -18.94
N ILE A 391 -12.86 -33.68 -18.40
CA ILE A 391 -11.69 -32.81 -18.32
C ILE A 391 -11.10 -32.93 -16.92
N ALA A 392 -9.78 -32.95 -16.85
CA ALA A 392 -9.08 -33.01 -15.57
C ALA A 392 -8.91 -31.61 -15.02
N ARG A 393 -9.47 -31.37 -13.84
CA ARG A 393 -9.43 -30.07 -13.20
C ARG A 393 -8.83 -30.24 -11.81
N VAL A 394 -8.06 -29.24 -11.40
CA VAL A 394 -7.12 -29.34 -10.30
C VAL A 394 -7.58 -28.39 -9.19
N VAL A 395 -7.84 -28.97 -8.01
CA VAL A 395 -8.41 -28.20 -6.91
C VAL A 395 -7.33 -27.41 -6.17
N SER A 396 -6.24 -28.07 -5.79
CA SER A 396 -5.09 -27.41 -5.20
C SER A 396 -3.82 -28.08 -5.69
N ALA A 397 -2.91 -27.29 -6.23
CA ALA A 397 -1.57 -27.76 -6.58
C ALA A 397 -0.48 -27.33 -5.61
N GLY A 398 -0.80 -26.56 -4.58
CA GLY A 398 0.21 -26.07 -3.68
C GLY A 398 -0.18 -24.80 -2.96
N PRO A 399 0.67 -24.33 -2.05
CA PRO A 399 0.35 -23.11 -1.32
C PRO A 399 0.34 -21.92 -2.26
N ALA A 400 -0.56 -20.98 -1.96
CA ALA A 400 -0.84 -19.89 -2.86
C ALA A 400 0.01 -18.69 -2.48
N ASP A 401 0.84 -18.24 -3.40
CA ASP A 401 1.67 -17.06 -3.25
C ASP A 401 1.05 -15.98 -4.10
N ASP A 402 0.81 -14.82 -3.46
CA ASP A 402 0.14 -13.67 -4.06
C ASP A 402 -1.00 -14.13 -4.97
N VAL A 403 -0.93 -13.93 -6.28
CA VAL A 403 -1.97 -14.35 -7.20
C VAL A 403 -1.37 -15.36 -8.17
N SER A 404 -2.18 -16.32 -8.56
CA SER A 404 -1.79 -17.31 -9.54
C SER A 404 -2.98 -17.59 -10.43
N LEU A 405 -2.78 -17.50 -11.73
CA LEU A 405 -3.81 -17.86 -12.69
C LEU A 405 -3.51 -19.25 -13.23
N MET A 406 -4.58 -19.98 -13.51
CA MET A 406 -4.46 -21.33 -14.05
C MET A 406 -5.37 -21.42 -15.27
N ILE A 407 -4.77 -21.60 -16.44
CA ILE A 407 -5.55 -21.70 -17.66
C ILE A 407 -6.09 -23.11 -17.77
N GLN A 408 -7.31 -23.21 -18.30
CA GLN A 408 -8.11 -24.41 -18.15
C GLN A 408 -9.11 -24.43 -19.28
N ARG A 409 -9.42 -25.63 -19.78
CA ARG A 409 -10.39 -25.76 -20.85
C ARG A 409 -11.75 -26.20 -20.32
N GLY A 410 -12.72 -26.24 -21.24
CA GLY A 410 -14.07 -26.65 -20.96
C GLY A 410 -14.39 -28.00 -21.59
N ASP A 411 -15.60 -28.46 -21.30
CA ASP A 411 -16.06 -29.71 -21.87
C ASP A 411 -16.31 -29.59 -23.37
N MET A 412 -16.54 -28.38 -23.86
CA MET A 412 -16.74 -28.10 -25.28
C MET A 412 -15.48 -27.55 -25.91
N ALA A 413 -15.28 -27.92 -27.16
CA ALA A 413 -14.10 -27.51 -27.93
C ALA A 413 -13.94 -25.99 -27.96
N ASP A 414 -12.69 -25.55 -27.99
CA ASP A 414 -12.31 -24.15 -28.18
C ASP A 414 -12.82 -23.26 -27.05
N ALA A 415 -13.07 -23.84 -25.87
CA ALA A 415 -13.59 -23.11 -24.72
C ALA A 415 -12.51 -23.04 -23.65
N LEU A 416 -12.28 -21.84 -23.13
CA LEU A 416 -11.28 -21.61 -22.10
C LEU A 416 -11.91 -20.94 -20.89
N THR A 417 -11.25 -21.12 -19.75
CA THR A 417 -11.72 -20.55 -18.50
C THR A 417 -10.51 -20.20 -17.65
N ILE A 418 -10.61 -19.11 -16.90
CA ILE A 418 -9.57 -18.68 -15.98
C ILE A 418 -9.98 -19.12 -14.60
N VAL A 419 -9.02 -19.61 -13.82
CA VAL A 419 -9.21 -19.88 -12.41
C VAL A 419 -8.19 -19.02 -11.67
N GLY A 420 -8.67 -17.99 -10.99
CA GLY A 420 -7.82 -17.26 -10.08
C GLY A 420 -7.60 -18.06 -8.81
N MET A 421 -6.36 -18.02 -8.31
CA MET A 421 -6.03 -18.66 -7.05
C MET A 421 -5.09 -17.75 -6.29
N ALA A 422 -5.50 -17.36 -5.09
CA ALA A 422 -4.81 -16.35 -4.31
C ALA A 422 -4.52 -16.84 -2.91
N ASN A 423 -3.65 -16.12 -2.24
CA ASN A 423 -3.37 -16.36 -0.83
C ASN A 423 -4.51 -15.82 0.01
N PRO A 424 -5.26 -16.66 0.74
CA PRO A 424 -6.47 -16.16 1.40
C PRO A 424 -6.20 -15.17 2.51
N ALA A 425 -4.96 -15.07 2.98
CA ALA A 425 -4.61 -14.11 4.01
C ALA A 425 -4.46 -12.69 3.47
N LEU A 426 -3.99 -12.54 2.23
CA LEU A 426 -3.82 -11.22 1.63
C LEU A 426 -4.99 -10.76 0.78
N TYR A 427 -5.89 -11.65 0.38
CA TYR A 427 -6.91 -11.35 -0.61
C TYR A 427 -8.25 -11.87 -0.15
N ARG A 428 -9.24 -10.98 -0.11
CA ARG A 428 -10.60 -11.41 0.10
C ARG A 428 -11.19 -11.92 -1.21
N PRO A 429 -12.23 -12.75 -1.16
CA PRO A 429 -12.76 -13.32 -2.40
C PRO A 429 -13.27 -12.30 -3.40
N HIS A 430 -13.81 -11.17 -2.95
CA HIS A 430 -14.26 -10.16 -3.91
C HIS A 430 -13.09 -9.41 -4.50
N GLU A 431 -12.01 -9.24 -3.73
CA GLU A 431 -10.80 -8.63 -4.27
C GLU A 431 -10.21 -9.48 -5.37
N LEU A 432 -10.21 -10.81 -5.18
CA LEU A 432 -9.72 -11.69 -6.23
C LEU A 432 -10.57 -11.59 -7.48
N ALA A 433 -11.89 -11.69 -7.32
CA ALA A 433 -12.79 -11.61 -8.47
C ALA A 433 -12.55 -10.33 -9.25
N ARG A 434 -12.24 -9.26 -8.53
CA ARG A 434 -12.04 -7.98 -9.18
C ARG A 434 -10.80 -8.00 -10.07
N TRP A 435 -9.70 -8.57 -9.58
CA TRP A 435 -8.48 -8.63 -10.39
C TRP A 435 -8.70 -9.45 -11.66
N ILE A 436 -9.43 -10.56 -11.54
CA ILE A 436 -9.71 -11.37 -12.71
C ILE A 436 -10.57 -10.57 -13.68
N GLU A 437 -11.51 -9.80 -13.16
CA GLU A 437 -12.36 -8.96 -14.00
C GLU A 437 -11.54 -7.89 -14.70
N ARG A 438 -10.66 -7.22 -13.95
CA ARG A 438 -9.74 -6.26 -14.52
C ARG A 438 -8.87 -6.91 -15.59
N PHE A 439 -8.36 -8.10 -15.31
CA PHE A 439 -7.39 -8.75 -16.18
C PHE A 439 -8.01 -9.15 -17.51
N VAL A 440 -9.15 -9.83 -17.48
CA VAL A 440 -9.84 -10.21 -18.72
C VAL A 440 -10.04 -9.01 -19.63
N ALA A 441 -10.43 -7.88 -19.05
CA ALA A 441 -10.66 -6.69 -19.85
C ALA A 441 -9.35 -6.15 -20.39
N PHE A 442 -8.27 -6.27 -19.60
CA PHE A 442 -6.96 -5.84 -20.06
C PHE A 442 -6.50 -6.70 -21.22
N THR A 443 -6.66 -8.02 -21.10
CA THR A 443 -6.26 -8.93 -22.17
C THR A 443 -6.99 -8.60 -23.46
N THR A 444 -8.33 -8.50 -23.38
CA THR A 444 -9.15 -8.10 -24.52
C THR A 444 -8.60 -6.87 -25.23
N ALA A 445 -8.12 -5.88 -24.47
CA ALA A 445 -7.52 -4.69 -25.06
C ALA A 445 -6.11 -4.97 -25.57
N PHE A 446 -5.41 -5.90 -24.93
CA PHE A 446 -4.02 -6.15 -25.25
C PHE A 446 -3.89 -6.75 -26.65
N VAL A 447 -4.82 -7.62 -27.02
CA VAL A 447 -4.74 -8.33 -28.30
C VAL A 447 -5.43 -7.58 -29.42
N ALA A 448 -5.93 -6.38 -29.14
CA ALA A 448 -6.62 -5.59 -30.14
C ALA A 448 -5.67 -5.15 -31.25
N ASP A 449 -4.61 -4.43 -30.89
CA ASP A 449 -3.57 -4.04 -31.82
C ASP A 449 -2.23 -4.59 -31.36
N PRO A 450 -1.56 -5.47 -32.12
CA PRO A 450 -0.19 -5.86 -31.75
C PRO A 450 0.79 -4.71 -31.69
N SER A 451 0.53 -3.64 -32.41
CA SER A 451 1.48 -2.53 -32.52
C SER A 451 1.26 -1.47 -31.45
N CYS A 452 0.29 -1.64 -30.56
CA CYS A 452 -0.04 -0.62 -29.56
C CYS A 452 0.85 -0.81 -28.32
N PRO A 453 1.46 0.25 -27.80
CA PRO A 453 2.22 0.12 -26.55
C PRO A 453 1.32 -0.06 -25.35
N VAL A 454 1.76 -0.92 -24.43
CA VAL A 454 1.00 -1.21 -23.23
C VAL A 454 0.74 0.05 -22.42
N GLY A 455 1.63 1.03 -22.50
CA GLY A 455 1.46 2.26 -21.76
C GLY A 455 0.21 3.05 -22.12
N ARG A 456 -0.47 2.67 -23.20
CA ARG A 456 -1.79 3.18 -23.51
C ARG A 456 -2.90 2.38 -22.86
N LEU A 457 -2.57 1.27 -22.22
CA LEU A 457 -3.54 0.38 -21.61
C LEU A 457 -3.62 0.66 -20.12
N ASP A 458 -4.83 0.59 -19.59
CA ASP A 458 -5.07 0.69 -18.15
C ASP A 458 -5.41 -0.70 -17.62
N ALA A 459 -4.76 -1.07 -16.53
CA ALA A 459 -5.13 -2.30 -15.84
C ALA A 459 -6.45 -2.13 -15.12
N TYR A 460 -6.64 -0.99 -14.48
CA TYR A 460 -7.78 -0.74 -13.62
C TYR A 460 -8.99 -0.30 -14.43
N LEU A 461 -10.13 -0.67 -13.94
CA LEU A 461 -11.42 -0.33 -14.53
C LEU A 461 -11.94 0.99 -14.00
N PRO A 462 -12.89 1.63 -14.71
CA PRO A 462 -13.38 2.95 -14.30
C PRO A 462 -13.83 3.04 -12.86
N GLY A 463 -14.49 2.00 -12.34
CA GLY A 463 -14.99 2.03 -10.98
C GLY A 463 -13.91 2.24 -9.93
N ASP A 464 -12.64 2.03 -10.30
CA ASP A 464 -11.53 2.05 -9.37
C ASP A 464 -10.94 3.44 -9.23
N GLY A 465 -11.44 4.42 -9.99
CA GLY A 465 -10.84 5.73 -10.08
C GLY A 465 -11.58 6.75 -9.24
N VAL A 466 -10.95 7.92 -9.11
CA VAL A 466 -11.45 9.00 -8.27
C VAL A 466 -11.62 10.24 -9.14
N GLU A 467 -12.69 10.97 -8.90
CA GLU A 467 -12.94 12.20 -9.65
C GLU A 467 -11.93 13.26 -9.26
N VAL A 468 -11.40 13.93 -10.27
CA VAL A 468 -10.40 14.97 -10.13
C VAL A 468 -11.06 16.32 -10.34
N HIS A 469 -10.56 17.32 -9.64
CA HIS A 469 -11.11 18.65 -9.75
C HIS A 469 -10.69 19.28 -11.07
N LEU A 470 -11.66 19.65 -11.88
CA LEU A 470 -11.42 20.31 -13.15
C LEU A 470 -11.42 21.83 -12.96
N PRO A 471 -10.46 22.57 -13.52
CA PRO A 471 -10.40 24.01 -13.25
C PRO A 471 -11.65 24.73 -13.73
N GLU A 472 -12.22 25.56 -12.84
CA GLU A 472 -13.32 26.45 -13.13
C GLU A 472 -12.90 27.89 -12.89
N PRO A 473 -13.36 28.87 -13.69
CA PRO A 473 -13.00 30.26 -13.40
C PRO A 473 -13.46 30.69 -12.01
N ALA A 474 -12.73 31.63 -11.44
CA ALA A 474 -13.09 32.22 -10.16
C ALA A 474 -14.01 33.40 -10.40
N LYS A 475 -15.16 33.40 -9.74
CA LYS A 475 -16.17 34.42 -10.00
C LYS A 475 -15.83 35.76 -9.38
N ARG A 476 -14.87 35.82 -8.46
CA ARG A 476 -14.44 37.07 -7.87
C ARG A 476 -13.45 37.78 -8.78
N SER A 477 -13.50 39.10 -8.74
CA SER A 477 -12.54 39.94 -9.42
C SER A 477 -12.05 41.03 -8.47
N LEU A 478 -10.74 41.24 -8.50
CA LEU A 478 -10.07 42.37 -7.87
C LEU A 478 -9.68 43.41 -8.91
N GLY A 479 -8.88 43.01 -9.87
CA GLY A 479 -8.42 43.90 -10.91
C GLY A 479 -7.65 43.11 -11.95
N ALA A 480 -6.85 43.82 -12.73
CA ALA A 480 -6.00 43.20 -13.74
C ALA A 480 -4.60 42.94 -13.20
N THR A 481 -3.89 43.99 -12.84
CA THR A 481 -2.56 43.90 -12.29
C THR A 481 -2.58 44.16 -10.79
N LEU A 482 -1.42 44.06 -10.17
CA LEU A 482 -1.28 44.32 -8.74
C LEU A 482 -1.36 45.80 -8.42
N VAL A 483 -0.95 46.67 -9.34
CA VAL A 483 -0.96 48.09 -9.06
C VAL A 483 -2.37 48.66 -9.18
N GLU A 484 -3.13 48.19 -10.16
CA GLU A 484 -4.54 48.59 -10.30
C GLU A 484 -5.31 48.31 -9.02
N VAL A 485 -5.10 47.14 -8.43
CA VAL A 485 -5.84 46.75 -7.24
C VAL A 485 -5.24 47.38 -5.99
N PHE A 486 -3.94 47.66 -5.97
CA PHE A 486 -3.37 48.35 -4.82
C PHE A 486 -3.78 49.80 -4.81
N GLU A 487 -3.63 50.49 -5.95
CA GLU A 487 -4.13 51.85 -6.09
C GLU A 487 -5.62 51.92 -5.80
N ARG A 488 -6.37 50.87 -6.14
CA ARG A 488 -7.78 50.83 -5.75
C ARG A 488 -7.94 51.02 -4.25
N ARG A 489 -7.02 50.46 -3.46
CA ARG A 489 -7.15 50.49 -2.01
C ARG A 489 -6.58 51.74 -1.37
N VAL A 490 -5.80 52.55 -2.09
CA VAL A 490 -5.35 53.80 -1.49
C VAL A 490 -6.48 54.82 -1.54
N ALA A 491 -7.22 54.84 -2.65
CA ALA A 491 -8.43 55.65 -2.77
C ALA A 491 -9.37 55.41 -1.60
N GLU A 492 -9.60 54.13 -1.28
CA GLU A 492 -10.69 53.78 -0.38
C GLU A 492 -10.38 54.13 1.06
N ARG A 493 -9.17 53.77 1.53
CA ARG A 493 -8.79 53.92 2.93
C ARG A 493 -7.33 54.35 3.01
N PRO A 494 -7.03 55.55 2.50
CA PRO A 494 -5.63 55.98 2.40
C PRO A 494 -4.92 56.11 3.72
N HIS A 495 -5.63 56.38 4.81
CA HIS A 495 -5.04 56.55 6.12
C HIS A 495 -5.12 55.30 6.98
N ALA A 496 -5.60 54.18 6.43
CA ALA A 496 -5.44 52.90 7.09
C ALA A 496 -3.97 52.49 7.10
N SER A 497 -3.56 51.81 8.16
CA SER A 497 -2.16 51.42 8.31
C SER A 497 -1.77 50.35 7.30
N ALA A 498 -0.50 50.38 6.88
CA ALA A 498 -0.01 49.57 5.78
C ALA A 498 1.11 48.64 6.20
N VAL A 499 2.21 49.20 6.65
CA VAL A 499 3.42 48.46 6.96
C VAL A 499 3.96 48.96 8.29
N THR A 500 4.53 48.04 9.04
CA THR A 500 5.11 48.33 10.34
C THR A 500 6.48 47.68 10.40
N LEU A 501 7.48 48.46 10.80
CA LEU A 501 8.81 47.96 11.06
C LEU A 501 9.27 48.56 12.37
N ASP A 502 9.47 47.69 13.35
CA ASP A 502 9.86 48.04 14.71
C ASP A 502 8.79 49.03 15.15
N HIS A 503 9.14 50.29 15.47
CA HIS A 503 8.20 51.30 15.93
C HIS A 503 7.51 52.16 14.89
N THR A 504 7.85 52.00 13.62
CA THR A 504 7.41 52.91 12.57
C THR A 504 6.27 52.30 11.78
N THR A 505 5.27 53.12 11.46
CA THR A 505 4.08 52.65 10.77
C THR A 505 3.71 53.69 9.72
N TRP A 506 3.26 53.21 8.56
CA TRP A 506 2.88 54.04 7.44
C TRP A 506 1.48 53.64 6.99
N ASP A 507 0.63 54.63 6.76
CA ASP A 507 -0.67 54.34 6.15
C ASP A 507 -0.48 54.13 4.65
N TYR A 508 -1.56 53.76 3.94
CA TYR A 508 -1.38 53.41 2.54
C TYR A 508 -0.91 54.62 1.73
N ALA A 509 -1.46 55.79 2.02
CA ALA A 509 -1.19 56.97 1.20
C ALA A 509 0.28 57.34 1.22
N GLU A 510 0.93 57.18 2.37
CA GLU A 510 2.36 57.46 2.43
C GLU A 510 3.14 56.40 1.69
N LEU A 511 2.77 55.13 1.86
CA LEU A 511 3.45 54.05 1.14
C LEU A 511 3.34 54.24 -0.36
N ASP A 512 2.16 54.65 -0.83
CA ASP A 512 1.97 54.83 -2.26
C ASP A 512 2.83 55.96 -2.79
N ALA A 513 2.92 57.05 -2.02
CA ALA A 513 3.66 58.22 -2.48
C ALA A 513 5.14 57.92 -2.54
N ARG A 514 5.68 57.28 -1.50
CA ARG A 514 7.09 56.90 -1.49
C ARG A 514 7.44 56.03 -2.69
N ALA A 515 6.56 55.09 -3.03
CA ALA A 515 6.81 54.22 -4.17
C ALA A 515 6.71 55.00 -5.48
N ASN A 516 5.72 55.89 -5.60
CA ASN A 516 5.57 56.67 -6.81
C ASN A 516 6.78 57.55 -7.04
N ARG A 517 7.36 58.08 -5.97
CA ARG A 517 8.55 58.91 -6.09
C ARG A 517 9.74 58.10 -6.57
N LEU A 518 9.96 56.93 -5.99
CA LEU A 518 11.08 56.09 -6.42
C LEU A 518 10.87 55.54 -7.82
N ALA A 519 9.63 55.43 -8.26
CA ALA A 519 9.35 54.94 -9.60
C ALA A 519 9.55 56.00 -10.68
N ARG A 520 9.42 57.28 -10.33
CA ARG A 520 9.86 58.31 -11.27
C ARG A 520 11.38 58.37 -11.34
N HIS A 521 12.05 58.06 -10.25
CA HIS A 521 13.51 58.07 -10.26
C HIS A 521 14.06 56.96 -11.13
N PHE A 522 13.43 55.79 -11.11
CA PHE A 522 13.84 54.71 -12.01
C PHE A 522 13.77 55.16 -13.46
N ALA A 523 12.73 55.89 -13.83
CA ALA A 523 12.55 56.27 -15.22
C ALA A 523 13.53 57.35 -15.65
N ALA A 524 14.06 58.12 -14.70
CA ALA A 524 15.16 59.02 -15.00
C ALA A 524 16.47 58.28 -15.17
N SER A 525 16.63 57.14 -14.49
CA SER A 525 17.92 56.49 -14.35
C SER A 525 18.19 55.42 -15.40
N THR A 526 17.21 55.03 -16.21
CA THR A 526 17.47 54.23 -17.40
C THR A 526 16.60 54.72 -18.55
N PRO A 527 17.11 54.73 -19.79
CA PRO A 527 16.23 55.00 -20.93
C PRO A 527 15.32 53.84 -21.29
N ALA A 528 15.63 52.63 -20.86
CA ALA A 528 14.89 51.47 -21.33
C ALA A 528 13.46 51.50 -20.84
N ARG A 529 12.58 50.87 -21.62
CA ARG A 529 11.16 50.89 -21.35
C ARG A 529 10.55 49.56 -21.75
N GLY A 530 9.30 49.37 -21.32
CA GLY A 530 8.60 48.13 -21.52
C GLY A 530 8.69 47.26 -20.30
N ASN A 531 8.46 45.98 -20.50
CA ASN A 531 8.57 45.05 -19.38
C ASN A 531 10.06 44.83 -19.17
N LEU A 532 10.56 45.31 -18.05
CA LEU A 532 11.97 45.29 -17.72
C LEU A 532 12.17 44.39 -16.52
N ARG A 533 13.40 44.32 -16.04
CA ARG A 533 13.73 43.49 -14.90
C ARG A 533 14.68 44.28 -14.01
N VAL A 534 14.35 44.34 -12.73
CA VAL A 534 15.05 45.17 -11.77
C VAL A 534 15.53 44.26 -10.65
N ALA A 535 16.84 44.16 -10.50
CA ALA A 535 17.40 43.31 -9.47
C ALA A 535 17.46 44.07 -8.15
N LEU A 536 17.16 43.36 -7.07
CA LEU A 536 17.05 43.95 -5.74
C LEU A 536 18.02 43.21 -4.84
N LEU A 537 19.03 43.91 -4.35
CA LEU A 537 19.92 43.40 -3.32
C LEU A 537 19.67 44.30 -2.13
N LEU A 538 18.90 43.82 -1.16
CA LEU A 538 18.43 44.68 -0.09
C LEU A 538 18.26 43.95 1.23
N PRO A 539 18.46 44.62 2.36
CA PRO A 539 18.02 44.08 3.63
C PRO A 539 16.51 44.10 3.72
N ARG A 540 15.99 43.44 4.74
CA ARG A 540 14.54 43.34 4.91
C ARG A 540 14.14 44.55 5.73
N THR A 541 13.53 45.53 5.06
CA THR A 541 13.26 46.84 5.62
C THR A 541 12.23 47.48 4.72
N LEU A 542 11.86 48.72 5.05
CA LEU A 542 10.80 49.38 4.30
C LEU A 542 11.30 49.85 2.94
N ASP A 543 12.60 50.10 2.81
CA ASP A 543 13.21 50.35 1.51
C ASP A 543 12.86 49.25 0.52
N ALA A 544 12.77 48.01 1.00
CA ALA A 544 12.52 46.86 0.14
C ALA A 544 11.04 46.77 -0.24
N ILE A 545 10.14 47.14 0.66
CA ILE A 545 8.73 47.22 0.29
C ILE A 545 8.51 48.30 -0.75
N VAL A 546 9.09 49.47 -0.53
CA VAL A 546 8.94 50.57 -1.48
C VAL A 546 9.51 50.17 -2.83
N ALA A 547 10.63 49.45 -2.81
CA ALA A 547 11.32 49.14 -4.05
C ALA A 547 10.55 48.13 -4.88
N ILE A 548 9.86 47.19 -4.22
CA ILE A 548 8.98 46.27 -4.93
C ILE A 548 7.87 47.04 -5.62
N LEU A 549 7.18 47.90 -4.87
CA LEU A 549 6.05 48.64 -5.43
C LEU A 549 6.50 49.57 -6.54
N ALA A 550 7.61 50.27 -6.32
CA ALA A 550 8.18 51.10 -7.37
C ALA A 550 8.40 50.30 -8.65
N THR A 551 9.10 49.17 -8.54
CA THR A 551 9.36 48.31 -9.69
C THR A 551 8.07 47.97 -10.43
N LEU A 552 7.03 47.61 -9.68
CA LEU A 552 5.78 47.16 -10.30
C LEU A 552 5.05 48.33 -10.93
N LYS A 553 5.08 49.50 -10.29
CA LYS A 553 4.45 50.68 -10.86
C LYS A 553 5.13 51.13 -12.14
N PHE A 554 6.41 50.81 -12.30
CA PHE A 554 7.21 51.27 -13.43
C PHE A 554 7.05 50.38 -14.66
N GLY A 555 6.25 49.32 -14.57
CA GLY A 555 6.03 48.44 -15.69
C GLY A 555 6.95 47.26 -15.73
N ALA A 556 7.63 46.97 -14.64
CA ALA A 556 8.79 46.10 -14.62
C ALA A 556 8.56 44.98 -13.63
N ALA A 557 9.54 44.08 -13.57
CA ALA A 557 9.53 42.94 -12.68
C ALA A 557 10.74 42.99 -11.76
N TYR A 558 10.54 42.59 -10.51
CA TYR A 558 11.56 42.63 -9.45
C TYR A 558 12.23 41.27 -9.35
N VAL A 559 13.54 41.26 -9.13
CA VAL A 559 14.36 40.06 -9.12
C VAL A 559 15.12 40.05 -7.80
N PRO A 560 14.60 39.41 -6.75
CA PRO A 560 15.23 39.51 -5.45
C PRO A 560 16.51 38.70 -5.35
N ILE A 561 17.43 39.21 -4.54
CA ILE A 561 18.68 38.54 -4.26
C ILE A 561 18.97 38.73 -2.78
N ASP A 562 19.42 37.68 -2.13
CA ASP A 562 19.67 37.78 -0.71
C ASP A 562 20.99 38.50 -0.46
N PRO A 563 21.04 39.51 0.42
CA PRO A 563 22.31 40.21 0.67
C PRO A 563 23.46 39.33 1.12
N ASP A 564 23.18 38.12 1.62
CA ASP A 564 24.23 37.20 2.07
C ASP A 564 24.58 36.14 1.02
N ALA A 565 23.97 36.20 -0.17
CA ALA A 565 24.23 35.21 -1.20
C ALA A 565 25.71 35.19 -1.57
N PRO A 566 26.21 34.09 -2.10
CA PRO A 566 27.60 34.09 -2.56
C PRO A 566 27.75 34.92 -3.81
N ALA A 567 28.87 35.65 -3.89
CA ALA A 567 29.05 36.69 -4.89
C ALA A 567 28.88 36.16 -6.31
N GLU A 568 29.20 34.88 -6.53
CA GLU A 568 29.02 34.32 -7.86
C GLU A 568 27.56 34.30 -8.27
N ARG A 569 26.65 34.15 -7.31
CA ARG A 569 25.25 34.01 -7.66
C ARG A 569 24.62 35.37 -7.96
N ILE A 570 25.00 36.39 -7.19
CA ILE A 570 24.59 37.76 -7.49
C ILE A 570 24.97 38.08 -8.92
N ARG A 571 26.25 37.90 -9.22
CA ARG A 571 26.81 38.08 -10.56
C ARG A 571 25.97 37.40 -11.63
N ALA A 572 25.60 36.15 -11.38
CA ALA A 572 24.97 35.33 -12.41
C ALA A 572 23.50 35.64 -12.58
N ILE A 573 22.80 35.97 -11.50
CA ILE A 573 21.42 36.42 -11.62
C ILE A 573 21.34 37.70 -12.43
N ILE A 574 22.16 38.69 -12.06
CA ILE A 574 22.11 39.99 -12.72
C ILE A 574 22.32 39.84 -14.22
N ASP A 575 23.30 39.02 -14.63
CA ASP A 575 23.53 38.82 -16.05
C ASP A 575 22.43 37.99 -16.69
N ASP A 576 21.75 37.15 -15.90
CA ASP A 576 20.78 36.23 -16.49
C ASP A 576 19.48 36.96 -16.81
N CYS A 577 19.10 37.94 -15.99
CA CYS A 577 17.89 38.70 -16.22
C CYS A 577 18.14 39.97 -17.01
N ASP A 578 19.39 40.29 -17.33
CA ASP A 578 19.76 41.52 -18.02
C ASP A 578 19.10 42.72 -17.34
N ALA A 579 19.50 42.93 -16.09
CA ALA A 579 18.89 43.95 -15.26
C ALA A 579 19.07 45.34 -15.87
N ALA A 580 17.97 46.04 -16.04
CA ALA A 580 18.03 47.44 -16.42
C ALA A 580 18.52 48.30 -15.26
N LEU A 581 18.28 47.86 -14.03
CA LEU A 581 18.67 48.59 -12.84
C LEU A 581 18.94 47.58 -11.74
N VAL A 582 19.86 47.94 -10.85
CA VAL A 582 20.19 47.15 -9.68
C VAL A 582 20.05 48.05 -8.46
N VAL A 583 19.14 47.69 -7.57
CA VAL A 583 18.72 48.55 -6.47
C VAL A 583 19.28 47.96 -5.19
N THR A 584 20.15 48.71 -4.52
CA THR A 584 20.87 48.22 -3.37
C THR A 584 21.12 49.37 -2.40
N THR A 585 21.95 49.11 -1.40
CA THR A 585 22.29 50.09 -0.38
C THR A 585 23.77 50.43 -0.48
N VAL A 586 24.21 51.38 0.36
CA VAL A 586 25.62 51.78 0.36
C VAL A 586 26.49 50.62 0.81
N ASP A 587 26.01 49.82 1.76
CA ASP A 587 26.84 48.78 2.33
C ASP A 587 26.92 47.59 1.38
N LEU A 588 25.82 47.31 0.68
CA LEU A 588 25.74 46.14 -0.18
C LEU A 588 26.22 46.41 -1.59
N ALA A 589 26.41 47.66 -1.98
CA ALA A 589 26.90 47.94 -3.32
C ALA A 589 28.26 47.31 -3.55
N SER A 590 29.05 47.16 -2.48
CA SER A 590 30.35 46.51 -2.55
C SER A 590 30.25 45.03 -2.89
N ARG A 591 29.06 44.49 -3.00
CA ARG A 591 28.89 43.05 -3.31
C ARG A 591 28.60 42.89 -4.78
N ILE A 592 28.73 43.94 -5.57
CA ILE A 592 28.41 43.95 -6.99
C ILE A 592 29.66 44.31 -7.77
N ASP A 593 29.91 43.57 -8.83
CA ASP A 593 31.05 43.84 -9.69
C ASP A 593 30.87 45.19 -10.37
N ALA A 594 31.96 45.74 -10.88
CA ALA A 594 31.84 46.83 -11.83
C ALA A 594 31.82 46.16 -13.20
N SER A 595 30.60 45.87 -13.65
CA SER A 595 30.34 45.23 -14.93
C SER A 595 29.70 46.14 -15.96
N GLY A 596 29.34 47.37 -15.61
CA GLY A 596 28.60 48.24 -16.50
C GLY A 596 27.13 48.39 -16.19
N ARG A 597 26.64 47.77 -15.12
CA ARG A 597 25.24 47.85 -14.77
C ARG A 597 24.94 49.17 -14.05
N ARG A 598 23.73 49.67 -14.27
CA ARG A 598 23.27 50.88 -13.60
C ARG A 598 22.77 50.53 -12.21
N LEU A 599 23.25 51.28 -11.21
CA LEU A 599 22.84 51.09 -9.82
C LEU A 599 22.01 52.26 -9.33
N VAL A 600 21.11 51.94 -8.40
CA VAL A 600 20.39 52.91 -7.60
C VAL A 600 20.66 52.56 -6.15
N VAL A 601 21.20 53.51 -5.40
CA VAL A 601 21.60 53.29 -4.02
C VAL A 601 20.67 54.10 -3.15
N LEU A 602 19.81 53.42 -2.40
CA LEU A 602 18.68 54.11 -1.79
C LEU A 602 19.09 54.91 -0.57
N ASP A 603 19.95 54.37 0.27
CA ASP A 603 20.33 55.05 1.51
C ASP A 603 21.45 56.05 1.29
N ALA A 604 21.86 56.26 0.06
CA ALA A 604 22.86 57.26 -0.23
C ALA A 604 22.22 58.64 -0.13
N PRO A 605 22.83 59.59 0.60
CA PRO A 605 22.13 60.85 0.89
C PRO A 605 21.69 61.62 -0.35
N ASP A 606 22.52 61.66 -1.39
CA ASP A 606 22.11 62.40 -2.58
C ASP A 606 20.96 61.70 -3.28
N THR A 607 20.93 60.37 -3.32
CA THR A 607 19.88 59.57 -4.02
C THR A 607 18.56 59.66 -3.25
N ARG A 608 18.72 59.72 -1.93
CA ARG A 608 17.67 59.83 -0.89
C ARG A 608 16.89 61.08 -1.16
N ALA A 609 17.61 62.14 -1.48
CA ALA A 609 17.08 63.50 -1.72
C ALA A 609 16.52 63.58 -3.12
N ALA A 610 17.18 63.00 -4.10
CA ALA A 610 16.71 63.08 -5.49
C ALA A 610 15.31 62.45 -5.57
N VAL A 611 14.99 61.47 -4.74
CA VAL A 611 13.67 60.83 -4.77
C VAL A 611 12.67 61.65 -3.99
N ALA A 612 13.06 62.13 -2.79
CA ALA A 612 12.17 62.93 -1.96
C ALA A 612 11.62 64.13 -2.73
N ALA A 613 12.44 64.71 -3.60
CA ALA A 613 12.06 65.84 -4.41
C ALA A 613 11.20 65.45 -5.60
N ALA A 614 11.05 64.15 -5.87
CA ALA A 614 10.30 63.71 -7.02
C ALA A 614 8.81 63.83 -6.80
N SER A 615 8.07 63.90 -7.90
CA SER A 615 6.62 63.92 -7.82
C SER A 615 6.11 62.60 -7.27
N ALA A 616 5.16 62.70 -6.35
CA ALA A 616 4.53 61.54 -5.73
C ALA A 616 3.31 61.06 -6.50
N ALA A 617 3.01 61.66 -7.64
CA ALA A 617 1.86 61.25 -8.41
C ALA A 617 2.08 59.85 -8.97
N PRO A 618 1.02 59.05 -9.16
CA PRO A 618 1.20 57.71 -9.68
C PRO A 618 1.61 57.74 -11.15
N PRO A 619 2.45 56.81 -11.59
CA PRO A 619 2.70 56.69 -13.03
C PRO A 619 1.45 56.38 -13.82
N SER A 620 0.45 55.78 -13.18
CA SER A 620 -0.81 55.50 -13.84
C SER A 620 -1.54 56.78 -14.23
N ARG A 621 -1.40 57.85 -13.45
CA ARG A 621 -1.96 59.14 -13.82
C ARG A 621 -1.50 59.60 -15.19
N ASP A 622 -0.34 59.12 -15.66
CA ASP A 622 0.20 59.43 -16.97
C ASP A 622 -0.08 58.35 -17.99
N GLY A 623 -0.79 57.28 -17.61
CA GLY A 623 -1.16 56.24 -18.53
C GLY A 623 -0.12 55.14 -18.70
N GLU A 624 0.80 55.01 -17.76
CA GLU A 624 1.89 54.05 -17.84
C GLU A 624 1.75 53.05 -16.71
N GLY A 625 1.71 51.77 -17.07
CA GLY A 625 1.74 50.72 -16.08
C GLY A 625 1.78 49.34 -16.68
N PRO A 626 1.91 48.33 -15.82
CA PRO A 626 1.93 46.95 -16.31
C PRO A 626 0.58 46.52 -16.85
N ARG A 627 0.63 45.53 -17.73
CA ARG A 627 -0.55 44.76 -18.12
C ARG A 627 -0.60 43.48 -17.31
N ALA A 628 -1.69 42.73 -17.48
CA ALA A 628 -1.90 41.57 -16.63
C ALA A 628 -0.99 40.42 -17.01
N ASP A 629 -0.64 40.30 -18.27
CA ASP A 629 0.21 39.22 -18.74
C ASP A 629 1.68 39.61 -18.73
N ASP A 630 2.01 40.83 -18.31
CA ASP A 630 3.38 41.22 -18.10
C ASP A 630 3.91 40.60 -16.81
N LEU A 631 5.22 40.52 -16.71
CA LEU A 631 5.84 39.91 -15.56
C LEU A 631 5.85 40.84 -14.35
N ALA A 632 5.90 40.21 -13.19
CA ALA A 632 5.91 40.86 -11.90
C ALA A 632 7.19 40.57 -11.13
N TYR A 633 7.55 39.31 -11.01
CA TYR A 633 8.81 38.94 -10.36
C TYR A 633 9.39 37.73 -11.01
N ILE A 634 10.63 37.48 -10.69
CA ILE A 634 11.35 36.30 -11.10
C ILE A 634 12.08 35.79 -9.86
N ILE A 635 11.70 34.61 -9.40
CA ILE A 635 12.31 33.97 -8.24
C ILE A 635 13.02 32.70 -8.71
N PHE A 636 14.19 32.46 -8.12
CA PHE A 636 15.09 31.39 -8.52
C PHE A 636 15.02 30.24 -7.53
N THR A 637 15.23 29.04 -8.05
CA THR A 637 15.16 27.79 -7.29
C THR A 637 16.51 27.10 -7.32
N SER A 638 16.55 25.91 -6.70
CA SER A 638 17.74 25.07 -6.66
C SER A 638 17.42 23.67 -7.16
N LYS A 643 22.29 23.81 -11.43
CA LYS A 643 22.29 25.26 -11.43
C LYS A 643 20.94 25.81 -10.97
N PRO A 644 20.88 27.10 -10.64
CA PRO A 644 19.60 27.69 -10.27
C PRO A 644 18.75 28.01 -11.49
N LYS A 645 17.45 27.84 -11.35
CA LYS A 645 16.49 28.10 -12.42
C LYS A 645 15.56 29.23 -12.00
N GLY A 646 15.39 30.21 -12.87
CA GLY A 646 14.49 31.31 -12.63
C GLY A 646 13.07 31.00 -13.09
N VAL A 647 12.09 31.51 -12.35
CA VAL A 647 10.68 31.23 -12.60
C VAL A 647 10.00 32.56 -12.88
N LYS A 648 9.37 32.67 -14.04
CA LYS A 648 8.78 33.93 -14.50
C LYS A 648 7.30 33.95 -14.14
N ILE A 649 6.92 34.88 -13.27
CA ILE A 649 5.54 35.02 -12.80
C ILE A 649 4.96 36.32 -13.33
N THR A 650 3.66 36.32 -13.54
CA THR A 650 2.91 37.45 -14.07
C THR A 650 1.99 38.01 -13.01
N HIS A 651 1.65 39.29 -13.19
CA HIS A 651 0.62 39.92 -12.39
C HIS A 651 -0.64 39.07 -12.30
N ARG A 652 -1.13 38.60 -13.45
CA ARG A 652 -2.33 37.78 -13.48
C ARG A 652 -2.20 36.57 -12.57
N ASN A 653 -1.07 35.87 -12.63
CA ASN A 653 -0.85 34.71 -11.78
C ASN A 653 -1.09 35.04 -10.32
N VAL A 654 -0.62 36.20 -9.87
CA VAL A 654 -0.64 36.49 -8.44
C VAL A 654 -2.03 36.90 -7.99
N VAL A 655 -2.68 37.81 -8.74
CA VAL A 655 -3.98 38.29 -8.31
C VAL A 655 -5.00 37.17 -8.44
N ARG A 656 -4.86 36.36 -9.50
CA ARG A 656 -5.63 35.13 -9.66
C ARG A 656 -5.71 34.34 -8.37
N LEU A 657 -4.54 34.12 -7.75
CA LEU A 657 -4.47 33.37 -6.50
C LEU A 657 -5.47 33.88 -5.50
N PHE A 658 -5.53 35.19 -5.32
CA PHE A 658 -6.37 35.76 -4.28
C PHE A 658 -7.84 35.80 -4.72
N GLU A 659 -8.08 36.08 -6.00
CA GLU A 659 -9.43 36.00 -6.55
C GLU A 659 -10.09 34.64 -6.31
N ALA A 660 -9.32 33.56 -6.39
CA ALA A 660 -9.87 32.21 -6.31
C ALA A 660 -9.94 31.66 -4.88
N THR A 661 -9.26 32.29 -3.93
CA THR A 661 -9.23 31.86 -2.54
C THR A 661 -10.17 32.61 -1.63
N ASP A 662 -10.88 33.62 -2.12
CA ASP A 662 -11.71 34.39 -1.21
C ASP A 662 -12.86 33.55 -0.70
N ALA A 663 -13.34 32.62 -1.53
CA ALA A 663 -14.42 31.72 -1.17
C ALA A 663 -14.20 31.06 0.20
N TRP A 664 -13.12 30.30 0.33
CA TRP A 664 -12.81 29.65 1.60
C TRP A 664 -12.08 30.53 2.60
N PHE A 665 -11.20 31.43 2.14
CA PHE A 665 -10.33 32.13 3.08
C PHE A 665 -11.03 33.33 3.70
N HIS A 666 -11.84 34.05 2.93
CA HIS A 666 -12.59 35.22 3.40
C HIS A 666 -11.67 36.36 3.87
N TYR A 667 -11.05 37.02 2.89
CA TYR A 667 -10.15 38.13 3.18
C TYR A 667 -10.85 39.29 3.84
N ARG A 668 -10.30 39.70 4.98
CA ARG A 668 -10.75 40.83 5.79
C ARG A 668 -9.78 41.99 5.61
N ASP A 669 -10.31 43.21 5.56
CA ASP A 669 -9.43 44.38 5.52
C ASP A 669 -8.84 44.72 6.89
N ASP A 670 -9.39 44.18 7.97
CA ASP A 670 -8.87 44.41 9.30
C ASP A 670 -7.91 43.32 9.73
N ASP A 671 -7.60 42.38 8.84
CA ASP A 671 -6.50 41.47 9.06
C ASP A 671 -5.19 42.23 9.14
N VAL A 672 -4.27 41.64 9.90
CA VAL A 672 -2.89 42.08 10.04
C VAL A 672 -1.98 40.87 9.85
N TRP A 673 -1.15 40.94 8.83
CA TRP A 673 -0.31 39.85 8.37
C TRP A 673 1.09 40.01 8.94
N THR A 674 1.93 39.03 8.67
CA THR A 674 3.29 38.96 9.17
C THR A 674 4.18 38.57 8.01
N MET A 675 5.28 39.29 7.83
CA MET A 675 6.27 38.91 6.82
C MET A 675 7.49 38.43 7.59
N CYS A 676 7.62 37.11 7.69
CA CYS A 676 8.74 36.46 8.36
C CYS A 676 9.75 35.85 7.41
N HIS A 677 9.49 35.87 6.11
CA HIS A 677 10.24 35.10 5.14
C HIS A 677 10.97 36.01 4.19
N ALA A 678 12.21 35.64 3.88
CA ALA A 678 13.03 36.37 2.93
C ALA A 678 12.22 36.64 1.66
N TYR A 679 12.58 37.71 0.99
CA TYR A 679 11.87 38.18 -0.23
C TYR A 679 12.31 37.36 -1.42
N VAL A 680 13.34 36.55 -1.28
CA VAL A 680 13.78 35.63 -2.33
C VAL A 680 12.93 34.37 -2.37
N PHE A 681 12.02 34.21 -1.41
CA PHE A 681 11.14 33.05 -1.32
C PHE A 681 9.71 33.51 -1.43
N ASP A 682 8.92 32.81 -2.25
CA ASP A 682 7.63 33.32 -2.67
C ASP A 682 6.59 33.31 -1.57
N ALA A 683 6.90 32.77 -0.39
CA ALA A 683 6.06 33.00 0.77
C ALA A 683 5.84 34.47 1.01
N SER A 684 6.88 35.28 0.80
CA SER A 684 6.82 36.70 1.07
C SER A 684 5.82 37.40 0.18
N VAL A 685 5.64 36.91 -1.05
CA VAL A 685 4.62 37.46 -1.93
C VAL A 685 3.24 37.24 -1.34
N TRP A 686 3.02 36.05 -0.79
N TRP A 686 3.01 36.07 -0.77
CA TRP A 686 1.73 35.72 -0.19
CA TRP A 686 1.71 35.76 -0.21
C TRP A 686 1.45 36.58 1.03
C TRP A 686 1.44 36.59 1.04
N GLU A 687 2.37 36.58 1.99
CA GLU A 687 2.15 37.32 3.22
C GLU A 687 2.26 38.82 3.02
N MET A 688 2.78 39.27 1.88
CA MET A 688 2.77 40.69 1.53
C MET A 688 1.43 41.10 0.93
N TRP A 689 1.14 40.59 -0.26
CA TRP A 689 -0.06 41.02 -0.98
C TRP A 689 -1.34 40.52 -0.32
N GLY A 690 -1.24 39.65 0.68
CA GLY A 690 -2.42 39.28 1.42
C GLY A 690 -3.00 40.47 2.14
N ALA A 691 -2.14 41.30 2.73
CA ALA A 691 -2.57 42.55 3.34
C ALA A 691 -2.86 43.63 2.30
N LEU A 692 -1.90 43.90 1.41
CA LEU A 692 -1.95 45.16 0.68
C LEU A 692 -2.93 45.16 -0.47
N LEU A 693 -3.42 44.01 -0.88
CA LEU A 693 -4.52 43.98 -1.83
C LEU A 693 -5.86 44.24 -1.15
N HIS A 694 -5.95 43.89 0.14
CA HIS A 694 -7.21 43.81 0.86
C HIS A 694 -7.47 44.88 1.91
N GLY A 695 -6.50 45.72 2.24
CA GLY A 695 -6.68 46.73 3.29
C GLY A 695 -6.08 46.42 4.64
N GLY A 696 -5.21 45.41 4.75
CA GLY A 696 -4.58 45.08 6.01
C GLY A 696 -3.24 45.77 6.19
N ARG A 697 -2.67 45.56 7.38
CA ARG A 697 -1.37 46.10 7.74
C ARG A 697 -0.35 44.97 7.86
N LEU A 698 0.73 45.10 7.11
CA LEU A 698 1.80 44.13 7.03
C LEU A 698 2.86 44.44 8.08
N VAL A 699 3.36 43.42 8.75
CA VAL A 699 4.39 43.60 9.75
C VAL A 699 5.66 42.95 9.22
N VAL A 700 6.63 43.79 8.88
CA VAL A 700 7.97 43.29 8.57
C VAL A 700 8.57 42.79 9.87
N VAL A 701 8.97 41.52 9.88
CA VAL A 701 9.65 40.92 11.01
C VAL A 701 11.14 40.85 10.66
N PRO A 702 12.02 41.53 11.40
CA PRO A 702 13.44 41.43 11.09
C PRO A 702 13.90 39.99 11.12
N PRO A 703 14.85 39.62 10.25
CA PRO A 703 15.38 38.26 10.31
C PRO A 703 16.12 37.95 11.60
N GLU A 704 16.51 38.96 12.37
CA GLU A 704 17.20 38.72 13.63
C GLU A 704 16.24 38.11 14.66
N THR A 705 15.00 38.61 14.71
CA THR A 705 14.01 38.13 15.65
C THR A 705 13.24 36.93 15.11
N THR A 706 13.32 36.63 13.81
CA THR A 706 12.56 35.52 13.29
C THR A 706 13.23 34.19 13.65
N ARG A 707 14.54 34.20 13.87
CA ARG A 707 15.28 33.01 14.20
C ARG A 707 15.37 32.79 15.71
N ALA A 708 14.71 33.64 16.50
CA ALA A 708 14.72 33.56 17.97
C ALA A 708 13.26 33.39 18.39
N PRO A 709 12.78 32.14 18.50
CA PRO A 709 11.32 31.93 18.60
C PRO A 709 10.65 32.61 19.78
N ASP A 710 11.37 32.87 20.87
CA ASP A 710 10.74 33.50 22.03
C ASP A 710 10.31 34.92 21.70
N ALA A 711 11.25 35.76 21.27
CA ALA A 711 10.93 37.16 21.00
C ALA A 711 9.90 37.28 19.89
N LEU A 712 9.90 36.32 18.96
CA LEU A 712 8.91 36.34 17.90
C LEU A 712 7.53 36.27 18.50
N LEU A 713 7.35 35.43 19.52
CA LEU A 713 6.06 35.30 20.16
C LEU A 713 5.69 36.58 20.90
N GLU A 714 6.65 37.16 21.60
CA GLU A 714 6.51 38.53 22.12
C GLU A 714 6.04 39.49 21.04
N LEU A 715 6.66 39.44 19.87
CA LEU A 715 6.39 40.46 18.84
C LEU A 715 5.02 40.25 18.20
N VAL A 716 4.59 39.00 18.05
CA VAL A 716 3.35 38.73 17.33
C VAL A 716 2.15 39.15 18.16
N VAL A 717 2.16 38.82 19.46
CA VAL A 717 1.06 39.25 20.33
C VAL A 717 1.11 40.77 20.51
N ARG A 718 2.29 41.32 20.79
CA ARG A 718 2.45 42.73 21.08
C ARG A 718 1.83 43.57 19.97
N GLU A 719 1.94 43.11 18.74
CA GLU A 719 1.53 43.87 17.58
C GLU A 719 0.13 43.45 17.12
N GLY A 720 -0.50 42.53 17.85
CA GLY A 720 -1.86 42.11 17.58
C GLY A 720 -2.06 41.46 16.23
N VAL A 721 -1.27 40.45 15.91
CA VAL A 721 -1.31 39.83 14.60
C VAL A 721 -2.52 38.91 14.51
N THR A 722 -3.02 38.71 13.29
CA THR A 722 -4.10 37.77 13.00
C THR A 722 -3.62 36.62 12.13
N VAL A 723 -3.11 36.92 10.95
CA VAL A 723 -2.64 35.91 10.01
C VAL A 723 -1.15 35.72 10.23
N PHE A 724 -0.73 34.47 10.36
CA PHE A 724 0.65 34.17 10.72
C PHE A 724 1.14 32.98 9.90
N GLY A 725 2.15 33.21 9.06
CA GLY A 725 2.78 32.13 8.33
C GLY A 725 4.01 31.58 9.04
N GLN A 726 4.22 30.27 8.86
CA GLN A 726 5.39 29.57 9.36
C GLN A 726 5.66 28.35 8.51
N ILE A 727 6.92 27.94 8.52
CA ILE A 727 7.36 26.70 7.89
C ILE A 727 7.33 25.64 8.99
N PRO A 728 6.80 24.42 8.73
CA PRO A 728 6.55 23.46 9.81
C PRO A 728 7.69 23.27 10.80
N SER A 729 8.93 23.15 10.32
CA SER A 729 10.06 23.01 11.23
C SER A 729 10.20 24.22 12.14
N ALA A 730 9.81 25.40 11.65
CA ALA A 730 9.90 26.61 12.46
C ALA A 730 8.78 26.65 13.49
N PHE A 731 7.59 26.20 13.10
CA PHE A 731 6.46 26.18 14.01
C PHE A 731 6.75 25.27 15.20
N TYR A 732 7.53 24.21 14.99
CA TYR A 732 7.87 23.32 16.09
C TYR A 732 8.76 24.02 17.10
N ARG A 733 9.72 24.81 16.62
CA ARG A 733 10.52 25.64 17.51
C ARG A 733 9.66 26.72 18.16
N PHE A 734 8.52 27.06 17.55
CA PHE A 734 7.66 28.12 18.02
C PHE A 734 6.81 27.65 19.19
N MET A 735 6.25 26.44 19.09
CA MET A 735 5.48 25.90 20.20
C MET A 735 6.36 25.67 21.42
N GLU A 736 7.60 25.24 21.19
CA GLU A 736 8.56 25.10 22.29
C GLU A 736 8.69 26.39 23.08
N ALA A 737 8.54 27.52 22.40
CA ALA A 737 8.54 28.82 23.08
C ALA A 737 7.18 29.11 23.69
N GLN A 738 6.08 28.78 22.99
CA GLN A 738 4.77 28.89 23.60
C GLN A 738 4.67 28.09 24.90
N ALA A 739 5.41 27.00 24.99
CA ALA A 739 5.42 26.21 26.21
C ALA A 739 5.97 27.02 27.38
N ASP A 740 7.19 27.51 27.23
CA ASP A 740 7.90 28.17 28.33
C ASP A 740 7.30 29.51 28.72
N HIS A 741 6.36 30.04 27.95
CA HIS A 741 5.78 31.37 28.17
C HIS A 741 4.27 31.26 28.06
N PRO A 742 3.61 30.72 29.09
CA PRO A 742 2.14 30.68 29.07
C PRO A 742 1.48 32.03 29.20
N ALA A 743 2.17 33.01 29.80
CA ALA A 743 1.66 34.38 29.85
C ALA A 743 1.26 34.87 28.46
N LEU A 744 2.12 34.62 27.48
CA LEU A 744 1.91 35.12 26.13
C LEU A 744 0.95 34.25 25.32
N ARG A 745 1.02 32.93 25.47
CA ARG A 745 0.32 32.06 24.52
C ARG A 745 -1.19 32.20 24.65
N GLN A 746 -1.68 32.59 25.83
CA GLN A 746 -3.10 32.84 26.02
C GLN A 746 -3.46 34.28 25.72
N ALA A 747 -2.51 35.09 25.30
CA ALA A 747 -2.76 36.47 24.88
C ALA A 747 -2.91 36.61 23.37
N LEU A 748 -2.70 35.51 22.64
CA LEU A 748 -2.76 35.50 21.16
C LEU A 748 -4.17 35.90 20.69
N ARG A 749 -4.34 36.10 19.39
CA ARG A 749 -5.64 36.44 18.76
C ARG A 749 -5.48 36.21 17.26
N LEU A 750 -5.17 34.98 16.86
CA LEU A 750 -4.86 34.61 15.45
C LEU A 750 -6.07 34.06 14.73
N ARG A 751 -6.52 34.76 13.69
CA ARG A 751 -7.56 34.27 12.81
C ARG A 751 -7.08 33.04 12.04
N TYR A 752 -5.78 32.95 11.76
CA TYR A 752 -5.22 31.83 11.03
C TYR A 752 -3.80 31.55 11.50
N GLN A 753 -3.43 30.28 11.34
CA GLN A 753 -2.09 29.77 11.58
C GLN A 753 -1.74 28.90 10.40
N CYS A 754 -0.71 29.28 9.65
CA CYS A 754 -0.48 28.76 8.32
C CYS A 754 0.85 28.04 8.22
N PHE A 755 0.93 27.13 7.26
CA PHE A 755 2.00 26.16 7.14
C PHE A 755 2.47 26.09 5.70
N GLY A 756 3.79 26.09 5.53
CA GLY A 756 4.44 26.38 4.26
C GLY A 756 4.93 25.18 3.49
N GLY A 757 6.07 25.38 2.83
CA GLY A 757 6.58 24.54 1.75
C GLY A 757 7.24 23.25 2.16
N GLU A 758 6.97 22.79 3.36
CA GLU A 758 7.30 21.45 3.81
C GLU A 758 6.00 20.70 4.01
N ALA A 759 6.09 19.48 4.51
CA ALA A 759 4.93 18.68 4.86
C ALA A 759 4.69 18.71 6.35
N LEU A 760 3.42 18.71 6.74
CA LEU A 760 3.06 18.66 8.14
C LEU A 760 3.13 17.25 8.68
N ASP A 761 3.50 17.16 9.97
CA ASP A 761 3.39 15.95 10.76
C ASP A 761 2.42 16.27 11.90
N PRO A 762 1.10 16.17 11.67
CA PRO A 762 0.13 16.59 12.69
C PRO A 762 0.33 15.97 14.07
N SER A 763 1.00 14.81 14.14
CA SER A 763 1.28 14.16 15.42
C SER A 763 1.87 15.14 16.43
N ARG A 764 2.66 16.08 15.96
CA ARG A 764 3.35 17.01 16.84
C ARG A 764 2.43 18.16 17.27
N LEU A 765 1.18 18.18 16.82
CA LEU A 765 0.24 19.26 17.14
C LEU A 765 -0.55 19.02 18.42
N LYS A 766 -0.32 17.90 19.12
CA LYS A 766 -1.09 17.55 20.31
C LYS A 766 -1.08 18.73 21.28
N PRO A 767 0.09 19.22 21.71
CA PRO A 767 0.09 20.27 22.74
C PRO A 767 -0.57 21.56 22.30
N TRP A 768 -0.77 21.76 20.99
CA TRP A 768 -1.31 23.02 20.50
C TRP A 768 -2.80 23.11 20.75
N PHE A 769 -3.53 22.03 20.50
CA PHE A 769 -4.95 21.99 20.82
C PHE A 769 -5.16 21.98 22.32
N ASP A 770 -4.19 21.51 23.10
CA ASP A 770 -4.28 21.60 24.54
C ASP A 770 -4.33 23.07 25.03
N TRP A 771 -4.09 24.02 24.13
CA TRP A 771 -4.05 25.44 24.40
C TRP A 771 -5.18 26.17 23.68
N HIS A 772 -5.12 26.16 22.35
CA HIS A 772 -5.98 26.99 21.47
C HIS A 772 -7.16 26.26 20.84
N ARG A 773 -7.63 25.16 21.42
CA ARG A 773 -8.80 24.45 20.88
C ARG A 773 -10.04 25.34 20.84
N ASP A 774 -10.24 26.14 21.88
CA ASP A 774 -11.39 27.04 21.99
C ASP A 774 -11.04 28.48 21.62
N SER A 775 -9.80 28.75 21.20
CA SER A 775 -9.41 30.11 20.85
C SER A 775 -10.12 30.60 19.60
N GLY A 776 -10.50 29.69 18.70
CA GLY A 776 -11.10 30.04 17.43
C GLY A 776 -10.11 30.08 16.29
N THR A 777 -8.82 30.00 16.59
CA THR A 777 -7.80 30.06 15.57
C THR A 777 -7.85 28.78 14.76
N ARG A 778 -8.00 28.87 13.45
CA ARG A 778 -7.91 27.66 12.64
C ARG A 778 -6.45 27.30 12.43
N LEU A 779 -6.24 26.18 11.73
CA LEU A 779 -4.93 25.74 11.28
C LEU A 779 -5.05 25.53 9.79
N LEU A 780 -4.28 26.28 9.01
CA LEU A 780 -4.37 26.19 7.53
C LEU A 780 -3.09 25.56 6.98
N ASN A 781 -3.22 24.41 6.31
CA ASN A 781 -2.09 23.77 5.63
C ASN A 781 -2.24 24.04 4.14
N MET A 782 -1.14 24.45 3.52
CA MET A 782 -1.16 24.84 2.12
C MET A 782 0.04 24.21 1.44
N TYR A 783 -0.21 23.35 0.45
CA TYR A 783 0.84 22.86 -0.42
C TYR A 783 0.99 23.79 -1.61
N GLY A 784 2.22 24.17 -1.90
CA GLY A 784 2.50 24.91 -3.11
C GLY A 784 3.87 24.62 -3.64
N ILE A 785 4.10 25.10 -4.84
CA ILE A 785 5.42 25.16 -5.45
C ILE A 785 5.55 26.43 -6.29
N THR A 786 6.75 27.03 -6.26
CA THR A 786 7.07 28.28 -6.93
C THR A 786 6.63 28.36 -8.38
N GLU A 787 6.39 27.24 -9.05
CA GLU A 787 6.03 27.25 -10.45
C GLU A 787 4.53 27.31 -10.67
N THR A 788 3.75 27.16 -9.59
CA THR A 788 2.30 27.20 -9.63
C THR A 788 1.77 28.41 -8.85
N THR A 789 2.60 29.45 -8.74
CA THR A 789 2.18 30.65 -8.02
C THR A 789 1.89 30.33 -6.55
N ILE A 790 2.97 30.28 -5.78
CA ILE A 790 3.00 30.13 -4.33
C ILE A 790 2.20 28.95 -3.75
N ASN A 791 0.89 28.82 -4.01
CA ASN A 791 0.12 27.75 -3.37
C ASN A 791 -0.91 27.12 -4.28
N ALA A 792 -1.00 25.77 -4.20
CA ALA A 792 -1.94 25.00 -5.00
C ALA A 792 -3.10 24.33 -4.25
N THR A 793 -3.09 24.25 -2.93
CA THR A 793 -4.08 23.44 -2.21
C THR A 793 -4.21 23.94 -0.79
N TYR A 794 -5.27 23.54 -0.13
CA TYR A 794 -5.51 23.92 1.28
C TYR A 794 -6.30 22.86 2.01
N ARG A 795 -5.92 22.69 3.25
CA ARG A 795 -6.67 21.89 4.19
C ARG A 795 -6.69 22.59 5.53
N PHE A 796 -7.86 22.61 6.16
CA PHE A 796 -7.96 23.02 7.55
C PHE A 796 -7.74 21.82 8.47
N ILE A 797 -6.70 21.92 9.29
CA ILE A 797 -6.37 20.88 10.26
C ILE A 797 -7.20 21.12 11.51
N ASP A 798 -8.04 20.16 11.86
CA ASP A 798 -8.86 20.22 13.06
C ASP A 798 -8.45 19.16 14.07
N GLU A 799 -9.14 19.16 15.21
CA GLU A 799 -8.83 18.27 16.32
C GLU A 799 -9.08 16.81 15.97
N ARG A 800 -9.88 16.53 14.95
CA ARG A 800 -10.14 15.15 14.59
C ARG A 800 -8.91 14.51 13.94
N ASP A 801 -8.35 15.17 12.92
CA ASP A 801 -7.36 14.52 12.07
C ASP A 801 -5.93 14.65 12.59
N VAL A 802 -5.73 15.21 13.78
CA VAL A 802 -4.39 15.22 14.39
C VAL A 802 -3.94 13.82 14.74
N ASP A 803 -4.78 13.06 15.44
CA ASP A 803 -4.41 11.77 16.01
C ASP A 803 -4.84 10.57 15.18
N THR A 804 -5.57 10.78 14.10
CA THR A 804 -5.88 9.68 13.18
C THR A 804 -4.65 9.28 12.36
N GLY A 805 -3.80 10.24 12.01
CA GLY A 805 -2.57 9.97 11.31
C GLY A 805 -2.77 9.39 9.93
N ARG A 806 -3.51 10.08 9.07
CA ARG A 806 -3.73 9.67 7.69
C ARG A 806 -2.59 10.08 6.79
N GLY A 807 -1.53 10.68 7.34
CA GLY A 807 -0.42 11.22 6.58
C GLY A 807 -0.49 12.73 6.55
N SER A 808 0.45 13.31 5.81
CA SER A 808 0.38 14.74 5.55
C SER A 808 -0.74 14.96 4.55
N LEU A 809 -1.75 15.71 4.94
CA LEU A 809 -2.94 15.92 4.13
C LEU A 809 -2.96 17.35 3.66
N ILE A 810 -2.94 17.51 2.33
CA ILE A 810 -2.85 18.81 1.70
C ILE A 810 -4.19 19.29 1.19
N GLY A 811 -5.27 18.55 1.42
CA GLY A 811 -6.59 19.02 1.10
C GLY A 811 -6.97 18.99 -0.36
N GLU A 812 -7.67 20.02 -0.82
CA GLU A 812 -8.25 20.04 -2.15
C GLU A 812 -7.83 21.29 -2.91
N VAL A 813 -8.08 21.23 -4.21
CA VAL A 813 -7.48 22.15 -5.16
C VAL A 813 -8.26 23.46 -5.19
N TYR A 814 -7.52 24.55 -5.35
CA TYR A 814 -8.04 25.88 -5.59
C TYR A 814 -8.95 25.88 -6.82
N ALA A 815 -9.96 26.75 -6.80
CA ALA A 815 -11.06 26.69 -7.77
C ALA A 815 -10.56 26.66 -9.20
N ASP A 816 -9.60 27.52 -9.53
CA ASP A 816 -9.15 27.67 -10.91
C ASP A 816 -7.93 26.82 -11.25
N LEU A 817 -7.49 25.95 -10.34
CA LEU A 817 -6.40 25.03 -10.59
C LEU A 817 -6.95 23.62 -10.84
N GLY A 818 -6.04 22.71 -11.15
CA GLY A 818 -6.36 21.30 -11.17
C GLY A 818 -5.11 20.49 -10.93
N ILE A 819 -5.28 19.28 -10.41
CA ILE A 819 -4.18 18.35 -10.17
C ILE A 819 -4.67 16.96 -10.54
N VAL A 820 -3.86 16.26 -11.32
CA VAL A 820 -4.06 14.85 -11.59
C VAL A 820 -2.83 14.10 -11.12
N VAL A 821 -3.05 12.85 -10.71
CA VAL A 821 -2.01 11.95 -10.24
C VAL A 821 -1.86 10.87 -11.29
N LEU A 822 -0.64 10.68 -11.79
CA LEU A 822 -0.43 9.86 -12.97
C LEU A 822 0.69 8.87 -12.74
N ASP A 823 0.58 7.73 -13.43
CA ASP A 823 1.61 6.71 -13.39
C ASP A 823 2.72 7.04 -14.37
N ASP A 824 3.69 6.14 -14.47
CA ASP A 824 4.85 6.38 -15.31
C ASP A 824 4.52 6.30 -16.81
N ALA A 825 3.29 5.89 -17.17
CA ALA A 825 2.81 5.94 -18.53
C ALA A 825 1.93 7.16 -18.80
N LEU A 826 1.80 8.01 -17.80
CA LEU A 826 1.00 9.24 -17.90
C LEU A 826 -0.49 8.91 -17.87
N ARG A 827 -0.87 7.74 -17.35
CA ARG A 827 -2.27 7.43 -17.12
C ARG A 827 -2.68 7.73 -15.69
N PRO A 828 -3.96 8.02 -15.43
CA PRO A 828 -4.40 8.20 -14.04
C PRO A 828 -4.29 6.92 -13.23
N VAL A 829 -3.93 7.09 -11.98
CA VAL A 829 -3.78 5.96 -11.07
C VAL A 829 -5.11 5.73 -10.37
N PRO A 830 -5.38 4.54 -9.87
CA PRO A 830 -6.64 4.28 -9.19
C PRO A 830 -6.62 4.84 -7.78
N ALA A 831 -7.71 4.59 -7.07
CA ALA A 831 -7.85 5.07 -5.71
C ALA A 831 -6.81 4.43 -4.80
N GLY A 832 -6.11 5.27 -4.05
CA GLY A 832 -5.20 4.78 -3.04
C GLY A 832 -3.87 4.30 -3.57
N ALA A 833 -3.34 4.98 -4.60
CA ALA A 833 -2.12 4.54 -5.27
C ALA A 833 -1.18 5.72 -5.45
N TYR A 834 0.11 5.43 -5.42
CA TYR A 834 1.13 6.43 -5.64
C TYR A 834 1.14 6.92 -7.08
N GLY A 835 1.51 8.19 -7.24
CA GLY A 835 1.73 8.77 -8.55
C GLY A 835 2.44 10.08 -8.38
N GLU A 836 2.75 10.71 -9.52
CA GLU A 836 3.29 12.06 -9.53
C GLU A 836 2.18 13.05 -9.83
N MET A 837 2.25 14.21 -9.19
CA MET A 837 1.25 15.26 -9.37
C MET A 837 1.63 16.16 -10.52
N TYR A 838 0.66 16.41 -11.39
CA TYR A 838 0.77 17.33 -12.51
C TYR A 838 -0.26 18.42 -12.31
N VAL A 839 0.19 19.67 -12.28
CA VAL A 839 -0.66 20.80 -11.95
C VAL A 839 -1.13 21.46 -13.24
N THR A 840 -2.40 21.26 -13.57
CA THR A 840 -3.07 21.93 -14.67
C THR A 840 -3.81 23.11 -14.05
N GLY A 841 -3.68 24.28 -14.65
CA GLY A 841 -4.35 25.44 -14.09
C GLY A 841 -3.86 26.72 -14.71
N ALA A 842 -4.29 27.83 -14.12
CA ALA A 842 -3.92 29.16 -14.55
C ALA A 842 -2.92 29.83 -13.62
N GLY A 843 -2.43 29.11 -12.62
CA GLY A 843 -1.35 29.58 -11.78
C GLY A 843 0.01 29.19 -12.30
N LEU A 844 0.08 28.67 -13.51
CA LEU A 844 1.34 28.21 -14.07
C LEU A 844 2.17 29.39 -14.55
N ALA A 845 3.43 29.40 -14.14
CA ALA A 845 4.36 30.43 -14.53
C ALA A 845 4.50 30.46 -16.04
N GLN A 846 4.82 31.64 -16.57
CA GLN A 846 5.11 31.77 -18.00
C GLN A 846 6.19 30.79 -18.44
N GLY A 847 7.09 30.43 -17.54
CA GLY A 847 8.14 29.46 -17.85
C GLY A 847 9.39 29.74 -17.08
N TYR A 848 10.50 29.13 -17.46
CA TYR A 848 11.82 29.34 -16.82
C TYR A 848 12.53 30.46 -17.58
N LEU A 849 13.41 31.18 -16.89
CA LEU A 849 14.14 32.34 -17.45
C LEU A 849 15.27 31.86 -18.36
N ASN A 850 15.19 32.09 -19.67
CA ASN A 850 16.23 31.74 -20.68
C ASN A 850 16.50 30.23 -20.74
N ARG A 851 15.66 29.37 -20.17
CA ARG A 851 15.77 27.93 -20.33
C ARG A 851 14.50 27.38 -20.97
N PRO A 852 14.35 27.48 -22.30
CA PRO A 852 13.19 26.84 -22.94
C PRO A 852 13.20 25.34 -22.82
N ASP A 853 14.39 24.73 -22.80
CA ASP A 853 14.48 23.29 -22.67
C ASP A 853 13.82 22.79 -21.39
N LEU A 854 13.83 23.60 -20.34
CA LEU A 854 13.11 23.25 -19.13
C LEU A 854 11.62 23.53 -19.27
N ASP A 855 11.25 24.62 -19.94
CA ASP A 855 9.84 24.85 -20.26
C ASP A 855 9.24 23.64 -20.95
N ALA A 856 10.04 22.93 -21.75
CA ALA A 856 9.51 21.85 -22.58
C ALA A 856 9.37 20.53 -21.84
N VAL A 857 10.24 20.25 -20.86
CA VAL A 857 10.15 19.02 -20.08
C VAL A 857 9.52 19.20 -18.71
N ARG A 858 9.18 20.43 -18.32
CA ARG A 858 8.52 20.68 -17.04
C ARG A 858 7.10 21.17 -17.26
N PHE A 859 6.92 22.26 -18.01
CA PHE A 859 5.60 22.71 -18.41
C PHE A 859 5.30 22.03 -19.74
N VAL A 860 4.43 21.03 -19.71
CA VAL A 860 4.25 20.13 -20.83
C VAL A 860 2.81 20.16 -21.28
N ALA A 861 2.60 19.65 -22.49
CA ALA A 861 1.27 19.58 -23.07
C ALA A 861 0.33 18.86 -22.11
N ASN A 862 -0.92 19.30 -22.11
CA ASN A 862 -1.92 18.81 -21.17
C ASN A 862 -2.99 18.04 -21.92
N PRO A 863 -3.06 16.72 -21.79
CA PRO A 863 -4.17 15.99 -22.42
C PRO A 863 -5.50 16.25 -21.72
N TYR A 864 -5.48 16.55 -20.43
CA TYR A 864 -6.72 16.76 -19.67
C TYR A 864 -6.91 18.27 -19.57
N GLY A 865 -7.72 18.82 -20.46
CA GLY A 865 -8.00 20.23 -20.47
C GLY A 865 -8.12 20.82 -21.86
N PRO A 866 -8.22 22.15 -21.94
CA PRO A 866 -8.44 22.80 -23.23
C PRO A 866 -7.24 22.67 -24.15
N ALA A 867 -7.49 22.92 -25.43
CA ALA A 867 -6.62 22.51 -26.53
C ALA A 867 -5.14 22.76 -26.28
N GLY A 868 -4.74 24.03 -26.20
CA GLY A 868 -3.33 24.38 -26.13
C GLY A 868 -2.80 24.60 -24.73
N THR A 869 -3.56 24.20 -23.70
CA THR A 869 -3.09 24.41 -22.34
C THR A 869 -1.99 23.40 -22.04
N ARG A 870 -1.21 23.68 -21.01
CA ARG A 870 -0.08 22.83 -20.62
C ARG A 870 -0.12 22.44 -19.16
N MET A 871 0.59 21.37 -18.79
CA MET A 871 0.64 20.91 -17.38
C MET A 871 2.10 20.89 -16.94
N TYR A 872 2.27 21.01 -15.63
CA TYR A 872 3.53 21.22 -14.91
C TYR A 872 3.86 19.97 -14.12
N ARG A 873 5.05 19.41 -14.34
CA ARG A 873 5.57 18.33 -13.53
C ARG A 873 6.09 18.86 -12.20
N SER A 874 5.46 18.44 -11.11
CA SER A 874 6.01 18.72 -9.80
C SER A 874 7.17 17.80 -9.48
N GLY A 875 7.06 16.53 -9.83
CA GLY A 875 7.98 15.54 -9.36
C GLY A 875 7.78 15.16 -7.92
N ASP A 876 6.67 15.58 -7.32
CA ASP A 876 6.29 15.22 -5.97
C ASP A 876 5.30 14.07 -6.01
N VAL A 877 5.47 13.13 -5.11
CA VAL A 877 4.66 11.93 -5.09
C VAL A 877 3.42 12.18 -4.23
N ALA A 878 2.32 11.56 -4.63
CA ALA A 878 1.05 11.76 -3.96
C ALA A 878 0.22 10.51 -4.07
N ARG A 879 -0.73 10.38 -3.13
CA ARG A 879 -1.78 9.39 -3.19
C ARG A 879 -3.08 10.13 -3.40
N LEU A 880 -4.04 9.48 -4.05
CA LEU A 880 -5.39 10.06 -4.24
C LEU A 880 -6.34 9.17 -3.46
N HIS A 881 -6.90 9.65 -2.36
CA HIS A 881 -7.82 8.84 -1.58
C HIS A 881 -9.25 8.95 -2.14
N PRO A 882 -10.10 7.93 -1.91
CA PRO A 882 -11.38 7.87 -2.64
C PRO A 882 -12.31 9.04 -2.43
N ASP A 883 -12.19 9.75 -1.30
CA ASP A 883 -13.04 10.91 -1.06
C ASP A 883 -12.59 12.14 -1.82
N GLY A 884 -11.36 12.15 -2.33
CA GLY A 884 -10.84 13.26 -3.13
C GLY A 884 -9.80 14.10 -2.45
N VAL A 885 -9.38 13.76 -1.24
CA VAL A 885 -8.28 14.46 -0.58
C VAL A 885 -6.97 13.87 -1.10
N LEU A 886 -5.95 14.73 -1.17
CA LEU A 886 -4.62 14.34 -1.60
C LEU A 886 -3.70 14.21 -0.40
N GLU A 887 -2.93 13.13 -0.38
CA GLU A 887 -1.87 12.92 0.60
C GLU A 887 -0.53 13.17 -0.06
N TYR A 888 0.24 14.09 0.47
CA TYR A 888 1.58 14.40 -0.04
C TYR A 888 2.52 13.35 0.50
N VAL A 889 3.26 12.63 -0.33
CA VAL A 889 4.17 11.58 0.15
C VAL A 889 5.61 12.04 0.11
N GLY A 890 6.00 12.88 -0.84
CA GLY A 890 7.39 13.34 -0.89
C GLY A 890 7.88 13.53 -2.29
N ARG A 891 9.04 14.16 -2.44
CA ARG A 891 9.70 14.40 -3.74
C ARG A 891 10.47 13.14 -4.07
N ALA A 892 10.28 12.62 -5.27
CA ALA A 892 10.81 11.34 -5.69
C ALA A 892 12.30 11.39 -5.97
N ASP A 893 12.83 12.56 -6.34
CA ASP A 893 14.27 12.75 -6.44
C ASP A 893 14.98 12.24 -5.20
N GLN A 894 14.39 12.50 -4.03
CA GLN A 894 15.05 12.28 -2.76
C GLN A 894 14.68 10.93 -2.13
N GLN A 895 13.85 10.12 -2.79
CA GLN A 895 13.51 8.83 -2.25
C GLN A 895 14.68 7.89 -2.43
N VAL A 896 15.08 7.27 -1.33
CA VAL A 896 16.32 6.50 -1.26
C VAL A 896 15.98 5.02 -1.25
N LYS A 897 17.01 4.18 -1.24
CA LYS A 897 16.85 2.75 -1.16
C LYS A 897 17.89 2.21 -0.20
N VAL A 898 17.42 1.58 0.88
CA VAL A 898 18.28 0.90 1.83
C VAL A 898 18.31 -0.53 1.33
N ARG A 899 18.87 -1.46 2.11
CA ARG A 899 18.90 -2.83 1.66
C ARG A 899 17.47 -3.28 1.41
N GLY A 900 17.18 -3.64 0.16
CA GLY A 900 15.95 -4.27 -0.22
C GLY A 900 14.76 -3.34 -0.39
N TYR A 901 14.78 -2.16 0.20
CA TYR A 901 13.58 -1.35 0.40
C TYR A 901 13.81 0.11 0.04
N ARG A 902 12.84 0.67 -0.70
CA ARG A 902 12.77 2.09 -0.97
C ARG A 902 11.96 2.79 0.10
N ILE A 903 12.49 3.88 0.65
CA ILE A 903 11.87 4.55 1.77
C ILE A 903 11.94 6.06 1.62
N GLU A 904 10.79 6.70 1.81
CA GLU A 904 10.70 8.14 1.95
C GLU A 904 11.21 8.61 3.30
N LEU A 905 12.17 9.54 3.28
CA LEU A 905 12.77 10.03 4.51
C LEU A 905 11.77 10.74 5.41
N GLY A 906 10.64 11.19 4.86
CA GLY A 906 9.70 11.97 5.63
C GLY A 906 8.78 11.12 6.48
N GLU A 907 8.53 9.89 6.07
CA GLU A 907 7.81 8.96 6.93
C GLU A 907 8.66 8.58 8.14
N VAL A 908 9.98 8.55 7.98
CA VAL A 908 10.86 8.18 9.08
C VAL A 908 11.00 9.33 10.05
N GLU A 909 11.26 10.54 9.54
CA GLU A 909 11.35 11.72 10.39
C GLU A 909 10.10 11.91 11.23
N ALA A 910 8.97 11.38 10.78
CA ALA A 910 7.75 11.40 11.58
C ALA A 910 7.81 10.39 12.70
N ARG A 911 8.25 9.16 12.38
CA ARG A 911 8.38 8.10 13.37
C ARG A 911 9.20 8.52 14.57
N LEU A 912 10.13 9.45 14.38
CA LEU A 912 10.97 9.92 15.48
C LEU A 912 10.36 11.07 16.25
N ARG A 913 9.32 11.73 15.72
CA ARG A 913 8.65 12.78 16.48
C ARG A 913 7.61 12.20 17.42
N GLU A 914 7.25 10.93 17.25
CA GLU A 914 6.32 10.30 18.18
C GLU A 914 6.95 10.11 19.55
N TYR A 915 8.24 9.79 19.59
CA TYR A 915 8.95 9.68 20.86
C TYR A 915 8.87 11.03 21.57
N ALA A 916 8.37 11.00 22.81
CA ALA A 916 7.88 12.18 23.50
C ALA A 916 8.88 13.34 23.51
N PRO A 917 10.09 13.18 24.05
CA PRO A 917 11.02 14.32 24.08
C PRO A 917 11.49 14.78 22.71
N VAL A 918 11.28 14.01 21.64
CA VAL A 918 11.68 14.47 20.33
C VAL A 918 10.74 15.57 19.86
N SER A 919 11.32 16.72 19.50
CA SER A 919 10.56 17.84 18.94
C SER A 919 10.56 17.79 17.41
N ASP A 920 11.74 17.88 16.80
CA ASP A 920 11.88 17.79 15.35
C ASP A 920 13.11 16.94 15.04
N ALA A 921 13.24 16.52 13.78
CA ALA A 921 14.34 15.68 13.37
C ALA A 921 14.53 15.80 11.87
N VAL A 922 15.69 15.34 11.42
CA VAL A 922 16.01 15.27 10.00
C VAL A 922 16.85 14.01 9.77
N VAL A 923 16.64 13.36 8.63
CA VAL A 923 17.36 12.16 8.25
C VAL A 923 18.13 12.45 6.98
N SER A 924 19.40 12.08 6.96
CA SER A 924 20.27 12.15 5.79
C SER A 924 20.73 10.74 5.45
N VAL A 925 21.61 10.64 4.46
CA VAL A 925 22.14 9.37 4.02
C VAL A 925 23.64 9.48 3.78
N ARG A 926 24.33 8.36 3.96
CA ARG A 926 25.76 8.30 3.70
C ARG A 926 26.12 6.87 3.31
N ARG A 927 27.29 6.72 2.70
CA ARG A 927 27.78 5.43 2.23
C ARG A 927 28.66 4.83 3.32
N ASP A 928 28.22 3.70 3.86
CA ASP A 928 28.90 2.96 4.95
C ASP A 928 30.18 2.26 4.48
N ALA A 929 31.27 2.49 5.22
CA ALA A 929 32.56 1.77 5.09
C ALA A 929 32.81 1.57 3.61
N VAL A 930 32.92 0.31 3.21
CA VAL A 930 32.99 -0.04 1.76
C VAL A 930 31.68 -0.78 1.53
N GLY A 931 30.56 -0.06 1.64
CA GLY A 931 29.23 -0.66 1.53
C GLY A 931 28.27 0.18 0.72
N ASP A 932 27.01 -0.24 0.67
CA ASP A 932 26.03 0.40 -0.21
C ASP A 932 25.51 1.70 0.38
N VAL A 933 24.67 1.62 1.39
CA VAL A 933 23.94 2.80 1.91
C VAL A 933 23.59 2.52 3.36
N GLN A 934 23.41 3.59 4.13
CA GLN A 934 22.81 3.52 5.46
C GLN A 934 22.23 4.88 5.80
N LEU A 935 21.34 4.89 6.79
CA LEU A 935 20.63 6.09 7.20
C LEU A 935 21.26 6.66 8.47
N VAL A 936 21.20 7.98 8.60
CA VAL A 936 21.70 8.66 9.79
C VAL A 936 20.77 9.82 10.11
N ALA A 937 20.50 10.01 11.40
CA ALA A 937 19.51 10.96 11.88
C ALA A 937 20.14 12.00 12.78
N HIS A 938 19.60 13.21 12.74
CA HIS A 938 19.98 14.30 13.63
C HIS A 938 18.72 14.79 14.31
N VAL A 939 18.64 14.58 15.62
CA VAL A 939 17.44 14.91 16.39
C VAL A 939 17.78 16.06 17.33
N VAL A 940 16.76 16.84 17.66
CA VAL A 940 16.87 17.95 18.61
C VAL A 940 15.93 17.68 19.77
N ALA A 941 16.43 17.88 20.98
CA ALA A 941 15.65 17.65 22.18
C ALA A 941 14.90 18.92 22.55
N ARG A 942 14.12 18.82 23.64
CA ARG A 942 13.31 19.93 24.12
C ARG A 942 13.56 20.17 25.60
N ARG A 943 13.28 19.16 26.45
CA ARG A 943 13.47 19.29 27.89
C ARG A 943 13.12 17.98 28.60
N VAL A 949 19.64 8.61 23.93
CA VAL A 949 19.75 8.19 22.54
C VAL A 949 19.25 6.75 22.41
N GLU A 950 19.58 5.93 23.42
CA GLU A 950 19.25 4.51 23.35
C GLU A 950 17.77 4.27 23.62
N ALA A 951 17.14 5.13 24.42
CA ALA A 951 15.70 5.02 24.64
C ALA A 951 14.92 5.32 23.36
N LEU A 952 15.52 6.08 22.44
CA LEU A 952 14.89 6.33 21.16
C LEU A 952 14.85 5.07 20.30
N ARG A 953 15.94 4.30 20.29
CA ARG A 953 15.96 3.05 19.55
C ARG A 953 14.86 2.11 20.02
N ALA A 954 14.74 1.93 21.33
CA ALA A 954 13.76 1.00 21.89
C ALA A 954 12.35 1.37 21.42
N HIS A 955 11.95 2.62 21.63
CA HIS A 955 10.66 3.10 21.13
C HIS A 955 10.54 2.93 19.62
N LEU A 956 11.65 2.95 18.90
CA LEU A 956 11.58 2.90 17.44
C LEU A 956 11.33 1.48 16.94
N ARG A 957 12.02 0.50 17.53
CA ARG A 957 11.86 -0.88 17.08
C ARG A 957 10.49 -1.44 17.41
N GLU A 958 9.79 -0.88 18.39
CA GLU A 958 8.41 -1.23 18.63
C GLU A 958 7.46 -0.53 17.65
N ARG A 959 7.95 0.48 16.94
CA ARG A 959 7.16 1.29 16.02
C ARG A 959 7.35 0.84 14.57
N VAL A 960 8.58 0.85 14.08
CA VAL A 960 8.85 0.73 12.64
C VAL A 960 9.57 -0.57 12.34
N PRO A 961 9.83 -0.89 11.07
CA PRO A 961 10.64 -2.07 10.75
C PRO A 961 12.12 -1.79 10.98
N ALA A 962 12.88 -2.89 11.04
CA ALA A 962 14.32 -2.78 11.29
C ALA A 962 15.05 -1.99 10.22
N TYR A 963 14.48 -1.90 9.02
CA TYR A 963 15.16 -1.25 7.88
C TYR A 963 15.08 0.27 7.99
N MET A 964 14.08 0.80 8.69
CA MET A 964 13.93 2.24 8.82
C MET A 964 14.75 2.81 9.96
N VAL A 965 15.18 1.97 10.91
CA VAL A 965 15.86 2.39 12.13
C VAL A 965 17.20 3.00 11.74
N PRO A 966 17.38 4.37 11.76
CA PRO A 966 18.69 4.95 11.43
C PRO A 966 19.87 4.20 12.03
N ALA A 967 21.06 4.39 11.46
CA ALA A 967 22.21 3.66 11.98
C ALA A 967 22.67 4.25 13.30
N ALA A 968 23.08 5.52 13.27
CA ALA A 968 23.55 6.24 14.44
C ALA A 968 22.93 7.62 14.45
N PHE A 969 22.71 8.16 15.64
CA PHE A 969 22.08 9.47 15.81
C PHE A 969 23.07 10.50 16.32
N GLY A 970 22.61 11.75 16.31
CA GLY A 970 23.34 12.89 16.83
C GLY A 970 22.45 13.89 17.53
N THR A 971 22.96 14.49 18.60
CA THR A 971 22.27 15.54 19.39
C THR A 971 22.66 16.90 18.80
N LEU A 972 21.70 17.79 18.51
CA LEU A 972 21.99 19.13 17.94
C LEU A 972 21.18 20.24 18.63
N ASP A 973 21.72 21.45 18.74
CA ASP A 973 21.00 22.58 19.38
C ASP A 973 19.71 22.82 18.58
N ALA A 974 19.86 23.16 17.30
CA ALA A 974 18.75 23.42 16.35
C ALA A 974 19.10 22.83 14.99
N LEU A 975 18.17 22.87 14.04
CA LEU A 975 18.38 22.34 12.67
C LEU A 975 18.94 23.43 11.77
N PRO A 976 19.94 23.14 10.92
CA PRO A 976 20.51 24.12 9.99
C PRO A 976 19.47 24.78 9.12
N MET A 977 19.19 26.06 9.33
CA MET A 977 18.20 26.73 8.53
C MET A 977 18.76 26.97 7.13
N THR A 978 17.88 26.89 6.13
CA THR A 978 18.26 27.12 4.74
C THR A 978 17.98 28.58 4.42
N ARG A 979 18.56 29.06 3.31
CA ARG A 979 18.43 30.45 2.93
C ARG A 979 16.97 30.90 2.86
N ASN A 980 16.06 30.00 2.49
CA ASN A 980 14.64 30.27 2.39
C ASN A 980 13.85 29.75 3.58
N GLY A 981 14.53 29.22 4.59
CA GLY A 981 13.90 28.82 5.83
C GLY A 981 13.57 27.35 5.96
N LYS A 982 14.15 26.49 5.13
CA LYS A 982 13.90 25.07 5.16
C LYS A 982 15.10 24.37 5.77
N VAL A 983 15.02 23.05 5.89
CA VAL A 983 16.08 22.29 6.55
C VAL A 983 17.21 22.11 5.55
N ASP A 984 18.41 22.52 5.94
CA ASP A 984 19.58 22.44 5.08
C ASP A 984 20.27 21.13 5.35
N ARG A 985 20.17 20.19 4.41
CA ARG A 985 20.69 18.85 4.63
C ARG A 985 22.13 18.74 4.17
N LYS A 986 22.64 19.76 3.50
CA LYS A 986 23.98 19.80 2.96
C LYS A 986 25.00 20.37 3.95
N ALA A 987 24.53 20.97 5.05
CA ALA A 987 25.42 21.50 6.08
C ALA A 987 25.55 20.59 7.30
N LEU A 988 24.85 19.46 7.33
CA LEU A 988 24.76 18.69 8.57
C LEU A 988 26.14 18.16 8.96
N PRO A 989 26.45 18.10 10.25
CA PRO A 989 27.73 17.52 10.68
C PRO A 989 27.80 16.05 10.29
N ASP A 990 28.90 15.67 9.63
CA ASP A 990 29.04 14.27 9.25
C ASP A 990 29.39 13.47 10.49
N ILE A 991 28.54 12.51 10.84
CA ILE A 991 28.83 11.58 11.93
C ILE A 991 29.09 10.21 11.31
N SER A 992 30.34 9.78 11.37
CA SER A 992 30.75 8.54 10.71
C SER A 992 30.05 7.34 11.32
N VAL A 998 30.82 -2.95 11.22
CA VAL A 998 30.64 -3.98 12.22
C VAL A 998 29.19 -4.02 12.68
N VAL A 999 28.85 -5.01 13.51
CA VAL A 999 27.48 -5.27 13.91
C VAL A 999 27.36 -5.28 15.43
N GLU A 1000 26.15 -4.99 15.88
CA GLU A 1000 25.88 -4.74 17.29
C GLU A 1000 26.05 -6.03 18.12
N PRO A 1001 26.51 -5.92 19.37
CA PRO A 1001 26.64 -7.11 20.23
C PRO A 1001 25.37 -7.39 20.99
N PRO A 1002 25.35 -8.42 21.88
CA PRO A 1002 24.10 -8.74 22.58
C PRO A 1002 23.75 -7.78 23.71
N ARG A 1003 22.72 -8.14 24.48
CA ARG A 1003 22.13 -7.28 25.49
C ARG A 1003 22.15 -7.97 26.84
N ASP A 1004 21.40 -9.06 26.96
CA ASP A 1004 21.23 -9.81 28.19
C ASP A 1004 21.76 -11.24 27.99
N ALA A 1005 21.71 -12.02 29.06
CA ALA A 1005 22.21 -13.39 29.00
C ALA A 1005 21.37 -14.23 28.06
N LEU A 1006 20.09 -13.89 27.89
CA LEU A 1006 19.23 -14.57 26.92
C LEU A 1006 19.80 -14.49 25.52
N ASP A 1007 20.35 -13.33 25.13
CA ASP A 1007 20.77 -13.15 23.76
C ASP A 1007 21.97 -14.04 23.43
N GLU A 1008 23.05 -13.91 24.20
CA GLU A 1008 24.23 -14.73 23.97
C GLU A 1008 23.90 -16.21 24.04
N ARG A 1009 22.97 -16.58 24.92
CA ARG A 1009 22.46 -17.94 25.00
C ARG A 1009 21.97 -18.40 23.63
N ILE A 1010 21.36 -17.49 22.87
CA ILE A 1010 20.89 -17.78 21.52
C ILE A 1010 22.03 -17.70 20.52
N VAL A 1011 22.96 -16.76 20.69
CA VAL A 1011 23.95 -16.51 19.64
C VAL A 1011 24.84 -17.72 19.46
N GLU A 1012 25.35 -18.27 20.56
CA GLU A 1012 26.15 -19.49 20.46
C GLU A 1012 25.36 -20.62 19.80
N LEU A 1013 24.03 -20.61 19.95
CA LEU A 1013 23.23 -21.61 19.27
C LEU A 1013 23.24 -21.41 17.77
N TRP A 1014 23.21 -20.15 17.30
CA TRP A 1014 23.32 -19.94 15.87
C TRP A 1014 24.68 -20.35 15.34
N ARG A 1015 25.75 -20.17 16.13
CA ARG A 1015 27.05 -20.62 15.68
C ARG A 1015 27.07 -22.13 15.52
N GLU A 1016 26.39 -22.85 16.42
CA GLU A 1016 26.29 -24.30 16.31
C GLU A 1016 25.87 -24.70 14.91
N GLN A 1017 24.91 -23.97 14.35
CA GLN A 1017 24.41 -24.21 13.00
C GLN A 1017 25.28 -23.56 11.93
N CYS A 1018 25.60 -22.27 12.09
CA CYS A 1018 26.35 -21.53 11.06
C CYS A 1018 27.86 -21.64 11.19
N GLY A 1019 28.37 -21.84 12.40
CA GLY A 1019 29.79 -21.97 12.66
C GLY A 1019 30.44 -20.79 13.38
N ASP A 1020 31.75 -20.62 13.18
CA ASP A 1020 32.49 -19.53 13.81
C ASP A 1020 32.62 -18.36 12.84
N VAL A 1021 31.49 -17.68 12.67
CA VAL A 1021 31.37 -16.46 11.89
C VAL A 1021 30.82 -15.42 12.84
N ALA A 1022 31.57 -14.35 13.11
CA ALA A 1022 31.13 -13.33 14.04
C ALA A 1022 29.78 -12.80 13.58
N ILE A 1023 28.70 -13.05 14.33
CA ILE A 1023 27.37 -12.57 13.95
C ILE A 1023 26.93 -11.50 14.93
N GLY A 1024 26.14 -10.56 14.43
CA GLY A 1024 25.57 -9.50 15.24
C GLY A 1024 24.18 -9.83 15.73
N ILE A 1025 23.81 -9.20 16.85
CA ILE A 1025 22.48 -9.37 17.43
C ILE A 1025 21.39 -9.06 16.40
N ASP A 1026 21.62 -8.06 15.55
CA ASP A 1026 20.60 -7.58 14.64
C ASP A 1026 20.76 -8.18 13.24
N ASP A 1027 21.68 -9.11 13.04
CA ASP A 1027 21.95 -9.64 11.72
C ASP A 1027 20.86 -10.61 11.26
N ASN A 1028 20.80 -10.81 9.94
CA ASN A 1028 19.88 -11.76 9.35
C ASN A 1028 20.49 -13.15 9.34
N PHE A 1029 19.65 -14.14 9.63
CA PHE A 1029 20.12 -15.51 9.82
C PHE A 1029 20.55 -16.13 8.49
N PHE A 1030 19.86 -15.80 7.41
CA PHE A 1030 20.16 -16.43 6.13
C PHE A 1030 21.32 -15.78 5.40
N ASP A 1031 21.63 -14.53 5.72
CA ASP A 1031 22.79 -13.86 5.12
C ASP A 1031 24.09 -14.30 5.75
N VAL A 1032 24.04 -14.83 6.97
CA VAL A 1032 25.23 -15.15 7.76
C VAL A 1032 25.61 -16.63 7.63
N GLY A 1033 25.05 -17.33 6.67
CA GLY A 1033 25.25 -18.76 6.48
C GLY A 1033 24.08 -19.60 6.93
N GLY A 1034 23.07 -19.00 7.55
CA GLY A 1034 21.86 -19.70 7.94
C GLY A 1034 21.29 -20.45 6.77
N ASP A 1035 20.89 -21.69 6.98
CA ASP A 1035 20.23 -22.47 5.95
C ASP A 1035 18.76 -22.61 6.32
N SER A 1036 17.98 -22.92 5.30
CA SER A 1036 16.54 -23.13 5.44
C SER A 1036 16.22 -24.24 6.44
N ILE A 1037 17.07 -25.26 6.53
CA ILE A 1037 16.82 -26.37 7.46
C ILE A 1037 17.31 -26.02 8.85
N LYS A 1038 18.50 -25.41 8.94
CA LYS A 1038 19.07 -24.92 10.19
C LYS A 1038 18.09 -24.09 11.00
N ALA A 1039 17.12 -23.45 10.34
CA ALA A 1039 16.17 -22.60 11.03
C ALA A 1039 15.08 -23.39 11.74
N ILE A 1040 14.81 -24.61 11.29
CA ILE A 1040 13.89 -25.46 12.04
C ILE A 1040 14.57 -25.99 13.28
N ARG A 1041 15.85 -26.35 13.17
CA ARG A 1041 16.61 -26.83 14.31
C ARG A 1041 16.66 -25.79 15.41
N VAL A 1042 16.69 -24.51 15.04
CA VAL A 1042 16.73 -23.43 16.02
C VAL A 1042 15.36 -23.27 16.67
N ALA A 1043 14.36 -22.91 15.87
CA ALA A 1043 13.02 -22.70 16.39
C ALA A 1043 12.43 -23.93 17.07
N ARG A 1044 13.07 -25.09 16.91
CA ARG A 1044 12.82 -26.22 17.80
C ARG A 1044 13.47 -25.97 19.15
N ALA A 1045 14.79 -25.80 19.14
CA ALA A 1045 15.57 -25.54 20.35
C ALA A 1045 15.01 -24.40 21.19
N LEU A 1046 14.30 -23.45 20.56
CA LEU A 1046 13.69 -22.34 21.29
C LEU A 1046 12.20 -22.54 21.53
N ASP A 1047 11.63 -23.68 21.13
CA ASP A 1047 10.19 -23.94 21.24
C ASP A 1047 9.32 -22.81 20.70
N MET A 1048 9.72 -22.23 19.57
CA MET A 1048 9.00 -21.12 18.93
C MET A 1048 8.57 -21.51 17.52
N PRO A 1049 7.40 -21.07 17.05
CA PRO A 1049 7.03 -21.29 15.65
C PRO A 1049 8.11 -20.82 14.68
N VAL A 1050 8.35 -21.63 13.65
CA VAL A 1050 9.47 -21.38 12.75
C VAL A 1050 9.15 -20.25 11.77
N MET A 1051 7.88 -20.08 11.41
CA MET A 1051 7.47 -18.97 10.56
C MET A 1051 7.85 -17.63 11.16
N ALA A 1052 7.74 -17.51 12.48
CA ALA A 1052 8.18 -16.30 13.17
C ALA A 1052 9.60 -15.94 12.79
N LEU A 1053 10.46 -16.94 12.67
CA LEU A 1053 11.89 -16.70 12.48
C LEU A 1053 12.19 -16.34 11.03
N PHE A 1054 11.58 -17.05 10.07
CA PHE A 1054 11.63 -16.63 8.68
C PHE A 1054 11.21 -15.18 8.51
N ASP A 1055 10.03 -14.83 9.01
CA ASP A 1055 9.52 -13.49 8.81
C ASP A 1055 10.37 -12.44 9.52
N ALA A 1056 11.06 -12.83 10.59
CA ALA A 1056 11.91 -11.91 11.37
C ALA A 1056 13.15 -12.68 11.82
N PRO A 1057 14.16 -12.80 10.95
CA PRO A 1057 15.33 -13.63 11.28
C PRO A 1057 16.46 -12.84 11.95
N THR A 1058 16.14 -12.20 13.07
CA THR A 1058 17.15 -11.59 13.93
C THR A 1058 16.99 -12.16 15.34
N VAL A 1059 18.12 -12.36 16.02
CA VAL A 1059 18.06 -12.85 17.39
C VAL A 1059 17.40 -11.83 18.31
N ARG A 1060 17.34 -10.57 17.91
CA ARG A 1060 16.57 -9.60 18.69
C ARG A 1060 15.09 -9.97 18.67
N ALA A 1061 14.56 -10.22 17.47
CA ALA A 1061 13.16 -10.59 17.36
C ALA A 1061 12.90 -11.96 17.99
N CYS A 1062 13.90 -12.84 17.99
CA CYS A 1062 13.75 -14.13 18.65
C CYS A 1062 13.58 -13.96 20.14
N ALA A 1063 14.52 -13.26 20.79
CA ALA A 1063 14.38 -12.95 22.20
C ALA A 1063 13.08 -12.20 22.46
N ASP A 1064 12.89 -11.07 21.77
CA ASP A 1064 11.71 -10.24 21.98
C ASP A 1064 10.42 -11.03 21.77
N TYR A 1065 10.46 -12.10 20.99
CA TYR A 1065 9.29 -12.95 20.86
C TYR A 1065 9.06 -13.74 22.15
N LEU A 1066 10.13 -14.23 22.75
CA LEU A 1066 10.04 -15.09 23.92
C LEU A 1066 9.66 -14.29 25.15
N ARG A 1067 10.55 -13.38 25.56
CA ARG A 1067 10.33 -12.64 26.81
C ARG A 1067 9.10 -11.74 26.73
N ASP A 1068 8.84 -11.15 25.57
CA ASP A 1068 7.77 -10.18 25.46
C ASP A 1068 6.41 -10.83 25.21
N ALA A 1069 6.37 -12.17 25.18
CA ALA A 1069 5.11 -12.90 25.05
C ALA A 1069 4.88 -13.74 26.29
N LEU A 1070 5.70 -14.76 26.54
CA LEU A 1070 5.56 -15.59 27.72
C LEU A 1070 5.96 -14.81 28.97
N ASP A 1079 -3.27 -23.27 27.71
CA ASP A 1079 -4.26 -22.64 28.58
C ASP A 1079 -4.45 -21.17 28.21
N ARG A 1080 -4.96 -20.93 27.01
CA ARG A 1080 -5.22 -19.59 26.52
C ARG A 1080 -6.74 -19.43 26.38
N THR A 1081 -7.32 -18.66 27.30
CA THR A 1081 -8.75 -18.41 27.30
C THR A 1081 -9.18 -17.53 26.15
N LEU A 1082 -8.26 -16.76 25.57
CA LEU A 1082 -8.61 -15.68 24.67
C LEU A 1082 -7.64 -15.71 23.51
N HIS A 1083 -8.16 -15.81 22.29
CA HIS A 1083 -7.37 -15.97 21.08
C HIS A 1083 -7.42 -14.66 20.32
N HIS A 1084 -6.25 -14.11 20.04
CA HIS A 1084 -6.12 -12.84 19.34
C HIS A 1084 -5.77 -13.09 17.88
N PHE A 1085 -6.48 -12.41 16.98
CA PHE A 1085 -6.18 -12.46 15.56
C PHE A 1085 -5.25 -11.33 15.14
N LYS A 1086 -5.71 -10.09 15.31
CA LYS A 1086 -4.91 -8.90 15.06
C LYS A 1086 -5.19 -7.87 16.14
N ARG A 1087 -4.13 -7.24 16.63
CA ARG A 1087 -4.23 -6.14 17.60
C ARG A 1087 -3.48 -4.93 17.06
N PRO A 1088 -3.91 -4.38 15.93
CA PRO A 1088 -3.13 -3.32 15.28
C PRO A 1088 -3.05 -2.08 16.16
N ALA A 1089 -2.13 -1.19 15.78
CA ALA A 1089 -1.78 0.01 16.55
C ALA A 1089 -2.79 1.12 16.36
N GLN A 1090 -3.36 1.24 15.17
CA GLN A 1090 -4.32 2.31 14.84
C GLN A 1090 -5.74 1.80 14.98
N ALA A 1091 -6.08 1.17 16.10
CA ALA A 1091 -7.34 0.47 16.32
C ALA A 1091 -8.27 1.28 17.21
N ARG A 1092 -9.44 1.64 16.71
CA ARG A 1092 -10.44 2.34 17.52
C ARG A 1092 -11.24 1.38 18.39
N VAL A 1093 -11.55 0.19 17.90
CA VAL A 1093 -12.53 -0.71 18.49
C VAL A 1093 -11.95 -2.11 18.54
N HIS A 1094 -12.15 -2.80 19.64
CA HIS A 1094 -11.69 -4.17 19.81
C HIS A 1094 -12.92 -5.07 19.85
N MET A 1095 -13.09 -5.86 18.79
CA MET A 1095 -14.23 -6.75 18.64
C MET A 1095 -13.88 -8.08 19.27
N VAL A 1096 -14.57 -8.45 20.35
CA VAL A 1096 -14.41 -9.76 20.95
C VAL A 1096 -15.61 -10.60 20.55
N CYS A 1097 -15.34 -11.80 20.10
CA CYS A 1097 -16.33 -12.63 19.43
C CYS A 1097 -16.52 -13.91 20.24
N VAL A 1098 -17.77 -14.28 20.46
CA VAL A 1098 -18.14 -15.48 21.20
C VAL A 1098 -18.67 -16.50 20.19
N PRO A 1099 -18.14 -17.73 20.14
CA PRO A 1099 -18.59 -18.64 19.10
C PRO A 1099 -20.03 -19.06 19.30
N PHE A 1100 -20.54 -19.59 18.20
CA PHE A 1100 -21.89 -20.19 18.09
C PHE A 1100 -21.85 -21.55 18.78
N ALA A 1101 -22.86 -22.36 18.56
CA ALA A 1101 -22.98 -23.63 19.28
C ALA A 1101 -22.19 -24.71 18.55
N GLY A 1102 -21.21 -25.28 19.23
CA GLY A 1102 -20.34 -26.28 18.63
C GLY A 1102 -19.11 -25.72 17.98
N GLY A 1103 -19.03 -24.41 17.81
CA GLY A 1103 -17.90 -23.80 17.15
C GLY A 1103 -16.75 -23.54 18.08
N SER A 1104 -15.58 -23.45 17.48
CA SER A 1104 -14.38 -22.99 18.15
C SER A 1104 -14.16 -21.51 17.85
N ALA A 1105 -13.05 -20.99 18.35
CA ALA A 1105 -12.72 -19.60 18.10
C ALA A 1105 -12.22 -19.36 16.68
N LEU A 1106 -11.71 -20.40 16.03
CA LEU A 1106 -11.20 -20.25 14.67
C LEU A 1106 -12.29 -19.95 13.67
N SER A 1107 -13.57 -20.14 14.04
CA SER A 1107 -14.64 -19.87 13.11
C SER A 1107 -14.81 -18.38 12.82
N TYR A 1108 -14.20 -17.51 13.62
CA TYR A 1108 -14.22 -16.07 13.37
C TYR A 1108 -13.02 -15.56 12.59
N ARG A 1109 -12.11 -16.43 12.17
CA ARG A 1109 -10.91 -15.97 11.48
C ARG A 1109 -11.28 -15.29 10.17
N GLU A 1110 -12.24 -15.87 9.45
CA GLU A 1110 -12.61 -15.33 8.15
C GLU A 1110 -13.21 -13.94 8.29
N LEU A 1111 -13.92 -13.70 9.40
CA LEU A 1111 -14.38 -12.36 9.72
C LEU A 1111 -13.21 -11.46 10.10
N ALA A 1112 -12.40 -11.90 11.06
CA ALA A 1112 -11.34 -11.07 11.63
C ALA A 1112 -10.42 -10.46 10.58
N ARG A 1113 -10.22 -11.13 9.44
CA ARG A 1113 -9.42 -10.58 8.37
C ARG A 1113 -10.24 -9.99 7.23
N ALA A 1114 -11.57 -10.00 7.34
CA ALA A 1114 -12.42 -9.15 6.51
C ALA A 1114 -12.73 -7.84 7.21
N LEU A 1115 -12.37 -7.71 8.48
CA LEU A 1115 -12.63 -6.47 9.26
C LEU A 1115 -11.58 -5.42 8.93
N PRO A 1116 -11.93 -4.17 8.59
CA PRO A 1116 -10.91 -3.13 8.37
C PRO A 1116 -9.95 -3.13 9.55
N ASP A 1117 -8.79 -2.52 9.33
CA ASP A 1117 -7.77 -2.51 10.37
C ASP A 1117 -8.06 -1.46 11.45
N GLY A 1118 -9.19 -0.80 11.31
CA GLY A 1118 -9.72 0.13 12.32
C GLY A 1118 -10.15 -0.62 13.55
N PHE A 1119 -10.36 -1.92 13.41
CA PHE A 1119 -10.82 -2.84 14.48
C PHE A 1119 -9.71 -3.79 14.89
N ALA A 1120 -9.71 -4.19 16.15
CA ALA A 1120 -8.87 -5.29 16.66
C ALA A 1120 -9.86 -6.42 16.90
N CYS A 1121 -9.49 -7.67 16.65
CA CYS A 1121 -10.46 -8.74 16.74
C CYS A 1121 -9.88 -9.88 17.57
N SER A 1122 -10.64 -10.29 18.57
CA SER A 1122 -10.30 -11.43 19.41
C SER A 1122 -11.51 -12.34 19.52
N ALA A 1123 -11.22 -13.60 19.81
CA ALA A 1123 -12.25 -14.60 20.06
C ALA A 1123 -11.83 -15.40 21.27
N LEU A 1124 -12.80 -15.72 22.11
CA LEU A 1124 -12.56 -16.48 23.31
C LEU A 1124 -12.82 -17.95 23.04
N GLN A 1125 -11.85 -18.78 23.44
CA GLN A 1125 -11.83 -20.20 23.14
C GLN A 1125 -12.38 -20.89 24.37
N LEU A 1126 -13.60 -21.40 24.28
CA LEU A 1126 -14.26 -22.13 25.40
C LEU A 1126 -13.55 -23.47 25.53
N PRO A 1127 -13.27 -24.00 26.72
CA PRO A 1127 -12.59 -25.29 26.88
C PRO A 1127 -13.40 -26.45 26.34
N GLY A 1128 -12.68 -27.45 25.85
CA GLY A 1128 -13.31 -28.63 25.29
C GLY A 1128 -13.86 -28.43 23.90
N HIS A 1129 -13.77 -27.22 23.35
CA HIS A 1129 -14.29 -26.92 22.03
C HIS A 1129 -13.28 -27.00 20.92
N ASP A 1130 -12.01 -27.25 21.22
CA ASP A 1130 -11.09 -27.57 20.15
C ASP A 1130 -11.33 -29.02 19.74
N PRO A 1131 -11.82 -29.29 18.52
CA PRO A 1131 -11.92 -30.70 18.09
C PRO A 1131 -10.58 -31.39 17.97
N ALA A 1132 -9.47 -30.64 17.97
CA ALA A 1132 -8.15 -31.23 17.97
C ALA A 1132 -7.74 -31.69 19.38
N ALA A 1133 -8.06 -30.90 20.40
CA ALA A 1133 -7.84 -31.27 21.80
C ALA A 1133 -9.19 -31.32 22.52
N PRO A 1134 -10.06 -32.26 22.14
CA PRO A 1134 -11.37 -32.38 22.81
C PRO A 1134 -11.29 -32.92 24.22
N ASP A 1135 -10.16 -33.47 24.63
CA ASP A 1135 -10.07 -34.30 25.82
C ASP A 1135 -9.89 -33.50 27.11
N GLU A 1136 -10.05 -32.19 27.07
CA GLU A 1136 -10.25 -31.42 28.28
C GLU A 1136 -11.74 -31.28 28.53
N ALA A 1137 -12.10 -30.60 29.61
CA ALA A 1137 -13.44 -30.66 30.18
C ALA A 1137 -14.17 -29.34 30.04
N PHE A 1138 -15.45 -29.45 29.73
CA PHE A 1138 -16.32 -28.29 29.63
C PHE A 1138 -16.40 -27.58 30.97
N VAL A 1139 -16.62 -26.27 30.93
CA VAL A 1139 -16.84 -25.47 32.12
C VAL A 1139 -18.16 -24.73 31.98
N ASP A 1140 -18.66 -24.26 33.11
CA ASP A 1140 -19.91 -23.53 33.15
C ASP A 1140 -19.70 -22.09 32.70
N LEU A 1141 -20.82 -21.39 32.58
CA LEU A 1141 -20.89 -19.99 32.15
C LEU A 1141 -19.98 -19.14 33.02
N ASP A 1142 -20.36 -18.97 34.28
CA ASP A 1142 -19.76 -17.99 35.19
C ASP A 1142 -18.25 -18.17 35.30
N THR A 1143 -17.75 -19.38 35.09
CA THR A 1143 -16.30 -19.58 35.19
C THR A 1143 -15.60 -18.99 33.98
N THR A 1144 -16.06 -19.35 32.78
CA THR A 1144 -15.51 -18.79 31.55
C THR A 1144 -15.56 -17.28 31.58
N ILE A 1145 -16.68 -16.72 32.02
CA ILE A 1145 -16.83 -15.28 31.97
C ILE A 1145 -15.84 -14.64 32.94
N ASP A 1146 -15.57 -15.30 34.07
CA ASP A 1146 -14.69 -14.74 35.08
C ASP A 1146 -13.24 -14.80 34.61
N ARG A 1147 -12.80 -15.92 34.06
CA ARG A 1147 -11.42 -16.00 33.64
C ARG A 1147 -11.17 -15.20 32.36
N ALA A 1148 -12.24 -14.78 31.68
CA ALA A 1148 -12.12 -13.96 30.49
C ALA A 1148 -12.12 -12.46 30.76
N VAL A 1149 -12.46 -12.00 31.97
CA VAL A 1149 -12.25 -10.58 32.27
C VAL A 1149 -10.81 -10.34 32.65
N ASP A 1150 -10.20 -11.29 33.36
CA ASP A 1150 -8.85 -11.10 33.87
C ASP A 1150 -7.85 -10.91 32.73
N ARG A 1151 -7.77 -11.88 31.82
CA ARG A 1151 -6.91 -11.68 30.66
C ARG A 1151 -7.36 -10.49 29.81
N LEU A 1152 -8.66 -10.18 29.81
CA LEU A 1152 -9.17 -9.17 28.89
C LEU A 1152 -9.01 -7.75 29.40
N LEU A 1153 -8.91 -7.55 30.71
CA LEU A 1153 -8.66 -6.20 31.21
C LEU A 1153 -7.23 -5.77 30.93
N ALA A 1154 -6.30 -6.72 30.94
CA ALA A 1154 -4.91 -6.44 30.59
C ALA A 1154 -4.70 -6.42 29.09
N GLU A 1155 -5.31 -7.36 28.35
CA GLU A 1155 -5.00 -7.57 26.95
C GLU A 1155 -5.91 -6.80 26.00
N ALA A 1156 -6.83 -5.98 26.50
CA ALA A 1156 -7.71 -5.22 25.64
C ALA A 1156 -6.96 -4.05 25.01
N ALA A 1157 -7.11 -3.91 23.70
CA ALA A 1157 -6.42 -2.89 22.93
C ALA A 1157 -7.25 -1.65 22.65
N ALA A 1158 -8.50 -1.59 23.13
CA ALA A 1158 -9.40 -0.51 22.73
C ALA A 1158 -10.75 -0.65 23.44
N PRO A 1159 -11.66 0.32 23.31
CA PRO A 1159 -13.03 0.09 23.76
C PRO A 1159 -13.66 -1.10 23.05
N ILE A 1160 -14.38 -1.89 23.82
CA ILE A 1160 -14.78 -3.23 23.43
C ILE A 1160 -16.17 -3.19 22.83
N VAL A 1161 -16.36 -4.03 21.82
CA VAL A 1161 -17.68 -4.33 21.27
C VAL A 1161 -17.77 -5.84 21.20
N VAL A 1162 -18.68 -6.43 21.95
CA VAL A 1162 -18.81 -7.90 22.04
C VAL A 1162 -19.71 -8.40 20.92
N TYR A 1163 -19.33 -9.45 20.24
CA TYR A 1163 -20.13 -10.01 19.16
C TYR A 1163 -20.55 -11.40 19.57
N GLY A 1164 -21.77 -11.77 19.30
CA GLY A 1164 -22.23 -13.11 19.64
C GLY A 1164 -23.03 -13.65 18.48
N HIS A 1165 -23.06 -14.97 18.40
CA HIS A 1165 -23.71 -15.66 17.30
C HIS A 1165 -24.34 -16.89 17.91
N CYS A 1166 -25.54 -17.27 17.46
CA CYS A 1166 -26.23 -18.47 18.00
C CYS A 1166 -26.19 -18.41 19.54
N ALA A 1167 -25.73 -19.47 20.21
CA ALA A 1167 -25.75 -19.56 21.65
C ALA A 1167 -24.69 -18.72 22.31
N GLY A 1168 -23.76 -18.17 21.54
CA GLY A 1168 -22.76 -17.31 22.15
C GLY A 1168 -23.34 -16.05 22.74
N ASN A 1169 -24.53 -15.66 22.29
CA ASN A 1169 -25.17 -14.45 22.77
C ASN A 1169 -25.45 -14.50 24.27
N ALA A 1170 -25.63 -15.69 24.82
CA ALA A 1170 -25.69 -15.85 26.26
C ALA A 1170 -24.42 -15.38 26.92
N LEU A 1171 -23.29 -16.00 26.60
CA LEU A 1171 -22.01 -15.59 27.14
C LEU A 1171 -21.65 -14.16 26.76
N ALA A 1172 -22.26 -13.62 25.70
CA ALA A 1172 -22.03 -12.25 25.28
C ALA A 1172 -22.63 -11.26 26.25
N VAL A 1173 -23.94 -11.37 26.51
CA VAL A 1173 -24.59 -10.43 27.42
C VAL A 1173 -24.02 -10.57 28.82
N ALA A 1174 -23.74 -11.80 29.24
CA ALA A 1174 -23.10 -12.02 30.53
C ALA A 1174 -21.71 -11.39 30.58
N LEU A 1175 -21.10 -11.14 29.42
CA LEU A 1175 -19.79 -10.50 29.37
C LEU A 1175 -19.91 -9.00 29.53
N VAL A 1176 -20.66 -8.34 28.63
CA VAL A 1176 -20.86 -6.90 28.69
C VAL A 1176 -21.28 -6.50 30.11
N ARG A 1177 -22.13 -7.31 30.72
CA ARG A 1177 -22.67 -7.03 32.04
C ARG A 1177 -21.58 -7.03 33.10
N ARG A 1178 -20.81 -8.12 33.16
CA ARG A 1178 -19.76 -8.31 34.19
C ARG A 1178 -18.56 -7.41 33.96
N LEU A 1179 -18.44 -6.82 32.78
CA LEU A 1179 -17.39 -5.86 32.39
C LEU A 1179 -17.87 -4.51 32.92
N ALA A 1180 -19.06 -4.14 32.51
CA ALA A 1180 -19.68 -2.86 32.89
C ALA A 1180 -19.48 -2.65 34.39
N GLY A 1181 -19.63 -3.70 35.19
CA GLY A 1181 -19.45 -3.57 36.62
C GLY A 1181 -18.00 -3.55 37.05
N ALA A 1182 -17.10 -4.03 36.20
CA ALA A 1182 -15.68 -4.14 36.54
C ALA A 1182 -14.91 -2.86 36.28
N GLY A 1183 -15.58 -1.79 35.88
CA GLY A 1183 -14.89 -0.56 35.54
C GLY A 1183 -14.21 -0.67 34.20
N ALA A 1184 -14.90 -1.24 33.21
CA ALA A 1184 -14.38 -1.54 31.87
C ALA A 1184 -15.10 -0.73 30.80
N ASN A 1185 -14.43 -0.52 29.66
CA ASN A 1185 -14.86 0.40 28.59
C ASN A 1185 -15.82 -0.22 27.58
N VAL A 1186 -16.70 -1.13 27.96
CA VAL A 1186 -17.61 -1.72 26.97
C VAL A 1186 -18.58 -0.68 26.44
N ILE A 1187 -18.57 -0.49 25.13
CA ILE A 1187 -19.43 0.49 24.47
C ILE A 1187 -20.61 -0.12 23.74
N GLY A 1188 -20.73 -1.45 23.69
CA GLY A 1188 -21.83 -2.00 22.94
C GLY A 1188 -21.78 -3.50 22.79
N LEU A 1189 -22.79 -4.00 22.06
CA LEU A 1189 -23.02 -5.42 21.85
C LEU A 1189 -23.62 -5.62 20.46
N ALA A 1190 -23.19 -6.70 19.81
CA ALA A 1190 -23.75 -7.12 18.53
C ALA A 1190 -24.24 -8.55 18.66
N ILE A 1191 -25.44 -8.80 18.13
CA ILE A 1191 -26.15 -10.05 18.32
C ILE A 1191 -26.41 -10.65 16.94
N GLY A 1192 -25.71 -11.73 16.63
CA GLY A 1192 -25.97 -12.47 15.42
C GLY A 1192 -26.90 -13.65 15.63
N GLY A 1193 -27.67 -13.96 14.59
CA GLY A 1193 -28.39 -15.20 14.47
C GLY A 1193 -29.24 -15.62 15.64
N MET A 1194 -29.80 -14.67 16.38
CA MET A 1194 -30.65 -15.01 17.50
C MET A 1194 -31.76 -14.00 17.69
N LEU A 1195 -32.94 -14.50 18.03
CA LEU A 1195 -34.03 -13.72 18.55
C LEU A 1195 -34.42 -14.30 19.90
N LEU A 1196 -34.80 -13.45 20.83
CA LEU A 1196 -35.27 -13.93 22.12
C LEU A 1196 -36.51 -14.79 21.92
N ASP A 1197 -36.69 -15.75 22.81
CA ASP A 1197 -37.74 -16.73 22.72
C ASP A 1197 -38.88 -16.31 23.65
N GLU A 1198 -40.11 -16.52 23.18
CA GLU A 1198 -41.27 -16.14 23.96
C GLU A 1198 -41.30 -16.90 25.28
N ASP A 1199 -41.35 -18.23 25.20
CA ASP A 1199 -41.29 -19.08 26.37
C ASP A 1199 -39.86 -19.62 26.44
N ALA A 1200 -39.07 -19.08 27.35
CA ALA A 1200 -37.73 -19.60 27.57
C ALA A 1200 -37.77 -20.89 28.36
N ASP A 1201 -38.76 -21.04 29.22
CA ASP A 1201 -38.91 -22.26 30.00
C ASP A 1201 -39.08 -23.49 29.12
N ALA A 1202 -39.68 -23.30 27.93
CA ALA A 1202 -39.98 -24.42 27.04
C ALA A 1202 -38.79 -24.83 26.18
N VAL A 1203 -38.05 -23.88 25.61
CA VAL A 1203 -36.85 -24.23 24.87
C VAL A 1203 -35.92 -25.06 25.75
N LEU A 1204 -35.77 -24.64 27.00
CA LEU A 1204 -34.89 -25.34 27.92
C LEU A 1204 -35.37 -26.76 28.18
N ASP A 1205 -36.67 -26.96 28.21
CA ASP A 1205 -37.20 -28.31 28.33
C ASP A 1205 -37.13 -29.05 27.01
N GLU A 1206 -37.11 -28.34 25.88
CA GLU A 1206 -36.95 -28.98 24.59
C GLU A 1206 -35.51 -29.39 24.35
N VAL A 1207 -34.57 -28.52 24.73
CA VAL A 1207 -33.15 -28.80 24.45
C VAL A 1207 -32.68 -29.98 25.28
N GLY A 1208 -32.99 -29.97 26.58
CA GLY A 1208 -32.61 -31.08 27.44
C GLY A 1208 -33.22 -32.41 27.04
N ALA A 1209 -34.21 -32.39 26.17
CA ALA A 1209 -34.91 -33.59 25.72
C ALA A 1209 -34.36 -34.13 24.40
N ARG A 1210 -33.42 -33.43 23.77
CA ARG A 1210 -32.79 -33.88 22.54
C ARG A 1210 -31.32 -34.22 22.79
N SER A 1211 -30.82 -35.15 22.00
CA SER A 1211 -29.40 -35.46 21.97
C SER A 1211 -28.64 -34.41 21.18
N GLY A 1212 -27.40 -34.17 21.61
CA GLY A 1212 -26.51 -33.32 20.83
C GLY A 1212 -26.37 -33.81 19.41
N GLU A 1213 -26.27 -35.12 19.24
CA GLU A 1213 -26.29 -35.73 17.92
C GLU A 1213 -27.51 -35.32 17.10
N ASN A 1214 -28.63 -35.04 17.76
CA ASN A 1214 -29.83 -34.61 17.04
C ASN A 1214 -29.76 -33.12 16.72
N ILE A 1215 -29.29 -32.32 17.68
CA ILE A 1215 -29.17 -30.89 17.46
C ILE A 1215 -28.26 -30.63 16.28
N VAL A 1216 -27.12 -31.33 16.23
CA VAL A 1216 -26.12 -31.04 15.20
C VAL A 1216 -26.62 -31.47 13.83
N ASP A 1217 -27.23 -32.66 13.73
CA ASP A 1217 -27.77 -33.11 12.46
C ASP A 1217 -28.79 -32.13 11.90
N PHE A 1218 -29.45 -31.37 12.76
CA PHE A 1218 -30.36 -30.34 12.27
C PHE A 1218 -29.60 -29.10 11.81
N LEU A 1219 -28.57 -28.72 12.54
CA LEU A 1219 -27.75 -27.59 12.14
C LEU A 1219 -27.05 -27.87 10.81
N ARG A 1220 -26.69 -29.13 10.59
CA ARG A 1220 -26.05 -29.52 9.34
C ARG A 1220 -26.99 -29.41 8.14
N GLN A 1221 -28.30 -29.53 8.36
CA GLN A 1221 -29.23 -29.41 7.25
C GLN A 1221 -29.54 -27.97 6.91
N ILE A 1222 -29.23 -27.02 7.80
CA ILE A 1222 -29.29 -25.60 7.48
C ILE A 1222 -27.91 -25.07 7.08
N GLY A 1223 -26.93 -25.95 6.90
CA GLY A 1223 -25.67 -25.59 6.31
C GLY A 1223 -24.52 -25.39 7.26
N GLY A 1224 -24.63 -25.85 8.49
CA GLY A 1224 -23.51 -25.79 9.40
C GLY A 1224 -22.64 -27.01 9.32
N PHE A 1225 -21.40 -26.82 9.79
CA PHE A 1225 -20.41 -27.88 9.92
C PHE A 1225 -20.32 -28.72 8.66
N LYS A 1226 -20.42 -28.05 7.51
CA LYS A 1226 -20.39 -28.76 6.24
C LYS A 1226 -19.00 -29.28 5.90
N ASP A 1227 -17.98 -28.82 6.61
CA ASP A 1227 -16.59 -29.16 6.35
C ASP A 1227 -16.07 -30.29 7.23
N VAL A 1228 -16.94 -30.93 8.02
CA VAL A 1228 -16.53 -31.96 8.96
C VAL A 1228 -16.87 -33.30 8.34
N LEU A 1229 -15.83 -34.00 7.88
CA LEU A 1229 -15.99 -35.21 7.09
C LEU A 1229 -15.74 -36.52 7.82
N ASP A 1230 -15.35 -36.51 9.09
CA ASP A 1230 -15.14 -37.74 9.84
C ASP A 1230 -16.06 -37.79 11.05
N ALA A 1231 -16.52 -39.01 11.35
CA ALA A 1231 -17.48 -39.21 12.43
C ALA A 1231 -16.87 -38.90 13.79
N GLY A 1232 -15.56 -39.05 13.93
CA GLY A 1232 -14.94 -38.83 15.23
C GLY A 1232 -15.04 -37.40 15.70
N THR A 1233 -14.78 -36.44 14.82
CA THR A 1233 -14.85 -35.05 15.20
C THR A 1233 -16.28 -34.54 15.19
N LEU A 1234 -17.16 -35.16 14.39
CA LEU A 1234 -18.56 -34.80 14.44
C LEU A 1234 -19.17 -35.20 15.77
N ALA A 1235 -18.84 -36.40 16.24
CA ALA A 1235 -19.18 -36.83 17.59
C ALA A 1235 -18.77 -35.79 18.61
N ALA A 1236 -17.49 -35.37 18.54
CA ALA A 1236 -16.98 -34.38 19.47
C ALA A 1236 -17.81 -33.12 19.44
N ILE A 1237 -18.26 -32.72 18.25
CA ILE A 1237 -18.99 -31.47 18.09
C ILE A 1237 -20.40 -31.59 18.66
N ALA A 1238 -21.07 -32.71 18.39
CA ALA A 1238 -22.36 -32.99 19.00
C ALA A 1238 -22.31 -32.77 20.50
N ARG A 1239 -21.25 -33.23 21.15
CA ARG A 1239 -21.12 -33.08 22.60
C ARG A 1239 -21.00 -31.63 22.99
N MET A 1240 -20.23 -30.84 22.23
CA MET A 1240 -20.07 -29.42 22.51
C MET A 1240 -21.38 -28.71 22.26
N THR A 1241 -22.03 -29.06 21.17
CA THR A 1241 -23.27 -28.43 20.74
C THR A 1241 -24.28 -28.42 21.88
N LYS A 1242 -24.52 -29.60 22.48
CA LYS A 1242 -25.53 -29.67 23.53
C LYS A 1242 -25.12 -28.85 24.73
N HIS A 1243 -23.85 -28.91 25.11
CA HIS A 1243 -23.34 -28.04 26.16
C HIS A 1243 -23.68 -26.59 25.87
N ASP A 1244 -23.28 -26.10 24.70
CA ASP A 1244 -23.48 -24.70 24.38
C ASP A 1244 -24.95 -24.35 24.30
N ALA A 1245 -25.78 -25.31 23.88
CA ALA A 1245 -27.20 -25.06 23.77
C ALA A 1245 -27.87 -25.09 25.15
N MET A 1246 -27.58 -26.12 25.94
CA MET A 1246 -28.08 -26.17 27.30
C MET A 1246 -27.77 -25.02 28.23
N GLN A 1247 -26.61 -24.44 28.01
CA GLN A 1247 -26.01 -23.31 28.76
C GLN A 1247 -26.66 -22.00 28.40
N ALA A 1248 -27.02 -21.84 27.14
CA ALA A 1248 -27.65 -20.67 26.54
C ALA A 1248 -29.10 -20.73 26.97
N ALA A 1249 -29.71 -21.91 26.92
CA ALA A 1249 -31.13 -22.03 27.22
C ALA A 1249 -31.40 -21.79 28.70
N THR A 1250 -30.54 -22.31 29.58
CA THR A 1250 -30.74 -22.08 31.00
C THR A 1250 -30.52 -20.62 31.35
N PHE A 1251 -29.48 -20.00 30.78
CA PHE A 1251 -29.22 -18.59 30.95
C PHE A 1251 -30.48 -17.77 30.66
N PHE A 1252 -30.93 -17.78 29.41
CA PHE A 1252 -32.10 -17.00 29.01
C PHE A 1252 -33.37 -17.48 29.69
N ALA A 1253 -33.37 -18.71 30.22
CA ALA A 1253 -34.47 -19.14 31.07
C ALA A 1253 -34.42 -18.45 32.42
N ALA A 1254 -33.27 -18.54 33.07
CA ALA A 1254 -33.04 -17.91 34.39
C ALA A 1254 -33.46 -16.46 34.58
N GLU A 1255 -32.69 -15.54 34.00
CA GLU A 1255 -32.97 -14.08 33.94
C GLU A 1255 -34.17 -14.01 33.00
N THR A 1256 -35.28 -13.43 33.42
CA THR A 1256 -36.53 -13.58 32.62
C THR A 1256 -36.81 -12.48 31.60
N ARG A 1257 -38.10 -12.33 31.28
CA ARG A 1257 -38.67 -11.33 30.38
C ARG A 1257 -38.48 -9.90 30.85
N ALA A 1258 -38.02 -9.69 32.08
CA ALA A 1258 -37.58 -8.39 32.57
C ALA A 1258 -36.13 -8.53 33.05
N PRO A 1259 -35.18 -8.65 32.12
CA PRO A 1259 -33.80 -8.96 32.53
C PRO A 1259 -33.17 -7.86 33.36
N ALA A 1260 -31.91 -8.04 33.72
CA ALA A 1260 -31.13 -6.94 34.23
C ALA A 1260 -30.71 -6.09 33.05
N ARG A 1261 -31.22 -4.87 33.01
CA ARG A 1261 -30.97 -3.98 31.88
C ARG A 1261 -29.54 -3.46 31.92
N LEU A 1262 -28.80 -3.79 30.86
CA LEU A 1262 -27.37 -3.49 30.76
C LEU A 1262 -27.04 -2.22 29.98
N ASP A 1263 -27.99 -1.62 29.27
CA ASP A 1263 -27.92 -0.24 28.80
C ASP A 1263 -26.64 0.05 27.99
N VAL A 1264 -26.58 -0.56 26.82
CA VAL A 1264 -25.67 -0.10 25.77
C VAL A 1264 -26.44 -0.12 24.45
N PRO A 1265 -25.89 0.35 23.34
CA PRO A 1265 -26.55 0.10 22.06
C PRO A 1265 -26.34 -1.34 21.61
N LEU A 1266 -27.38 -1.88 20.98
CA LEU A 1266 -27.39 -3.24 20.48
C LEU A 1266 -27.53 -3.25 18.97
N HIS A 1267 -26.63 -3.96 18.31
CA HIS A 1267 -26.63 -4.12 16.87
C HIS A 1267 -27.08 -5.55 16.57
N VAL A 1268 -28.29 -5.67 16.04
CA VAL A 1268 -28.89 -6.96 15.75
C VAL A 1268 -28.72 -7.23 14.27
N VAL A 1269 -28.13 -8.37 13.95
CA VAL A 1269 -27.80 -8.75 12.59
C VAL A 1269 -28.35 -10.15 12.40
N ILE A 1270 -29.35 -10.29 11.53
CA ILE A 1270 -29.91 -11.60 11.24
C ILE A 1270 -29.79 -11.84 9.75
N GLY A 1271 -29.58 -13.10 9.38
CA GLY A 1271 -29.62 -13.49 7.98
C GLY A 1271 -31.06 -13.77 7.56
N GLY A 1272 -31.37 -13.40 6.32
CA GLY A 1272 -32.74 -13.49 5.84
C GLY A 1272 -33.19 -14.89 5.49
N GLN A 1273 -32.25 -15.82 5.35
CA GLN A 1273 -32.55 -17.21 5.07
C GLN A 1273 -32.50 -18.09 6.30
N ASP A 1274 -32.24 -17.52 7.48
CA ASP A 1274 -32.04 -18.28 8.69
C ASP A 1274 -33.38 -18.81 9.22
N PRO A 1275 -33.59 -20.12 9.24
CA PRO A 1275 -34.88 -20.62 9.74
C PRO A 1275 -35.05 -20.41 11.23
N LEU A 1276 -33.97 -20.17 11.96
CA LEU A 1276 -34.02 -19.99 13.41
C LEU A 1276 -34.37 -18.57 13.81
N THR A 1277 -34.57 -17.66 12.87
CA THR A 1277 -34.97 -16.28 13.17
C THR A 1277 -36.14 -15.90 12.28
N PRO A 1278 -37.26 -16.61 12.37
CA PRO A 1278 -38.44 -16.22 11.61
C PRO A 1278 -39.11 -15.00 12.23
N ASP A 1279 -39.94 -14.37 11.41
CA ASP A 1279 -40.68 -13.17 11.81
C ASP A 1279 -39.75 -12.15 12.48
N TYR A 1280 -38.58 -11.94 11.91
CA TYR A 1280 -37.54 -11.09 12.51
C TYR A 1280 -37.88 -9.63 12.38
N ALA A 1281 -38.67 -9.25 11.39
CA ALA A 1281 -38.96 -7.85 11.15
C ALA A 1281 -39.50 -7.19 12.41
N ARG A 1282 -40.57 -7.74 12.97
CA ARG A 1282 -41.11 -7.20 14.21
C ARG A 1282 -40.36 -7.70 15.45
N ARG A 1283 -39.78 -8.91 15.42
CA ARG A 1283 -39.39 -9.52 16.68
C ARG A 1283 -38.05 -9.01 17.19
N TYR A 1284 -37.26 -8.37 16.37
CA TYR A 1284 -35.94 -7.86 16.78
C TYR A 1284 -36.17 -6.91 17.94
N LEU A 1285 -37.28 -6.17 17.92
CA LEU A 1285 -37.65 -5.17 18.89
C LEU A 1285 -37.73 -5.74 20.29
N ASP A 1286 -37.88 -7.07 20.42
CA ASP A 1286 -37.85 -7.72 21.72
C ASP A 1286 -36.52 -7.55 22.43
N TRP A 1287 -35.47 -7.06 21.75
CA TRP A 1287 -34.21 -6.80 22.40
C TRP A 1287 -34.18 -5.46 23.11
N ARG A 1288 -35.20 -4.62 22.93
CA ARG A 1288 -35.32 -3.40 23.71
C ARG A 1288 -35.25 -3.66 25.21
N ARG A 1289 -35.56 -4.89 25.63
CA ARG A 1289 -35.56 -5.27 27.03
C ARG A 1289 -34.21 -5.00 27.69
N TYR A 1290 -33.12 -5.11 26.93
CA TYR A 1290 -31.77 -4.89 27.45
C TYR A 1290 -31.25 -3.48 27.26
N SER A 1291 -31.88 -2.65 26.44
CA SER A 1291 -31.51 -1.24 26.33
C SER A 1291 -32.46 -0.55 25.36
N ASP A 1292 -32.41 0.78 25.37
CA ASP A 1292 -33.35 1.59 24.60
C ASP A 1292 -32.99 1.65 23.13
N ALA A 1293 -31.70 1.64 22.80
CA ALA A 1293 -31.22 1.80 21.44
C ALA A 1293 -30.87 0.45 20.86
N VAL A 1294 -31.65 0.00 19.88
CA VAL A 1294 -31.37 -1.23 19.14
C VAL A 1294 -31.65 -0.91 17.68
N GLU A 1295 -30.74 -1.29 16.79
CA GLU A 1295 -30.96 -1.13 15.37
C GLU A 1295 -30.69 -2.45 14.67
N LEU A 1296 -31.44 -2.70 13.59
CA LEU A 1296 -31.39 -3.96 12.86
C LEU A 1296 -30.66 -3.81 11.54
N ASP A 1297 -29.88 -4.83 11.20
CA ASP A 1297 -29.31 -4.99 9.88
C ASP A 1297 -29.63 -6.42 9.42
N VAL A 1298 -29.72 -6.58 8.10
CA VAL A 1298 -30.13 -7.85 7.50
C VAL A 1298 -29.19 -8.20 6.35
N ILE A 1299 -28.96 -9.50 6.20
CA ILE A 1299 -28.18 -10.06 5.10
C ILE A 1299 -29.13 -11.00 4.35
N PRO A 1300 -29.89 -10.50 3.36
CA PRO A 1300 -31.04 -11.26 2.84
C PRO A 1300 -30.71 -12.65 2.35
N ASP A 1301 -29.62 -12.82 1.61
CA ASP A 1301 -29.25 -14.13 1.08
C ASP A 1301 -28.48 -14.97 2.08
N GLY A 1302 -28.25 -14.46 3.29
CA GLY A 1302 -27.52 -15.20 4.29
C GLY A 1302 -28.43 -16.07 5.15
N GLY A 1303 -27.87 -17.19 5.60
CA GLY A 1303 -28.51 -18.09 6.51
C GLY A 1303 -27.98 -17.96 7.92
N HIS A 1304 -28.01 -19.05 8.66
CA HIS A 1304 -27.70 -18.99 10.08
C HIS A 1304 -26.20 -18.85 10.33
N TYR A 1305 -25.39 -19.36 9.43
CA TYR A 1305 -23.94 -19.39 9.56
C TYR A 1305 -23.25 -18.25 8.84
N PHE A 1306 -23.99 -17.24 8.42
CA PHE A 1306 -23.52 -16.07 7.66
C PHE A 1306 -22.21 -15.51 8.21
N VAL A 1307 -21.92 -15.67 9.48
CA VAL A 1307 -20.69 -15.17 10.08
C VAL A 1307 -19.46 -15.77 9.41
N THR A 1308 -19.58 -16.96 8.82
CA THR A 1308 -18.51 -17.58 8.05
C THR A 1308 -18.68 -17.33 6.55
N GLU A 1309 -19.80 -17.76 5.98
CA GLU A 1309 -19.97 -17.72 4.54
C GLU A 1309 -20.00 -16.28 3.99
N HIS A 1310 -20.72 -15.39 4.68
CA HIS A 1310 -20.93 -14.02 4.26
C HIS A 1310 -20.06 -12.99 4.96
N ALA A 1311 -18.99 -13.43 5.64
CA ALA A 1311 -18.21 -12.61 6.57
C ALA A 1311 -17.92 -11.21 6.05
N ASP A 1312 -17.63 -11.10 4.75
CA ASP A 1312 -17.30 -9.81 4.17
C ASP A 1312 -18.46 -8.82 4.36
N THR A 1313 -19.65 -9.21 3.90
CA THR A 1313 -20.85 -8.40 4.10
C THR A 1313 -21.01 -8.01 5.57
N LEU A 1314 -20.65 -8.90 6.48
CA LEU A 1314 -20.86 -8.65 7.90
C LEU A 1314 -19.95 -7.54 8.40
N ALA A 1315 -18.65 -7.64 8.08
CA ALA A 1315 -17.72 -6.58 8.46
C ALA A 1315 -18.11 -5.24 7.86
N GLY A 1316 -18.74 -5.26 6.69
CA GLY A 1316 -19.29 -4.03 6.14
C GLY A 1316 -20.29 -3.41 7.08
N LEU A 1317 -21.19 -4.23 7.61
CA LEU A 1317 -22.20 -3.76 8.55
C LEU A 1317 -21.55 -3.31 9.85
N LEU A 1318 -20.78 -4.20 10.48
CA LEU A 1318 -20.19 -3.90 11.78
C LEU A 1318 -19.34 -2.64 11.76
N ALA A 1319 -18.69 -2.35 10.63
CA ALA A 1319 -17.88 -1.14 10.54
C ALA A 1319 -18.74 0.09 10.28
N ALA A 1320 -19.82 -0.06 9.52
CA ALA A 1320 -20.74 1.04 9.27
C ALA A 1320 -21.18 1.70 10.57
N ARG A 1321 -21.64 0.88 11.51
CA ARG A 1321 -22.17 1.39 12.76
C ARG A 1321 -21.08 1.66 13.78
N TRP A 1322 -20.32 0.63 14.12
CA TRP A 1322 -19.41 0.71 15.26
C TRP A 1322 -18.14 1.46 14.92
N LEU A 1323 -17.98 1.92 13.68
CA LEU A 1323 -16.77 2.58 13.26
C LEU A 1323 -17.07 3.67 12.23
N ARG A 1333 -2.91 -1.78 0.30
CA ARG A 1333 -1.73 -0.94 0.10
C ARG A 1333 -0.63 -1.73 -0.59
N GLN A 1334 -0.01 -1.11 -1.59
CA GLN A 1334 1.22 -1.61 -2.17
C GLN A 1334 2.40 -0.83 -1.61
N ALA A 1335 3.60 -1.21 -2.01
CA ALA A 1335 4.83 -0.69 -1.46
C ALA A 1335 5.34 0.47 -2.30
N LEU A 1336 6.43 1.06 -1.86
CA LEU A 1336 6.90 2.33 -2.42
C LEU A 1336 7.85 2.01 -3.57
N ARG A 1337 7.46 2.40 -4.76
CA ARG A 1337 8.14 2.00 -5.98
C ARG A 1337 9.12 3.08 -6.42
N ALA A 1338 9.72 2.84 -7.58
CA ALA A 1338 10.60 3.81 -8.22
C ALA A 1338 9.82 4.52 -9.30
N PHE A 1339 9.95 5.83 -9.36
CA PHE A 1339 9.19 6.66 -10.27
C PHE A 1339 10.13 7.01 -11.41
N LEU A 1340 9.85 6.47 -12.59
CA LEU A 1340 10.67 6.69 -13.76
C LEU A 1340 9.84 7.52 -14.72
N ASN A 1341 10.18 8.77 -14.84
CA ASN A 1341 9.33 9.68 -15.57
C ASN A 1341 9.62 9.55 -17.06
N PRO A 1342 8.60 9.38 -17.90
CA PRO A 1342 8.89 9.19 -19.34
C PRO A 1342 9.50 10.40 -19.99
N PHE A 1343 9.16 11.61 -19.53
CA PHE A 1343 9.79 12.79 -20.08
C PHE A 1343 11.30 12.81 -19.85
N ASP A 1344 11.79 12.06 -18.87
CA ASP A 1344 13.22 11.97 -18.58
C ASP A 1344 13.87 10.71 -19.14
N ASP A 1345 13.17 9.88 -19.91
CA ASP A 1345 13.70 8.56 -20.24
C ASP A 1345 14.57 8.71 -21.47
N GLU A 1346 15.88 8.56 -21.28
CA GLU A 1346 16.83 8.82 -22.36
C GLU A 1346 16.64 7.83 -23.50
N ASP A 1347 16.41 6.56 -23.16
CA ASP A 1347 16.41 5.46 -24.11
C ASP A 1347 15.19 5.39 -25.01
N GLU A 1348 14.09 6.08 -24.69
CA GLU A 1348 12.92 6.06 -25.55
C GLU A 1348 13.00 7.14 -26.64
N VAL A 1349 11.99 7.16 -27.50
CA VAL A 1349 11.89 8.10 -28.60
C VAL A 1349 10.80 9.10 -28.28
N HIS A 1350 11.02 10.34 -28.73
CA HIS A 1350 10.23 11.48 -28.31
C HIS A 1350 9.82 12.31 -29.51
N TYR A 1351 8.68 12.98 -29.36
CA TYR A 1351 8.25 14.03 -30.25
C TYR A 1351 8.48 15.37 -29.56
N LEU A 1352 8.70 16.40 -30.36
CA LEU A 1352 8.67 17.77 -29.92
C LEU A 1352 7.44 18.41 -30.52
N LEU A 1353 6.61 19.02 -29.68
CA LEU A 1353 5.32 19.50 -30.11
C LEU A 1353 5.30 21.01 -30.06
N ALA A 1354 4.19 21.58 -30.53
CA ALA A 1354 4.00 23.01 -30.52
C ALA A 1354 2.50 23.27 -30.48
N ASN A 1355 2.12 24.35 -29.80
CA ASN A 1355 0.79 24.91 -29.93
C ASN A 1355 0.84 26.13 -30.83
N ASP A 1356 -0.34 26.67 -31.13
CA ASP A 1356 -0.41 27.75 -32.11
C ASP A 1356 0.18 29.05 -31.57
N LEU A 1357 0.28 29.21 -30.25
CA LEU A 1357 0.71 30.46 -29.64
C LEU A 1357 2.19 30.47 -29.27
N GLY A 1358 2.94 29.43 -29.63
CA GLY A 1358 4.39 29.47 -29.56
C GLY A 1358 5.03 28.71 -28.42
N ALA A 1359 4.29 27.91 -27.68
CA ALA A 1359 4.90 27.04 -26.68
C ALA A 1359 5.40 25.77 -27.34
N HIS A 1360 6.38 25.14 -26.70
CA HIS A 1360 6.93 23.85 -27.11
C HIS A 1360 6.91 22.88 -25.95
N SER A 1361 6.73 21.61 -26.27
CA SER A 1361 6.71 20.56 -25.26
C SER A 1361 7.33 19.29 -25.82
N LEU A 1362 8.14 18.64 -25.00
CA LEU A 1362 8.56 17.28 -25.28
C LEU A 1362 7.38 16.35 -25.02
N TRP A 1363 7.27 15.29 -25.82
CA TRP A 1363 6.20 14.35 -25.57
C TRP A 1363 6.70 12.95 -25.90
N PRO A 1364 6.34 11.92 -25.15
CA PRO A 1364 6.77 10.57 -25.52
C PRO A 1364 5.95 10.02 -26.67
N ALA A 1365 6.62 9.27 -27.54
CA ALA A 1365 5.96 8.78 -28.75
C ALA A 1365 4.75 7.91 -28.43
N PHE A 1366 4.82 7.16 -27.35
CA PHE A 1366 3.81 6.13 -27.02
C PHE A 1366 2.52 6.74 -26.51
N VAL A 1367 2.55 7.94 -25.96
CA VAL A 1367 1.33 8.59 -25.49
C VAL A 1367 0.62 9.19 -26.69
N PRO A 1368 -0.71 9.13 -26.78
CA PRO A 1368 -1.40 9.82 -27.88
C PRO A 1368 -1.23 11.33 -27.78
N LEU A 1369 -1.47 11.98 -28.90
CA LEU A 1369 -1.21 13.41 -29.01
C LEU A 1369 -2.34 14.22 -28.38
N PRO A 1370 -2.04 15.31 -27.67
CA PRO A 1370 -3.11 16.14 -27.11
C PRO A 1370 -3.74 17.06 -28.15
N GLY A 1371 -4.96 17.49 -27.82
CA GLY A 1371 -5.81 18.19 -28.78
C GLY A 1371 -5.17 19.35 -29.52
N GLY A 1372 -4.58 20.29 -28.78
CA GLY A 1372 -4.15 21.54 -29.38
C GLY A 1372 -2.71 21.64 -29.79
N TRP A 1373 -2.06 20.50 -30.00
CA TRP A 1373 -0.61 20.43 -30.12
C TRP A 1373 -0.25 19.74 -31.42
N ARG A 1374 0.85 20.20 -32.01
CA ARG A 1374 1.28 19.83 -33.35
C ARG A 1374 2.73 19.39 -33.31
N VAL A 1375 3.07 18.42 -34.16
CA VAL A 1375 4.39 17.81 -34.14
C VAL A 1375 5.32 18.68 -34.98
N VAL A 1376 6.34 19.26 -34.34
CA VAL A 1376 7.34 20.04 -35.05
C VAL A 1376 8.59 19.22 -35.38
N ALA A 1377 8.81 18.10 -34.70
CA ALA A 1377 10.02 17.32 -34.90
C ALA A 1377 9.69 15.84 -34.83
N GLY A 1378 10.09 15.09 -35.85
CA GLY A 1378 9.73 13.71 -35.97
C GLY A 1378 10.43 12.87 -34.93
N PRO A 1379 10.05 11.59 -34.82
CA PRO A 1379 10.54 10.75 -33.73
C PRO A 1379 12.06 10.72 -33.66
N ALA A 1380 12.58 11.01 -32.49
CA ALA A 1380 14.02 11.07 -32.28
C ALA A 1380 14.30 10.93 -30.80
N SER A 1381 15.56 11.08 -30.43
CA SER A 1381 15.96 10.99 -29.05
C SER A 1381 15.55 12.26 -28.29
N ARG A 1382 15.80 12.25 -26.99
CA ARG A 1382 15.52 13.42 -26.18
C ARG A 1382 16.46 14.57 -26.49
N ASP A 1383 17.73 14.29 -26.69
CA ASP A 1383 18.67 15.37 -26.98
C ASP A 1383 18.41 15.96 -28.35
N ALA A 1384 18.04 15.12 -29.33
CA ALA A 1384 17.70 15.62 -30.65
C ALA A 1384 16.51 16.55 -30.59
N CYS A 1385 15.40 16.08 -30.04
CA CYS A 1385 14.18 16.88 -29.95
C CYS A 1385 14.47 18.23 -29.29
N LEU A 1386 15.14 18.21 -28.13
CA LEU A 1386 15.48 19.46 -27.46
C LEU A 1386 16.50 20.28 -28.25
N GLY A 1387 17.20 19.65 -29.19
CA GLY A 1387 18.10 20.39 -30.07
C GLY A 1387 17.40 21.19 -31.14
N ALA A 1388 16.09 20.99 -31.30
CA ALA A 1388 15.29 21.53 -32.43
C ALA A 1388 14.40 22.73 -32.10
N LEU A 1389 14.43 23.23 -30.89
CA LEU A 1389 13.66 24.42 -30.45
C LEU A 1389 14.40 25.67 -30.92
N PRO A 1390 13.67 26.70 -31.38
CA PRO A 1390 14.28 27.91 -31.87
C PRO A 1390 14.40 28.97 -30.77
O23 PNS B . 15.27 -22.17 1.65
P24 PNS B . 14.23 -22.99 2.37
O26 PNS B . 14.10 -24.34 1.72
O27 PNS B . 12.83 -22.16 2.24
C28 PNS B . 11.70 -22.85 2.66
C29 PNS B . 10.69 -22.85 1.54
C30 PNS B . 10.57 -21.41 1.02
C31 PNS B . 9.35 -23.26 2.16
C32 PNS B . 11.19 -23.77 0.42
O33 PNS B . 11.39 -25.07 0.91
C34 PNS B . 10.18 -23.82 -0.70
O35 PNS B . 10.14 -22.95 -1.51
N36 PNS B . 9.28 -24.94 -0.75
C37 PNS B . 8.26 -25.03 -1.77
C38 PNS B . 8.43 -26.24 -2.66
C39 PNS B . 7.33 -26.15 -3.69
O40 PNS B . 6.44 -25.39 -3.53
N41 PNS B . 7.35 -26.99 -4.87
C42 PNS B . 6.30 -26.90 -5.85
C43 PNS B . 6.88 -26.46 -7.19
S44 PNS B . 5.61 -26.75 -8.45
H282 PNS B . 11.93 -23.76 2.89
H281 PNS B . 11.33 -22.41 3.44
H303 PNS B . 9.81 -21.35 0.42
H302 PNS B . 11.39 -21.17 0.55
H301 PNS B . 10.44 -20.81 1.78
H313 PNS B . 9.02 -22.54 2.71
H312 PNS B . 8.71 -23.44 1.46
H311 PNS B . 9.47 -24.05 2.70
H32 PNS B . 12.04 -23.42 0.10
H33 PNS B . 10.67 -25.34 1.28
H36 PNS B . 9.34 -25.56 -0.15
H372 PNS B . 8.31 -24.23 -2.32
H371 PNS B . 7.39 -25.07 -1.34
H382 PNS B . 8.34 -27.06 -2.13
H381 PNS B . 9.30 -26.23 -3.09
H41 PNS B . 8.00 -27.54 -4.99
H422 PNS B . 5.87 -27.77 -5.96
H421 PNS B . 5.63 -26.26 -5.56
H431 PNS B . 7.67 -26.96 -7.38
H432 PNS B . 7.10 -25.51 -7.15
C01 KFG C . -1.14 28.88 -17.47
C07 KFG C . -0.85 27.81 -22.14
O02 KFG C . -0.65 28.34 -18.60
O04 KFG C . -2.33 26.52 -19.09
O05 KFG C . -2.48 28.92 -20.23
O06 KFG C . -0.71 27.23 -20.91
P03 KFG C . -1.74 27.74 -19.70
H012 KFG C . -0.46 29.33 -16.94
H013 KFG C . -1.54 28.22 -16.88
H011 KFG C . -1.83 29.55 -17.64
H073 KFG C . -0.34 27.33 -22.82
H071 KFG C . -0.53 28.73 -22.15
H072 KFG C . -1.77 27.82 -22.44
C02 KFJ D . 7.30 27.07 -2.07
C03 KFJ D . 8.11 25.79 -2.27
C06 KFJ D . 6.36 26.93 -0.89
C08 KFJ D . 5.42 28.13 -0.87
C09 KFJ D . 4.93 28.63 0.48
C10 KFJ D . 5.75 28.69 1.59
C11 KFJ D . 5.26 29.16 2.79
C12 KFJ D . 3.94 29.55 2.90
C16 KFJ D . 3.11 29.48 1.80
C17 KFJ D . 3.62 29.02 0.60
N01 KFJ D . 6.52 27.32 -3.26
N13 KFJ D . 3.41 30.02 4.17
O04 KFJ D . 8.46 25.45 -3.43
O05 KFJ D . 8.42 25.08 -1.27
O07 KFJ D . 5.65 25.72 -1.03
O14 KFJ D . 4.06 29.95 5.14
O15 KFJ D . 2.32 30.46 4.21
H021 KFJ D . 7.89 27.79 -1.92
H061 KFJ D . 6.83 26.89 -0.08
H081 KFJ D . 4.67 27.91 -1.39
H082 KFJ D . 5.87 28.85 -1.28
H101 KFJ D . 6.64 28.44 1.52
H111 KFJ D . 5.81 29.21 3.53
H161 KFJ D . 2.22 29.74 1.87
H171 KFJ D . 3.06 28.99 -0.15
H1 KFJ D . 6.48 28.17 -3.40
H011 KFJ D . 6.94 26.94 -3.91
H071 KFJ D . 4.84 25.87 -0.96
CL CL E . 16.96 18.37 -18.25
P PO4 F . 4.40 -35.30 9.13
O1 PO4 F . 5.63 -36.00 9.66
O2 PO4 F . 4.71 -33.86 8.86
O3 PO4 F . 3.95 -35.98 7.86
O4 PO4 F . 3.29 -35.39 10.15
P PO4 G . 30.08 38.01 2.69
O1 PO4 G . 29.68 36.58 2.77
O2 PO4 G . 31.56 38.10 2.61
O3 PO4 G . 29.63 38.69 3.90
O4 PO4 G . 29.43 38.66 1.54
#